data_6KMZ
#
_entry.id   6KMZ
#
_cell.length_a   140.568
_cell.length_b   140.568
_cell.length_c   329.355
_cell.angle_alpha   90.00
_cell.angle_beta   90.00
_cell.angle_gamma   90.00
#
_symmetry.space_group_name_H-M   'P 43 2 2'
#
loop_
_entity.id
_entity.type
_entity.pdbx_description
1 polymer Caspase-4
2 polymer Gasdermin-D
3 polymer Gasdermin-D
4 polymer Caspase-4
#
loop_
_entity_poly.entity_id
_entity_poly.type
_entity_poly.pdbx_seq_one_letter_code
_entity_poly.pdbx_strand_id
1 'polypeptide(L)'
;ALKLCPHEEFLRLCKERAEEIYPIKERNNRTRLALIICNTEFDHLPPRNGADFDITGMKELLEGLDYSVDVEENLTARDM
ESALRAFATRPEHKSSDSTFLVLMSHGILEGICGTVHDEKKPDVLLYDTIFQIFNNRNCLSLKDKPKVIIVQAARGANRG
ELWVRDSPASLEVASSQSSENLEED
;
A,B,C,D
2 'polypeptide(L)'
;FQGLRAEVETISKELELLDRELCQLLLEGLEGVLRDQLALRALEEALEQGQSLGPVEPLDGPAGAVLECLVLSSGMLVPE
LAIPVVYLLGALTMLSETQHKLLAEALESQTLLGPLELVGSLLEQSAPWQERSTMSLPPGLLGNSWGEGAPAWVLLDECG
LELGEDTPHVCWEPQAQGRMCALYASLALLSGLS
;
E
3 'polypeptide(L)'
;DFQGLRAEVETISKELELLDRELCQLLLEGLEGVLRDQLALRALEEALEQGQSLGPVEPLDGPAGAVLECLVLSSGMLVP
ELAIPVVYLLGALTMLSETQHKLLAEALESQTLLGPLELVGSLLEQSAPWQERSTMSLPPGLLGNSWGEGAPAWVLLDEC
GLELGEDTPHVCWEPQAQGRMCALYASLALLSGLS
;
H
4 'polypeptide(L)'
;AVYKTHVEKDFIAFCSSTPHNVSWRDSTMGSIFITQLITCFQKYSWCCHLEEVFRKVQQSFETPRAKAQMPTIERLSMTR
YFYLFPGN
;
a,b,c,d
#
# COMPACT_ATOMS: atom_id res chain seq x y z
N ALA A 1 -38.70 4.22 -44.43
CA ALA A 1 -39.92 4.99 -44.20
C ALA A 1 -40.29 4.97 -42.72
N LEU A 2 -41.12 5.93 -42.30
CA LEU A 2 -41.55 6.04 -40.92
C LEU A 2 -42.79 5.18 -40.70
N LYS A 3 -42.65 4.17 -39.84
CA LYS A 3 -43.76 3.29 -39.51
C LYS A 3 -44.78 4.03 -38.63
N LEU A 4 -46.03 3.62 -38.75
CA LEU A 4 -47.14 4.27 -38.04
C LEU A 4 -47.64 3.36 -36.92
N CYS A 5 -48.18 3.98 -35.88
CA CYS A 5 -48.75 3.25 -34.76
C CYS A 5 -50.20 2.90 -35.05
N PRO A 6 -50.58 1.62 -34.95
CA PRO A 6 -51.98 1.25 -35.20
C PRO A 6 -52.91 1.90 -34.20
N HIS A 7 -54.18 2.03 -34.59
CA HIS A 7 -55.16 2.69 -33.74
C HIS A 7 -55.39 1.91 -32.45
N GLU A 8 -55.31 0.58 -32.51
CA GLU A 8 -55.55 -0.25 -31.32
C GLU A 8 -54.55 0.07 -30.22
N GLU A 9 -53.26 0.01 -30.53
CA GLU A 9 -52.22 0.17 -29.51
C GLU A 9 -52.21 1.58 -28.95
N PHE A 10 -52.47 2.58 -29.79
CA PHE A 10 -52.57 3.95 -29.30
C PHE A 10 -53.64 4.08 -28.23
N LEU A 11 -54.83 3.56 -28.49
CA LEU A 11 -55.93 3.69 -27.53
C LEU A 11 -55.74 2.78 -26.33
N ARG A 12 -55.19 1.58 -26.53
CA ARG A 12 -54.92 0.70 -25.40
C ARG A 12 -53.90 1.33 -24.45
N LEU A 13 -52.88 1.97 -25.01
CA LEU A 13 -51.91 2.68 -24.19
C LEU A 13 -52.55 3.83 -23.44
N CYS A 14 -53.44 4.57 -24.12
CA CYS A 14 -54.15 5.67 -23.46
C CYS A 14 -55.05 5.17 -22.34
N LYS A 15 -55.53 3.93 -22.43
CA LYS A 15 -56.40 3.39 -21.39
C LYS A 15 -55.60 2.89 -20.20
N GLU A 16 -54.55 2.11 -20.45
CA GLU A 16 -53.83 1.40 -19.40
C GLU A 16 -52.59 2.13 -18.92
N ARG A 17 -52.18 3.21 -19.59
CA ARG A 17 -51.04 4.01 -19.17
C ARG A 17 -51.39 5.49 -19.19
N ALA A 18 -52.59 5.82 -18.70
CA ALA A 18 -53.06 7.21 -18.76
C ALA A 18 -52.19 8.14 -17.96
N GLU A 19 -51.96 7.81 -16.68
CA GLU A 19 -51.22 8.68 -15.78
C GLU A 19 -49.71 8.62 -15.99
N GLU A 20 -49.22 7.69 -16.81
CA GLU A 20 -47.80 7.51 -17.02
C GLU A 20 -47.29 8.13 -18.31
N ILE A 21 -48.17 8.49 -19.24
CA ILE A 21 -47.75 9.05 -20.52
C ILE A 21 -48.30 10.47 -20.65
N TYR A 22 -47.66 11.24 -21.52
CA TYR A 22 -48.08 12.61 -21.80
C TYR A 22 -49.33 12.63 -22.67
N PRO A 23 -50.27 13.54 -22.40
CA PRO A 23 -51.50 13.58 -23.18
C PRO A 23 -51.26 14.07 -24.60
N ILE A 24 -52.22 13.74 -25.47
CA ILE A 24 -52.15 14.06 -26.89
C ILE A 24 -53.40 14.83 -27.28
N LYS A 25 -53.22 15.91 -28.04
CA LYS A 25 -54.34 16.65 -28.59
C LYS A 25 -54.97 15.88 -29.75
N GLU A 26 -56.22 16.21 -30.04
CA GLU A 26 -56.92 15.58 -31.16
C GLU A 26 -56.20 15.88 -32.47
N ARG A 27 -55.95 14.83 -33.26
CA ARG A 27 -55.32 15.00 -34.57
C ARG A 27 -56.07 16.03 -35.42
N ASN A 28 -57.40 16.04 -35.32
CA ASN A 28 -58.19 17.01 -36.07
C ASN A 28 -57.90 18.43 -35.61
N ASN A 29 -57.77 18.65 -34.31
CA ASN A 29 -57.58 19.99 -33.76
C ASN A 29 -56.24 20.10 -33.04
N ARG A 30 -55.14 19.88 -33.76
CA ARG A 30 -53.80 19.91 -33.19
C ARG A 30 -52.89 20.76 -34.07
N THR A 31 -51.96 21.49 -33.41
CA THR A 31 -51.01 22.37 -34.09
C THR A 31 -49.60 22.18 -33.50
N ARG A 32 -49.02 21.02 -33.78
CA ARG A 32 -47.66 20.74 -33.31
C ARG A 32 -46.64 21.55 -34.10
N LEU A 33 -45.74 22.21 -33.39
CA LEU A 33 -44.70 23.04 -33.99
C LEU A 33 -43.32 22.53 -33.60
N ALA A 34 -42.38 22.61 -34.55
CA ALA A 34 -40.99 22.25 -34.30
C ALA A 34 -40.08 23.29 -34.96
N LEU A 35 -38.89 23.46 -34.39
CA LEU A 35 -37.95 24.49 -34.84
C LEU A 35 -36.59 23.86 -35.12
N ILE A 36 -35.98 24.26 -36.22
CA ILE A 36 -34.65 23.80 -36.61
C ILE A 36 -33.76 25.01 -36.87
N ILE A 37 -32.58 25.03 -36.26
CA ILE A 37 -31.56 26.04 -36.48
C ILE A 37 -30.28 25.34 -36.92
N CYS A 38 -29.71 25.78 -38.05
CA CYS A 38 -28.54 25.11 -38.60
C CYS A 38 -27.62 26.13 -39.26
N ASN A 39 -26.42 26.28 -38.72
CA ASN A 39 -25.40 27.15 -39.29
C ASN A 39 -24.41 26.31 -40.09
N THR A 40 -24.30 26.59 -41.39
CA THR A 40 -23.45 25.82 -42.27
C THR A 40 -22.20 26.57 -42.75
N GLU A 41 -22.30 27.86 -43.02
CA GLU A 41 -21.19 28.64 -43.54
C GLU A 41 -20.70 29.63 -42.48
N PHE A 42 -19.38 29.78 -42.39
CA PHE A 42 -18.76 30.63 -41.38
C PHE A 42 -17.67 31.46 -42.03
N ASP A 43 -17.19 32.47 -41.30
CA ASP A 43 -16.11 33.33 -41.78
C ASP A 43 -14.74 32.95 -41.22
N HIS A 44 -14.68 32.22 -40.11
CA HIS A 44 -13.42 31.85 -39.49
C HIS A 44 -13.39 30.37 -39.09
N LEU A 45 -14.39 29.60 -39.48
CA LEU A 45 -14.50 28.19 -39.15
C LEU A 45 -14.74 27.41 -40.44
N PRO A 46 -14.31 26.15 -40.50
CA PRO A 46 -14.52 25.36 -41.70
C PRO A 46 -16.00 25.20 -41.97
N PRO A 47 -16.39 25.06 -43.24
CA PRO A 47 -17.82 24.93 -43.55
C PRO A 47 -18.35 23.57 -43.15
N ARG A 48 -19.60 23.56 -42.68
CA ARG A 48 -20.25 22.31 -42.31
C ARG A 48 -21.08 21.80 -43.49
N ASN A 49 -20.35 21.43 -44.55
CA ASN A 49 -21.00 20.96 -45.76
C ASN A 49 -21.61 19.57 -45.53
N GLY A 50 -22.77 19.35 -46.13
CA GLY A 50 -23.54 18.15 -45.90
C GLY A 50 -24.66 18.29 -44.88
N ALA A 51 -24.65 19.37 -44.09
CA ALA A 51 -25.70 19.56 -43.10
C ALA A 51 -27.07 19.73 -43.74
N ASP A 52 -27.13 20.11 -45.02
CA ASP A 52 -28.40 20.19 -45.73
C ASP A 52 -29.12 18.85 -45.70
N PHE A 53 -28.39 17.75 -45.84
CA PHE A 53 -28.99 16.42 -45.75
C PHE A 53 -29.64 16.22 -44.38
N ASP A 54 -28.99 16.67 -43.32
CA ASP A 54 -29.57 16.54 -41.98
C ASP A 54 -30.79 17.44 -41.82
N ILE A 55 -30.76 18.63 -42.43
CA ILE A 55 -31.89 19.56 -42.29
C ILE A 55 -33.15 18.97 -42.91
N THR A 56 -33.05 18.51 -44.16
CA THR A 56 -34.22 17.95 -44.82
C THR A 56 -34.67 16.66 -44.16
N GLY A 57 -33.73 15.84 -43.70
CA GLY A 57 -34.09 14.59 -43.05
C GLY A 57 -34.87 14.82 -41.77
N MET A 58 -34.37 15.70 -40.90
CA MET A 58 -35.09 16.03 -39.67
C MET A 58 -36.42 16.69 -39.97
N LYS A 59 -36.46 17.59 -40.95
CA LYS A 59 -37.71 18.26 -41.31
C LYS A 59 -38.74 17.25 -41.80
N GLU A 60 -38.36 16.37 -42.72
CA GLU A 60 -39.28 15.36 -43.23
C GLU A 60 -39.71 14.41 -42.13
N LEU A 61 -38.79 14.05 -41.23
CA LEU A 61 -39.15 13.17 -40.11
C LEU A 61 -40.18 13.83 -39.20
N LEU A 62 -39.92 15.09 -38.81
CA LEU A 62 -40.87 15.78 -37.94
C LEU A 62 -42.20 16.03 -38.63
N GLU A 63 -42.19 16.21 -39.96
CA GLU A 63 -43.45 16.33 -40.69
C GLU A 63 -44.23 15.02 -40.67
N GLY A 64 -43.52 13.88 -40.77
CA GLY A 64 -44.18 12.60 -40.61
C GLY A 64 -44.75 12.41 -39.22
N LEU A 65 -44.15 13.05 -38.23
CA LEU A 65 -44.67 13.09 -36.87
C LEU A 65 -45.68 14.20 -36.68
N ASP A 66 -46.15 14.83 -37.77
CA ASP A 66 -47.19 15.86 -37.74
C ASP A 66 -46.72 17.11 -37.01
N TYR A 67 -45.58 17.65 -37.44
CA TYR A 67 -45.01 18.87 -36.89
C TYR A 67 -44.81 19.90 -38.00
N SER A 68 -45.23 21.14 -37.75
CA SER A 68 -44.89 22.25 -38.62
C SER A 68 -43.49 22.74 -38.28
N VAL A 69 -42.58 22.67 -39.24
CA VAL A 69 -41.16 22.85 -39.01
C VAL A 69 -40.75 24.24 -39.47
N ASP A 70 -40.25 25.06 -38.55
CA ASP A 70 -39.64 26.33 -38.88
C ASP A 70 -38.13 26.12 -39.04
N VAL A 71 -37.55 26.81 -40.02
CA VAL A 71 -36.14 26.63 -40.36
C VAL A 71 -35.44 27.98 -40.33
N GLU A 72 -34.30 28.03 -39.66
CA GLU A 72 -33.42 29.19 -39.64
C GLU A 72 -32.01 28.73 -39.97
N GLU A 73 -31.32 29.47 -40.84
CA GLU A 73 -29.99 29.08 -41.29
C GLU A 73 -29.03 30.25 -41.15
N ASN A 74 -27.83 29.96 -40.64
CA ASN A 74 -26.74 30.92 -40.56
C ASN A 74 -27.14 32.16 -39.79
N LEU A 75 -27.12 32.09 -38.46
CA LEU A 75 -27.49 33.21 -37.61
C LEU A 75 -26.39 33.48 -36.59
N THR A 76 -26.35 34.72 -36.12
CA THR A 76 -25.48 35.09 -35.01
C THR A 76 -26.15 34.74 -33.69
N ALA A 77 -25.36 34.82 -32.61
CA ALA A 77 -25.88 34.50 -31.28
C ALA A 77 -27.10 35.34 -30.96
N ARG A 78 -27.06 36.64 -31.30
CA ARG A 78 -28.22 37.49 -31.09
C ARG A 78 -29.42 37.03 -31.92
N ASP A 79 -29.18 36.70 -33.19
CA ASP A 79 -30.28 36.25 -34.05
C ASP A 79 -30.83 34.91 -33.59
N MET A 80 -29.97 34.02 -33.11
CA MET A 80 -30.43 32.73 -32.60
C MET A 80 -31.29 32.91 -31.35
N GLU A 81 -30.85 33.77 -30.41
CA GLU A 81 -31.67 34.06 -29.25
C GLU A 81 -33.01 34.66 -29.65
N SER A 82 -32.98 35.62 -30.57
CA SER A 82 -34.22 36.26 -31.01
C SER A 82 -35.16 35.25 -31.66
N ALA A 83 -34.63 34.34 -32.47
CA ALA A 83 -35.45 33.32 -33.10
C ALA A 83 -36.06 32.39 -32.07
N LEU A 84 -35.30 32.07 -31.00
CA LEU A 84 -35.80 31.17 -29.98
C LEU A 84 -36.92 31.82 -29.18
N ARG A 85 -36.75 33.09 -28.80
CA ARG A 85 -37.79 33.79 -28.07
C ARG A 85 -39.02 34.02 -28.94
N ALA A 86 -38.83 34.21 -30.25
CA ALA A 86 -39.97 34.34 -31.16
C ALA A 86 -40.73 33.02 -31.27
N PHE A 87 -40.00 31.90 -31.31
CA PHE A 87 -40.65 30.60 -31.35
C PHE A 87 -41.36 30.28 -30.04
N ALA A 88 -40.77 30.68 -28.92
CA ALA A 88 -41.37 30.40 -27.63
C ALA A 88 -42.65 31.20 -27.39
N THR A 89 -42.79 32.35 -28.04
CA THR A 89 -43.95 33.21 -27.86
C THR A 89 -45.09 32.91 -28.83
N ARG A 90 -44.89 32.00 -29.78
CA ARG A 90 -45.93 31.72 -30.77
C ARG A 90 -47.13 31.07 -30.09
N PRO A 91 -48.35 31.52 -30.36
CA PRO A 91 -49.52 31.06 -29.60
C PRO A 91 -50.04 29.68 -29.98
N GLU A 92 -49.59 29.09 -31.09
CA GLU A 92 -50.08 27.78 -31.49
C GLU A 92 -49.74 26.70 -30.48
N HIS A 93 -48.74 26.91 -29.62
CA HIS A 93 -48.41 25.93 -28.60
C HIS A 93 -49.54 25.70 -27.61
N LYS A 94 -50.46 26.66 -27.47
CA LYS A 94 -51.64 26.41 -26.62
C LYS A 94 -52.48 25.27 -27.17
N SER A 95 -52.47 25.08 -28.48
CA SER A 95 -53.17 23.98 -29.12
C SER A 95 -52.24 22.82 -29.45
N SER A 96 -51.00 22.88 -29.00
CA SER A 96 -50.01 21.83 -29.22
C SER A 96 -49.82 21.02 -27.94
N ASP A 97 -49.03 19.94 -28.06
CA ASP A 97 -48.73 19.10 -26.92
C ASP A 97 -47.23 18.89 -26.68
N SER A 98 -46.37 19.28 -27.62
CA SER A 98 -44.94 19.07 -27.49
C SER A 98 -44.23 19.97 -28.51
N THR A 99 -42.90 19.87 -28.54
CA THR A 99 -42.11 20.64 -29.50
C THR A 99 -40.74 20.00 -29.62
N PHE A 100 -40.07 20.30 -30.74
CA PHE A 100 -38.72 19.82 -31.01
C PHE A 100 -37.83 21.00 -31.37
N LEU A 101 -36.58 20.95 -30.93
CA LEU A 101 -35.59 21.98 -31.21
C LEU A 101 -34.32 21.30 -31.71
N VAL A 102 -34.07 21.39 -33.02
CA VAL A 102 -32.93 20.73 -33.65
C VAL A 102 -31.89 21.79 -33.98
N LEU A 103 -30.79 21.79 -33.23
CA LEU A 103 -29.70 22.75 -33.40
C LEU A 103 -28.49 22.03 -34.01
N MET A 104 -27.91 22.63 -35.04
CA MET A 104 -26.79 22.04 -35.76
C MET A 104 -25.78 23.13 -36.11
N SER A 105 -24.63 23.11 -35.45
CA SER A 105 -23.54 24.03 -35.73
C SER A 105 -22.31 23.56 -34.97
N HIS A 106 -21.22 24.32 -35.10
CA HIS A 106 -20.07 24.11 -34.23
C HIS A 106 -20.42 24.52 -32.80
N GLY A 107 -19.69 23.98 -31.84
CA GLY A 107 -20.00 24.29 -30.46
C GLY A 107 -18.82 24.02 -29.54
N ILE A 108 -19.06 24.28 -28.26
CA ILE A 108 -18.12 23.96 -27.19
C ILE A 108 -18.90 23.33 -26.05
N LEU A 109 -18.25 23.14 -24.90
CA LEU A 109 -18.93 22.60 -23.74
C LEU A 109 -20.01 23.56 -23.24
N GLU A 110 -19.76 24.87 -23.35
CA GLU A 110 -20.70 25.85 -22.80
C GLU A 110 -21.96 25.96 -23.66
N GLY A 111 -21.81 25.93 -24.99
CA GLY A 111 -22.96 26.09 -25.85
C GLY A 111 -22.69 25.82 -27.32
N ILE A 112 -23.38 26.55 -28.19
CA ILE A 112 -23.31 26.36 -29.63
C ILE A 112 -22.78 27.63 -30.26
N CYS A 113 -21.91 27.48 -31.26
CA CYS A 113 -21.28 28.62 -31.91
C CYS A 113 -22.19 29.24 -32.95
N GLY A 114 -22.01 30.54 -33.17
CA GLY A 114 -22.68 31.26 -34.24
C GLY A 114 -21.88 31.22 -35.51
N THR A 115 -22.20 32.15 -36.42
CA THR A 115 -21.51 32.19 -37.70
C THR A 115 -20.17 32.91 -37.59
N VAL A 116 -20.09 33.96 -36.77
CA VAL A 116 -18.89 34.78 -36.68
C VAL A 116 -18.17 34.51 -35.37
N HIS A 117 -18.12 33.26 -34.94
CA HIS A 117 -17.47 32.89 -33.69
C HIS A 117 -15.98 32.68 -33.89
N ASP A 118 -15.20 33.11 -32.90
CA ASP A 118 -13.76 32.90 -32.89
C ASP A 118 -13.29 32.86 -31.44
N GLU A 119 -12.08 32.32 -31.24
CA GLU A 119 -11.52 32.28 -29.89
C GLU A 119 -11.34 33.69 -29.33
N LYS A 120 -10.91 34.64 -30.18
CA LYS A 120 -10.72 36.01 -29.74
C LYS A 120 -12.04 36.77 -29.75
N LYS A 121 -12.97 36.40 -30.62
CA LYS A 121 -14.28 37.05 -30.74
C LYS A 121 -15.35 35.98 -30.54
N PRO A 122 -15.67 35.63 -29.29
CA PRO A 122 -16.62 34.54 -29.04
C PRO A 122 -18.05 34.96 -29.35
N ASP A 123 -18.71 34.20 -30.21
CA ASP A 123 -20.14 34.33 -30.51
C ASP A 123 -20.77 32.98 -30.21
N VAL A 124 -21.28 32.81 -28.99
CA VAL A 124 -21.75 31.51 -28.52
C VAL A 124 -23.08 31.67 -27.81
N LEU A 125 -24.02 30.78 -28.11
CA LEU A 125 -25.29 30.68 -27.41
C LEU A 125 -25.20 29.55 -26.37
N LEU A 126 -25.52 29.87 -25.12
CA LEU A 126 -25.39 28.90 -24.05
C LEU A 126 -26.57 27.95 -24.04
N TYR A 127 -26.30 26.70 -23.65
CA TYR A 127 -27.38 25.73 -23.46
C TYR A 127 -28.35 26.18 -22.38
N ASP A 128 -27.83 26.77 -21.30
CA ASP A 128 -28.70 27.24 -20.23
C ASP A 128 -29.66 28.31 -20.71
N THR A 129 -29.29 29.08 -21.73
CA THR A 129 -30.18 30.09 -22.29
C THR A 129 -31.46 29.45 -22.84
N ILE A 130 -31.32 28.29 -23.50
CA ILE A 130 -32.48 27.61 -24.08
C ILE A 130 -33.45 27.19 -22.98
N PHE A 131 -32.95 26.50 -21.95
CA PHE A 131 -33.81 26.11 -20.85
C PHE A 131 -34.42 27.31 -20.14
N GLN A 132 -33.67 28.43 -20.08
CA GLN A 132 -34.21 29.65 -19.52
C GLN A 132 -35.36 30.20 -20.36
N ILE A 133 -35.26 30.06 -21.69
CA ILE A 133 -36.29 30.59 -22.57
C ILE A 133 -37.57 29.76 -22.47
N PHE A 134 -37.44 28.43 -22.37
CA PHE A 134 -38.58 27.53 -22.46
C PHE A 134 -39.03 27.01 -21.11
N ASN A 135 -38.52 27.56 -20.00
CA ASN A 135 -38.98 27.16 -18.68
C ASN A 135 -40.42 27.62 -18.47
N ASN A 136 -40.97 27.28 -17.30
CA ASN A 136 -42.36 27.61 -17.00
C ASN A 136 -42.56 29.10 -16.71
N ARG A 137 -41.49 29.88 -16.58
CA ARG A 137 -41.64 31.31 -16.36
C ARG A 137 -41.85 32.07 -17.67
N ASN A 138 -40.96 31.86 -18.64
CA ASN A 138 -41.02 32.61 -19.88
C ASN A 138 -41.99 32.00 -20.88
N CYS A 139 -42.12 30.67 -20.89
CA CYS A 139 -43.03 29.97 -21.80
C CYS A 139 -44.11 29.28 -20.99
N LEU A 140 -45.33 29.82 -21.01
CA LEU A 140 -46.43 29.26 -20.24
C LEU A 140 -47.37 28.41 -21.08
N SER A 141 -47.31 28.52 -22.41
CA SER A 141 -48.15 27.68 -23.26
C SER A 141 -47.64 26.25 -23.33
N LEU A 142 -46.37 26.01 -23.02
CA LEU A 142 -45.80 24.67 -22.99
C LEU A 142 -45.64 24.15 -21.58
N LYS A 143 -46.50 24.58 -20.66
CA LYS A 143 -46.48 24.07 -19.30
C LYS A 143 -46.97 22.62 -19.28
N ASP A 144 -46.23 21.77 -18.60
CA ASP A 144 -46.58 20.34 -18.46
C ASP A 144 -46.60 19.63 -19.80
N LYS A 145 -45.81 20.13 -20.76
CA LYS A 145 -45.71 19.53 -22.08
C LYS A 145 -44.26 19.18 -22.38
N PRO A 146 -44.00 18.05 -23.05
CA PRO A 146 -42.62 17.67 -23.34
C PRO A 146 -41.92 18.70 -24.23
N LYS A 147 -40.63 18.88 -23.97
CA LYS A 147 -39.78 19.82 -24.71
C LYS A 147 -38.50 19.09 -25.07
N VAL A 148 -38.37 18.68 -26.34
CA VAL A 148 -37.26 17.86 -26.80
C VAL A 148 -36.27 18.76 -27.52
N ILE A 149 -35.04 18.80 -27.01
CA ILE A 149 -33.98 19.62 -27.57
C ILE A 149 -32.93 18.66 -28.11
N ILE A 150 -32.92 18.44 -29.42
CA ILE A 150 -31.96 17.57 -30.08
C ILE A 150 -30.89 18.46 -30.70
N VAL A 151 -29.67 18.35 -30.19
CA VAL A 151 -28.57 19.20 -30.64
C VAL A 151 -27.49 18.32 -31.26
N GLN A 152 -26.72 18.92 -32.16
CA GLN A 152 -25.51 18.29 -32.71
C GLN A 152 -24.44 19.37 -32.75
N ALA A 153 -23.66 19.46 -31.68
CA ALA A 153 -22.55 20.39 -31.61
C ALA A 153 -21.47 19.71 -30.78
N ALA A 154 -20.27 19.57 -31.35
CA ALA A 154 -19.17 19.03 -30.57
C ALA A 154 -18.94 19.90 -29.34
N ARG A 155 -18.68 19.25 -28.21
CA ARG A 155 -18.56 19.94 -26.94
C ARG A 155 -17.12 20.04 -26.49
N GLY A 156 -16.18 19.52 -27.26
CA GLY A 156 -14.76 19.66 -27.00
C GLY A 156 -13.99 19.36 -28.26
N ALA A 157 -12.72 19.76 -28.26
CA ALA A 157 -11.84 19.48 -29.38
C ALA A 157 -11.17 18.12 -29.27
N ASN A 158 -11.25 17.47 -28.11
CA ASN A 158 -10.67 16.15 -27.92
C ASN A 158 -11.56 15.06 -28.51
N ARG A 159 -10.94 14.11 -29.19
CA ARG A 159 -11.67 12.95 -29.67
C ARG A 159 -12.22 12.15 -28.49
N GLY A 160 -13.26 11.38 -28.75
CA GLY A 160 -13.88 10.61 -27.69
C GLY A 160 -13.62 9.12 -27.82
N GLU A 161 -12.36 8.76 -28.03
CA GLU A 161 -11.96 7.37 -28.22
C GLU A 161 -10.73 7.07 -27.37
N LEU A 162 -10.59 5.80 -26.99
CA LEU A 162 -9.43 5.33 -26.26
C LEU A 162 -8.88 4.05 -26.89
N TRP A 163 -7.97 3.39 -26.19
CA TRP A 163 -7.38 2.14 -26.64
C TRP A 163 -7.17 1.27 -25.41
N VAL A 164 -7.58 0.01 -25.47
CA VAL A 164 -7.55 -0.88 -24.32
C VAL A 164 -6.80 -2.15 -24.70
N ARG A 165 -6.06 -2.70 -23.74
CA ARG A 165 -5.35 -3.95 -23.91
C ARG A 165 -6.35 -5.08 -24.17
N ASP A 166 -5.83 -6.22 -24.62
CA ASP A 166 -6.67 -7.39 -24.88
C ASP A 166 -5.95 -8.68 -24.48
N SER A 179 -15.40 4.11 -42.69
CA SER A 179 -14.68 4.96 -43.64
C SER A 179 -14.16 6.22 -42.96
N GLU A 180 -13.42 7.03 -43.72
CA GLU A 180 -12.83 8.27 -43.21
C GLU A 180 -13.02 9.36 -44.27
N ASN A 181 -14.24 9.90 -44.32
CA ASN A 181 -14.59 11.00 -45.22
C ASN A 181 -15.42 12.04 -44.49
N LEU A 182 -15.19 12.19 -43.19
CA LEU A 182 -16.05 13.00 -42.33
C LEU A 182 -15.25 14.14 -41.70
N GLU A 183 -15.89 15.31 -41.64
CA GLU A 183 -15.33 16.45 -40.94
C GLU A 183 -15.82 16.45 -39.50
N GLU A 184 -15.25 17.33 -38.69
CA GLU A 184 -15.58 17.44 -37.28
C GLU A 184 -16.25 18.77 -37.01
N ASP A 185 -17.34 18.74 -36.24
CA ASP A 185 -18.04 19.96 -35.84
C ASP A 185 -17.40 20.58 -34.61
N ALA B 1 -40.11 -3.23 3.27
CA ALA B 1 -39.05 -4.12 2.83
C ALA B 1 -38.88 -4.08 1.31
N LEU B 2 -37.71 -4.52 0.84
CA LEU B 2 -37.40 -4.54 -0.58
C LEU B 2 -37.88 -5.85 -1.20
N LYS B 3 -38.83 -5.75 -2.12
CA LYS B 3 -39.28 -6.96 -2.82
C LYS B 3 -38.21 -7.42 -3.81
N LEU B 4 -38.14 -8.74 -3.98
CA LEU B 4 -37.12 -9.35 -4.81
C LEU B 4 -37.73 -9.92 -6.09
N CYS B 5 -36.91 -9.98 -7.12
CA CYS B 5 -37.31 -10.57 -8.40
C CYS B 5 -37.07 -12.07 -8.36
N PRO B 6 -38.08 -12.89 -8.68
CA PRO B 6 -37.87 -14.34 -8.65
C PRO B 6 -36.80 -14.77 -9.64
N HIS B 7 -36.22 -15.94 -9.39
CA HIS B 7 -35.13 -16.44 -10.20
C HIS B 7 -35.56 -16.70 -11.64
N GLU B 8 -36.81 -17.11 -11.84
CA GLU B 8 -37.31 -17.41 -13.18
C GLU B 8 -37.23 -16.18 -14.08
N GLU B 9 -37.79 -15.06 -13.61
CA GLU B 9 -37.80 -13.85 -14.43
C GLU B 9 -36.38 -13.33 -14.66
N PHE B 10 -35.50 -13.48 -13.67
CA PHE B 10 -34.10 -13.13 -13.87
C PHE B 10 -33.52 -13.92 -15.04
N LEU B 11 -33.76 -15.23 -15.08
CA LEU B 11 -33.20 -16.06 -16.14
C LEU B 11 -33.88 -15.78 -17.47
N ARG B 12 -35.20 -15.58 -17.46
CA ARG B 12 -35.92 -15.27 -18.69
C ARG B 12 -35.53 -13.92 -19.26
N LEU B 13 -35.39 -12.91 -18.39
CA LEU B 13 -35.02 -11.58 -18.86
C LEU B 13 -33.63 -11.58 -19.49
N CYS B 14 -32.68 -12.28 -18.87
CA CYS B 14 -31.35 -12.39 -19.46
C CYS B 14 -31.38 -13.17 -20.76
N LYS B 15 -32.39 -14.04 -20.93
CA LYS B 15 -32.46 -14.85 -22.15
C LYS B 15 -33.08 -14.05 -23.30
N GLU B 16 -34.14 -13.30 -23.03
CA GLU B 16 -34.90 -12.62 -24.06
C GLU B 16 -34.50 -11.16 -24.26
N ARG B 17 -33.66 -10.60 -23.39
CA ARG B 17 -33.14 -9.25 -23.53
C ARG B 17 -31.63 -9.24 -23.37
N ALA B 18 -30.95 -10.20 -23.99
CA ALA B 18 -29.50 -10.33 -23.80
C ALA B 18 -28.76 -9.10 -24.30
N GLU B 19 -29.04 -8.67 -25.52
CA GLU B 19 -28.31 -7.55 -26.12
C GLU B 19 -28.83 -6.19 -25.67
N GLU B 20 -29.88 -6.14 -24.86
CA GLU B 20 -30.47 -4.86 -24.46
C GLU B 20 -30.20 -4.49 -23.02
N ILE B 21 -29.78 -5.42 -22.17
CA ILE B 21 -29.55 -5.14 -20.75
C ILE B 21 -28.08 -5.39 -20.42
N TYR B 22 -27.64 -4.79 -19.32
CA TYR B 22 -26.27 -4.99 -18.85
C TYR B 22 -26.14 -6.36 -18.22
N PRO B 23 -25.01 -7.05 -18.46
CA PRO B 23 -24.83 -8.38 -17.89
C PRO B 23 -24.62 -8.33 -16.39
N ILE B 24 -24.85 -9.48 -15.75
CA ILE B 24 -24.76 -9.61 -14.30
C ILE B 24 -23.80 -10.73 -13.96
N LYS B 25 -22.89 -10.47 -13.03
CA LYS B 25 -22.01 -11.51 -12.52
C LYS B 25 -22.76 -12.40 -11.53
N GLU B 26 -22.32 -13.64 -11.43
CA GLU B 26 -22.98 -14.60 -10.54
C GLU B 26 -22.87 -14.13 -9.10
N ARG B 27 -24.01 -14.13 -8.39
CA ARG B 27 -24.06 -13.63 -7.03
C ARG B 27 -23.06 -14.34 -6.12
N ASN B 28 -22.82 -15.64 -6.36
CA ASN B 28 -21.84 -16.37 -5.56
C ASN B 28 -20.45 -15.77 -5.70
N ASN B 29 -20.01 -15.51 -6.94
CA ASN B 29 -18.67 -15.00 -7.18
C ASN B 29 -18.74 -13.54 -7.61
N ARG B 30 -19.33 -12.69 -6.77
CA ARG B 30 -19.51 -11.28 -7.07
C ARG B 30 -19.04 -10.42 -5.92
N THR B 31 -18.49 -9.25 -6.25
CA THR B 31 -17.96 -8.30 -5.27
C THR B 31 -18.46 -6.90 -5.63
N ARG B 32 -19.77 -6.68 -5.48
CA ARG B 32 -20.32 -5.37 -5.75
C ARG B 32 -19.94 -4.39 -4.64
N LEU B 33 -19.43 -3.22 -5.03
CA LEU B 33 -19.02 -2.19 -4.09
C LEU B 33 -19.82 -0.91 -4.34
N ALA B 34 -20.12 -0.21 -3.26
CA ALA B 34 -20.81 1.08 -3.33
C ALA B 34 -20.13 2.04 -2.37
N LEU B 35 -20.20 3.33 -2.70
CA LEU B 35 -19.52 4.36 -1.94
C LEU B 35 -20.50 5.45 -1.57
N ILE B 36 -20.42 5.91 -0.32
CA ILE B 36 -21.27 6.99 0.19
C ILE B 36 -20.37 8.06 0.79
N ILE B 37 -20.59 9.30 0.38
CA ILE B 37 -19.91 10.47 0.94
C ILE B 37 -20.99 11.42 1.43
N CYS B 38 -20.89 11.84 2.69
CA CYS B 38 -21.93 12.66 3.29
C CYS B 38 -21.30 13.65 4.27
N ASN B 39 -21.42 14.94 3.97
CA ASN B 39 -20.93 16.00 4.85
C ASN B 39 -22.11 16.56 5.64
N THR B 40 -22.02 16.46 6.97
CA THR B 40 -23.09 16.93 7.85
C THR B 40 -22.73 18.19 8.61
N GLU B 41 -21.48 18.32 9.06
CA GLU B 41 -21.04 19.48 9.82
C GLU B 41 -20.09 20.33 8.98
N PHE B 42 -20.26 21.64 9.10
CA PHE B 42 -19.49 22.59 8.29
C PHE B 42 -19.00 23.73 9.19
N ASP B 43 -18.11 24.55 8.63
CA ASP B 43 -17.58 25.71 9.35
C ASP B 43 -18.30 27.00 8.99
N HIS B 44 -19.00 27.04 7.85
CA HIS B 44 -19.68 28.26 7.43
C HIS B 44 -21.11 27.99 6.95
N LEU B 45 -21.59 26.76 7.10
CA LEU B 45 -22.93 26.40 6.66
C LEU B 45 -23.68 25.68 7.78
N PRO B 46 -25.01 25.72 7.84
CA PRO B 46 -25.68 24.94 8.86
C PRO B 46 -25.45 23.45 8.55
N PRO B 47 -25.65 22.53 9.51
CA PRO B 47 -25.39 21.11 9.27
C PRO B 47 -26.57 20.41 8.58
N ARG B 48 -26.30 19.38 7.78
CA ARG B 48 -27.39 18.63 7.10
C ARG B 48 -27.98 17.63 8.11
N ASN B 49 -28.82 18.14 9.02
CA ASN B 49 -29.43 17.37 10.12
C ASN B 49 -30.28 16.22 9.57
N GLY B 50 -30.13 15.04 10.16
CA GLY B 50 -30.88 13.80 9.84
C GLY B 50 -30.25 13.03 8.70
N ALA B 51 -29.27 13.66 8.07
CA ALA B 51 -28.62 13.01 6.91
C ALA B 51 -28.35 11.53 7.14
N ASP B 52 -27.98 11.15 8.36
CA ASP B 52 -27.57 9.75 8.65
C ASP B 52 -28.70 8.79 8.30
N PHE B 53 -29.95 9.19 8.62
CA PHE B 53 -31.14 8.35 8.32
C PHE B 53 -31.09 8.14 6.81
N ASP B 54 -30.80 9.23 6.07
CA ASP B 54 -30.53 8.98 4.67
C ASP B 54 -29.31 8.07 4.49
N ILE B 55 -28.30 8.23 5.35
CA ILE B 55 -27.10 7.39 5.25
C ILE B 55 -27.45 5.93 5.51
N THR B 56 -28.15 5.66 6.61
CA THR B 56 -28.51 4.29 6.95
C THR B 56 -29.47 3.71 5.91
N GLY B 57 -30.40 4.52 5.41
CA GLY B 57 -31.33 4.04 4.41
C GLY B 57 -30.65 3.62 3.12
N MET B 58 -29.75 4.46 2.61
CA MET B 58 -29.01 4.12 1.41
C MET B 58 -28.13 2.90 1.62
N LYS B 59 -27.48 2.80 2.78
CA LYS B 59 -26.62 1.66 3.07
C LYS B 59 -27.42 0.36 3.10
N GLU B 60 -28.54 0.35 3.84
CA GLU B 60 -29.36 -0.85 3.92
C GLU B 60 -29.94 -1.22 2.55
N LEU B 61 -30.33 -0.21 1.77
CA LEU B 61 -30.85 -0.48 0.43
C LEU B 61 -29.80 -1.13 -0.45
N LEU B 62 -28.60 -0.57 -0.49
CA LEU B 62 -27.53 -1.14 -1.30
C LEU B 62 -27.10 -2.51 -0.80
N GLU B 63 -27.17 -2.74 0.51
CA GLU B 63 -26.90 -4.07 1.03
C GLU B 63 -27.97 -5.06 0.60
N GLY B 64 -29.23 -4.62 0.58
CA GLY B 64 -30.28 -5.46 0.02
C GLY B 64 -30.10 -5.73 -1.46
N LEU B 65 -29.49 -4.79 -2.17
CA LEU B 65 -29.11 -5.01 -3.56
C LEU B 65 -27.75 -5.69 -3.70
N ASP B 66 -27.23 -6.24 -2.60
CA ASP B 66 -26.00 -7.02 -2.58
C ASP B 66 -24.79 -6.16 -2.95
N TYR B 67 -24.62 -5.05 -2.23
CA TYR B 67 -23.48 -4.15 -2.39
C TYR B 67 -22.77 -4.01 -1.06
N SER B 68 -21.44 -4.11 -1.07
CA SER B 68 -20.64 -3.78 0.10
C SER B 68 -20.47 -2.27 0.15
N VAL B 69 -20.99 -1.66 1.21
CA VAL B 69 -21.14 -0.21 1.28
C VAL B 69 -20.04 0.37 2.17
N ASP B 70 -19.18 1.19 1.58
CA ASP B 70 -18.21 1.99 2.33
C ASP B 70 -18.78 3.39 2.54
N VAL B 71 -18.51 3.95 3.71
CA VAL B 71 -19.08 5.24 4.11
C VAL B 71 -17.94 6.18 4.51
N GLU B 72 -17.99 7.41 4.01
CA GLU B 72 -17.08 8.48 4.38
C GLU B 72 -17.88 9.71 4.76
N GLU B 73 -17.43 10.45 5.78
CA GLU B 73 -18.18 11.68 6.19
C GLU B 73 -17.25 12.89 6.43
N ASN B 74 -17.77 14.10 6.18
CA ASN B 74 -17.05 15.35 6.51
C ASN B 74 -15.63 15.41 5.92
N LEU B 75 -15.51 15.51 4.61
CA LEU B 75 -14.23 15.58 3.94
C LEU B 75 -14.09 16.91 3.23
N THR B 76 -12.84 17.33 3.03
CA THR B 76 -12.56 18.50 2.21
C THR B 76 -12.55 18.11 0.73
N ALA B 77 -12.56 19.13 -0.13
CA ALA B 77 -12.55 18.89 -1.57
C ALA B 77 -11.37 18.01 -1.97
N ARG B 78 -10.19 18.30 -1.42
CA ARG B 78 -9.04 17.44 -1.68
C ARG B 78 -9.25 16.04 -1.13
N ASP B 79 -9.77 15.94 0.09
CA ASP B 79 -10.03 14.63 0.69
C ASP B 79 -11.11 13.87 -0.08
N MET B 80 -12.12 14.58 -0.59
CA MET B 80 -13.15 13.92 -1.38
C MET B 80 -12.58 13.38 -2.68
N GLU B 81 -11.76 14.17 -3.37
CA GLU B 81 -11.12 13.69 -4.59
C GLU B 81 -10.23 12.48 -4.30
N SER B 82 -9.42 12.57 -3.24
CA SER B 82 -8.51 11.48 -2.92
C SER B 82 -9.27 10.20 -2.60
N ALA B 83 -10.38 10.31 -1.88
CA ALA B 83 -11.19 9.13 -1.58
C ALA B 83 -11.77 8.53 -2.86
N LEU B 84 -12.13 9.38 -3.82
CA LEU B 84 -12.73 8.89 -5.06
C LEU B 84 -11.74 8.11 -5.91
N ARG B 85 -10.53 8.64 -6.10
CA ARG B 85 -9.53 7.88 -6.85
C ARG B 85 -9.18 6.59 -6.14
N ALA B 86 -9.18 6.59 -4.80
CA ALA B 86 -8.91 5.37 -4.06
C ALA B 86 -10.01 4.34 -4.27
N PHE B 87 -11.27 4.80 -4.32
CA PHE B 87 -12.37 3.87 -4.60
C PHE B 87 -12.32 3.38 -6.04
N ALA B 88 -11.92 4.24 -6.98
CA ALA B 88 -11.85 3.84 -8.38
C ALA B 88 -10.74 2.84 -8.64
N THR B 89 -9.69 2.86 -7.81
CA THR B 89 -8.56 1.96 -7.98
C THR B 89 -8.72 0.64 -7.23
N ARG B 90 -9.80 0.47 -6.48
CA ARG B 90 -9.99 -0.78 -5.73
C ARG B 90 -10.18 -1.93 -6.71
N PRO B 91 -9.50 -3.06 -6.51
CA PRO B 91 -9.53 -4.13 -7.52
C PRO B 91 -10.80 -4.97 -7.52
N GLU B 92 -11.66 -4.86 -6.51
CA GLU B 92 -12.87 -5.66 -6.49
C GLU B 92 -13.81 -5.30 -7.64
N HIS B 93 -13.68 -4.11 -8.22
CA HIS B 93 -14.49 -3.74 -9.36
C HIS B 93 -14.22 -4.62 -10.57
N LYS B 94 -13.04 -5.25 -10.65
CA LYS B 94 -12.77 -6.22 -11.71
C LYS B 94 -13.69 -7.42 -11.59
N SER B 95 -14.09 -7.77 -10.38
CA SER B 95 -15.02 -8.88 -10.14
C SER B 95 -16.45 -8.39 -9.93
N SER B 96 -16.71 -7.09 -10.14
CA SER B 96 -18.03 -6.51 -9.99
C SER B 96 -18.65 -6.28 -11.37
N ASP B 97 -19.91 -5.83 -11.36
CA ASP B 97 -20.61 -5.51 -12.59
C ASP B 97 -21.16 -4.10 -12.61
N SER B 98 -21.14 -3.37 -11.49
CA SER B 98 -21.72 -2.04 -11.39
C SER B 98 -21.13 -1.37 -10.15
N THR B 99 -21.57 -0.14 -9.90
CA THR B 99 -21.13 0.60 -8.73
C THR B 99 -22.10 1.75 -8.47
N PHE B 100 -22.10 2.20 -7.22
CA PHE B 100 -22.92 3.33 -6.79
C PHE B 100 -22.05 4.35 -6.08
N LEU B 101 -22.34 5.63 -6.31
CA LEU B 101 -21.63 6.74 -5.66
C LEU B 101 -22.70 7.70 -5.12
N VAL B 102 -22.92 7.67 -3.82
CA VAL B 102 -23.97 8.45 -3.17
C VAL B 102 -23.32 9.63 -2.48
N LEU B 103 -23.64 10.84 -2.90
CA LEU B 103 -22.99 12.01 -2.26
C LEU B 103 -24.04 12.96 -1.69
N MET B 104 -23.90 13.32 -0.42
CA MET B 104 -24.88 14.24 0.21
C MET B 104 -24.17 15.40 0.92
N SER B 105 -24.39 16.63 0.45
CA SER B 105 -23.77 17.87 0.98
C SER B 105 -24.43 19.07 0.31
N HIS B 106 -24.05 20.29 0.72
CA HIS B 106 -24.55 21.44 -0.06
C HIS B 106 -23.68 21.51 -1.32
N GLY B 107 -24.23 22.04 -2.41
CA GLY B 107 -23.46 22.08 -3.67
C GLY B 107 -23.82 23.26 -4.53
N ILE B 108 -23.01 23.50 -5.57
CA ILE B 108 -23.30 24.63 -6.49
C ILE B 108 -23.42 24.07 -7.89
N LEU B 109 -24.14 24.79 -8.74
CA LEU B 109 -24.33 24.29 -10.10
C LEU B 109 -23.10 23.53 -10.59
N GLU B 110 -21.91 23.98 -10.19
CA GLU B 110 -20.67 23.36 -10.67
C GLU B 110 -20.42 22.01 -10.02
N GLY B 111 -20.70 21.89 -8.72
CA GLY B 111 -20.43 20.64 -8.02
C GLY B 111 -21.00 20.58 -6.62
N ILE B 112 -20.31 19.88 -5.72
CA ILE B 112 -20.78 19.65 -4.36
C ILE B 112 -19.78 20.27 -3.38
N CYS B 113 -20.30 20.89 -2.33
CA CYS B 113 -19.46 21.58 -1.36
C CYS B 113 -18.85 20.61 -0.37
N GLY B 114 -17.67 20.98 0.14
CA GLY B 114 -17.03 20.27 1.22
C GLY B 114 -17.42 20.82 2.57
N THR B 115 -16.59 20.52 3.57
CA THR B 115 -16.85 20.98 4.93
C THR B 115 -16.40 22.42 5.13
N VAL B 116 -15.30 22.83 4.49
CA VAL B 116 -14.72 24.14 4.72
C VAL B 116 -15.00 25.06 3.53
N HIS B 117 -16.21 24.96 2.97
CA HIS B 117 -16.59 25.76 1.81
C HIS B 117 -17.11 27.12 2.23
N ASP B 118 -16.78 28.14 1.45
CA ASP B 118 -17.30 29.49 1.65
C ASP B 118 -17.35 30.19 0.29
N GLU B 119 -18.12 31.27 0.23
CA GLU B 119 -18.22 32.03 -1.01
C GLU B 119 -16.87 32.61 -1.40
N LYS B 120 -16.14 33.15 -0.42
CA LYS B 120 -14.82 33.71 -0.68
C LYS B 120 -13.73 32.65 -0.67
N LYS B 121 -13.94 31.55 0.07
CA LYS B 121 -12.98 30.45 0.16
C LYS B 121 -13.68 29.18 -0.31
N PRO B 122 -13.75 28.95 -1.62
CA PRO B 122 -14.51 27.80 -2.13
C PRO B 122 -13.77 26.48 -1.93
N ASP B 123 -14.46 25.53 -1.30
CA ASP B 123 -13.99 24.16 -1.17
C ASP B 123 -15.07 23.29 -1.83
N VAL B 124 -14.90 23.03 -3.13
CA VAL B 124 -15.94 22.41 -3.94
C VAL B 124 -15.31 21.33 -4.81
N LEU B 125 -15.96 20.17 -4.88
CA LEU B 125 -15.61 19.11 -5.80
C LEU B 125 -16.54 19.18 -7.01
N LEU B 126 -15.96 19.26 -8.20
CA LEU B 126 -16.73 19.43 -9.42
C LEU B 126 -17.32 18.11 -9.90
N TYR B 127 -18.50 18.18 -10.51
CA TYR B 127 -19.08 17.00 -11.15
C TYR B 127 -18.16 16.49 -12.26
N ASP B 128 -17.56 17.40 -13.03
CA ASP B 128 -16.66 17.00 -14.09
C ASP B 128 -15.46 16.25 -13.55
N THR B 129 -15.03 16.58 -12.33
CA THR B 129 -13.94 15.84 -11.69
C THR B 129 -14.32 14.38 -11.49
N ILE B 130 -15.57 14.12 -11.11
CA ILE B 130 -16.02 12.75 -10.88
C ILE B 130 -15.96 11.95 -12.17
N PHE B 131 -16.52 12.50 -13.24
CA PHE B 131 -16.48 11.82 -14.54
C PHE B 131 -15.05 11.62 -15.02
N GLN B 132 -14.16 12.56 -14.70
CA GLN B 132 -12.75 12.37 -15.04
C GLN B 132 -12.15 11.21 -14.26
N ILE B 133 -12.58 11.02 -13.01
CA ILE B 133 -12.03 9.96 -12.17
C ILE B 133 -12.48 8.59 -12.67
N PHE B 134 -13.76 8.47 -13.03
CA PHE B 134 -14.35 7.17 -13.32
C PHE B 134 -14.55 6.90 -14.81
N ASN B 135 -13.98 7.73 -15.69
CA ASN B 135 -14.09 7.44 -17.11
C ASN B 135 -13.24 6.22 -17.47
N ASN B 136 -13.30 5.82 -18.74
CA ASN B 136 -12.57 4.63 -19.17
C ASN B 136 -11.08 4.84 -19.27
N ARG B 137 -10.60 6.08 -19.16
CA ARG B 137 -9.16 6.33 -19.18
C ARG B 137 -8.55 6.17 -17.79
N ASN B 138 -9.15 6.83 -16.78
CA ASN B 138 -8.60 6.79 -15.44
C ASN B 138 -9.04 5.55 -14.67
N CYS B 139 -10.26 5.06 -14.91
CA CYS B 139 -10.77 3.85 -14.28
C CYS B 139 -11.04 2.81 -15.36
N LEU B 140 -10.20 1.77 -15.39
CA LEU B 140 -10.32 0.72 -16.39
C LEU B 140 -11.03 -0.52 -15.90
N SER B 141 -11.15 -0.69 -14.57
CA SER B 141 -11.87 -1.83 -14.02
C SER B 141 -13.38 -1.71 -14.16
N LEU B 142 -13.89 -0.49 -14.31
CA LEU B 142 -15.32 -0.27 -14.51
C LEU B 142 -15.66 0.02 -15.97
N LYS B 143 -14.88 -0.54 -16.90
CA LYS B 143 -15.17 -0.38 -18.31
C LYS B 143 -16.41 -1.17 -18.69
N ASP B 144 -17.32 -0.53 -19.43
CA ASP B 144 -18.55 -1.16 -19.91
C ASP B 144 -19.45 -1.61 -18.77
N LYS B 145 -19.34 -0.95 -17.61
CA LYS B 145 -20.16 -1.25 -16.46
C LYS B 145 -20.91 -0.01 -16.00
N PRO B 146 -22.14 -0.15 -15.51
CA PRO B 146 -22.92 1.02 -15.10
C PRO B 146 -22.25 1.78 -13.96
N LYS B 147 -22.40 3.10 -14.00
CA LYS B 147 -21.82 4.00 -13.00
C LYS B 147 -22.92 5.00 -12.59
N VAL B 148 -23.48 4.79 -11.41
CA VAL B 148 -24.63 5.55 -10.92
C VAL B 148 -24.14 6.58 -9.91
N ILE B 149 -24.37 7.86 -10.21
CA ILE B 149 -23.98 8.96 -9.34
C ILE B 149 -25.26 9.61 -8.81
N ILE B 150 -25.61 9.30 -7.57
CA ILE B 150 -26.79 9.86 -6.92
C ILE B 150 -26.34 10.97 -5.99
N VAL B 151 -26.69 12.22 -6.31
CA VAL B 151 -26.30 13.37 -5.53
C VAL B 151 -27.54 14.09 -5.03
N GLN B 152 -27.36 14.86 -3.95
CA GLN B 152 -28.39 15.76 -3.44
C GLN B 152 -27.71 17.07 -3.03
N ALA B 153 -27.63 18.01 -3.97
CA ALA B 153 -27.09 19.34 -3.65
C ALA B 153 -27.72 20.35 -4.61
N ALA B 154 -28.40 21.37 -4.10
CA ALA B 154 -29.01 22.34 -5.05
C ALA B 154 -27.87 23.02 -5.81
N ARG B 155 -28.04 23.20 -7.12
CA ARG B 155 -26.93 23.80 -7.89
C ARG B 155 -27.16 25.28 -8.14
N GLY B 156 -28.34 25.82 -7.83
CA GLY B 156 -28.54 27.26 -8.11
C GLY B 156 -28.88 28.10 -6.90
N ALA B 157 -29.57 27.49 -5.93
CA ALA B 157 -30.02 28.06 -4.63
C ALA B 157 -31.22 29.01 -4.80
N ASN B 158 -31.81 29.09 -5.98
CA ASN B 158 -32.99 29.97 -6.15
C ASN B 158 -34.20 29.05 -6.07
N ARG B 159 -35.12 29.33 -5.16
CA ARG B 159 -36.23 28.37 -5.11
C ARG B 159 -36.63 27.94 -6.51
N GLY B 160 -37.16 26.72 -6.60
CA GLY B 160 -37.58 26.17 -7.87
C GLY B 160 -39.09 26.00 -7.99
N GLU B 161 -39.82 27.05 -7.64
CA GLU B 161 -41.28 27.02 -7.66
C GLU B 161 -41.80 28.27 -8.36
N LEU B 162 -42.97 28.14 -8.97
CA LEU B 162 -43.64 29.27 -9.58
C LEU B 162 -45.11 29.31 -9.18
N TRP B 163 -45.88 30.18 -9.81
CA TRP B 163 -47.31 30.29 -9.58
C TRP B 163 -48.00 30.61 -10.89
N VAL B 164 -49.04 29.84 -11.21
CA VAL B 164 -49.75 29.96 -12.48
C VAL B 164 -51.24 30.09 -12.20
N ARG B 165 -51.91 30.88 -13.04
CA ARG B 165 -53.35 31.04 -12.95
C ARG B 165 -54.04 29.69 -13.17
N ASP B 166 -55.32 29.66 -12.82
CA ASP B 166 -56.12 28.44 -13.01
C ASP B 166 -57.54 28.78 -13.44
N SER B 179 -45.61 18.89 5.53
CA SER B 179 -45.29 19.86 6.56
C SER B 179 -44.27 20.89 6.07
N GLU B 180 -43.97 21.90 6.92
CA GLU B 180 -43.02 22.96 6.58
C GLU B 180 -42.16 23.23 7.81
N ASN B 181 -41.21 22.33 8.07
CA ASN B 181 -40.25 22.49 9.16
C ASN B 181 -38.85 22.08 8.72
N LEU B 182 -38.51 22.28 7.46
CA LEU B 182 -37.30 21.73 6.86
C LEU B 182 -36.37 22.84 6.40
N GLU B 183 -35.07 22.62 6.55
CA GLU B 183 -34.07 23.55 6.06
C GLU B 183 -33.71 23.20 4.62
N GLU B 184 -32.93 24.07 3.99
CA GLU B 184 -32.57 23.96 2.59
C GLU B 184 -31.09 23.67 2.43
N ASP B 185 -30.77 22.74 1.53
CA ASP B 185 -29.39 22.39 1.23
C ASP B 185 -28.78 23.36 0.24
N PHE C 1 9.59 29.39 -33.30
CA PHE C 1 9.31 28.65 -32.07
C PHE C 1 7.83 28.32 -31.93
N GLN C 2 6.98 29.30 -32.29
CA GLN C 2 5.55 29.09 -32.18
C GLN C 2 5.06 28.03 -33.16
N GLY C 3 5.60 28.04 -34.39
CA GLY C 3 5.27 27.00 -35.34
C GLY C 3 5.85 25.65 -34.95
N LEU C 4 6.99 25.65 -34.26
CA LEU C 4 7.56 24.41 -33.77
C LEU C 4 6.73 23.83 -32.63
N ARG C 5 6.32 24.68 -31.68
CA ARG C 5 5.47 24.21 -30.58
C ARG C 5 4.14 23.69 -31.09
N ALA C 6 3.60 24.31 -32.14
CA ALA C 6 2.35 23.82 -32.72
C ALA C 6 2.55 22.48 -33.40
N GLU C 7 3.68 22.29 -34.07
CA GLU C 7 3.98 20.99 -34.68
C GLU C 7 4.15 19.91 -33.62
N VAL C 8 4.58 20.29 -32.42
CA VAL C 8 4.72 19.32 -31.34
C VAL C 8 3.36 19.00 -30.73
N GLU C 9 2.52 20.02 -30.53
CA GLU C 9 1.24 19.80 -29.88
C GLU C 9 0.27 19.01 -30.75
N THR C 10 0.43 19.07 -32.08
CA THR C 10 -0.45 18.31 -32.97
C THR C 10 -0.28 16.80 -32.80
N ILE C 11 0.87 16.39 -32.25
CA ILE C 11 1.11 15.01 -31.89
C ILE C 11 0.98 14.75 -30.39
N SER C 12 1.38 15.71 -29.54
CA SER C 12 1.23 15.54 -28.10
C SER C 12 -0.23 15.42 -27.70
N LYS C 13 -1.12 16.18 -28.36
CA LYS C 13 -2.54 16.09 -28.06
C LYS C 13 -3.11 14.72 -28.44
N GLU C 14 -2.62 14.13 -29.52
CA GLU C 14 -3.09 12.81 -29.95
C GLU C 14 -2.47 11.67 -29.17
N LEU C 15 -1.40 11.91 -28.42
CA LEU C 15 -0.83 10.89 -27.54
C LEU C 15 -1.41 10.93 -26.13
N GLU C 16 -2.10 12.01 -25.76
CA GLU C 16 -2.84 12.01 -24.51
C GLU C 16 -4.01 11.04 -24.55
N LEU C 17 -4.52 10.75 -25.75
CA LEU C 17 -5.64 9.83 -25.92
C LEU C 17 -5.23 8.37 -25.76
N LEU C 18 -3.94 8.07 -25.67
CA LEU C 18 -3.52 6.71 -25.39
C LEU C 18 -3.79 6.38 -23.93
N ASP C 19 -4.11 5.11 -23.67
CA ASP C 19 -4.55 4.70 -22.35
C ASP C 19 -3.46 4.92 -21.31
N ARG C 20 -3.89 4.99 -20.05
CA ARG C 20 -2.93 5.14 -18.96
C ARG C 20 -2.02 3.93 -18.87
N GLU C 21 -2.60 2.73 -18.89
CA GLU C 21 -1.77 1.52 -18.88
C GLU C 21 -0.95 1.38 -20.16
N LEU C 22 -1.49 1.84 -21.29
CA LEU C 22 -0.72 1.80 -22.53
C LEU C 22 0.41 2.82 -22.53
N CYS C 23 0.21 3.96 -21.87
CA CYS C 23 1.29 4.94 -21.73
C CYS C 23 2.42 4.37 -20.87
N GLN C 24 2.08 3.62 -19.82
CA GLN C 24 3.11 3.03 -18.98
C GLN C 24 3.84 1.91 -19.69
N LEU C 25 3.11 1.08 -20.44
CA LEU C 25 3.76 0.02 -21.20
C LEU C 25 4.57 0.58 -22.36
N LEU C 26 4.13 1.70 -22.95
CA LEU C 26 4.92 2.36 -23.97
C LEU C 26 6.17 3.00 -23.36
N LEU C 27 6.02 3.64 -22.20
CA LEU C 27 7.17 4.24 -21.54
C LEU C 27 8.16 3.18 -21.09
N GLU C 28 7.67 2.03 -20.63
CA GLU C 28 8.56 0.96 -20.21
C GLU C 28 9.31 0.37 -21.40
N GLY C 29 8.64 0.25 -22.54
CA GLY C 29 9.30 -0.29 -23.72
C GLY C 29 10.34 0.65 -24.29
N LEU C 30 10.06 1.96 -24.29
CA LEU C 30 11.01 2.93 -24.81
C LEU C 30 12.23 3.04 -23.90
N GLU C 31 12.04 2.94 -22.59
CA GLU C 31 13.18 2.93 -21.67
C GLU C 31 14.04 1.70 -21.86
N GLY C 32 13.44 0.60 -22.33
CA GLY C 32 14.18 -0.61 -22.62
C GLY C 32 14.90 -0.54 -23.96
N VAL C 33 14.24 0.07 -24.95
CA VAL C 33 14.86 0.30 -26.25
C VAL C 33 16.10 1.18 -26.11
N LEU C 34 16.16 1.99 -25.06
CA LEU C 34 17.33 2.81 -24.81
C LEU C 34 18.60 1.97 -24.72
N ARG C 35 18.59 0.95 -23.86
CA ARG C 35 19.80 0.20 -23.57
C ARG C 35 20.32 -0.53 -24.81
N ASP C 36 19.43 -0.85 -25.75
CA ASP C 36 19.78 -1.69 -26.91
C ASP C 36 19.37 -0.98 -28.18
N GLN C 37 20.37 -0.51 -28.95
CA GLN C 37 20.11 0.09 -30.25
C GLN C 37 19.76 -0.94 -31.32
N LEU C 38 19.82 -2.23 -30.99
CA LEU C 38 19.34 -3.25 -31.92
C LEU C 38 17.86 -3.05 -32.23
N ALA C 39 17.12 -2.43 -31.32
CA ALA C 39 15.71 -2.16 -31.55
C ALA C 39 15.49 -0.89 -32.36
N LEU C 40 16.43 0.05 -32.32
CA LEU C 40 16.25 1.32 -33.01
C LEU C 40 16.37 1.16 -34.52
N ARG C 41 17.34 0.36 -34.97
CA ARG C 41 17.60 0.23 -36.40
C ARG C 41 16.49 -0.50 -37.15
N ALA C 42 15.61 -1.19 -36.43
CA ALA C 42 14.56 -1.99 -37.07
C ALA C 42 13.28 -1.20 -37.32
N LEU C 43 13.25 0.10 -37.01
CA LEU C 43 12.02 0.87 -37.21
C LEU C 43 11.75 1.14 -38.68
N GLU C 44 12.80 1.34 -39.48
CA GLU C 44 12.62 1.65 -40.89
C GLU C 44 12.10 0.44 -41.66
N GLU C 45 12.60 -0.76 -41.34
CA GLU C 45 12.06 -1.96 -41.96
C GLU C 45 10.64 -2.24 -41.49
N ALA C 46 10.29 -1.84 -40.27
CA ALA C 46 8.95 -2.03 -39.74
C ALA C 46 7.97 -1.07 -40.40
N PRO C 58 4.95 -11.71 -34.58
CA PRO C 58 5.12 -10.83 -33.41
C PRO C 58 6.54 -10.85 -32.87
N LEU C 59 6.94 -9.76 -32.21
CA LEU C 59 8.28 -9.64 -31.64
C LEU C 59 8.17 -9.36 -30.14
N ASP C 60 9.21 -9.73 -29.41
CA ASP C 60 9.28 -9.54 -27.97
C ASP C 60 10.51 -8.69 -27.63
N GLY C 61 10.57 -8.26 -26.37
CA GLY C 61 11.64 -7.41 -25.90
C GLY C 61 11.16 -6.01 -25.62
N PRO C 62 12.07 -5.05 -25.64
CA PRO C 62 11.67 -3.65 -25.43
C PRO C 62 10.86 -3.11 -26.60
N ALA C 63 11.40 -3.24 -27.82
CA ALA C 63 10.63 -2.87 -29.00
C ALA C 63 9.50 -3.84 -29.24
N GLY C 64 9.66 -5.10 -28.80
CA GLY C 64 8.55 -6.03 -28.87
C GLY C 64 7.40 -5.64 -27.98
N ALA C 65 7.70 -5.11 -26.79
CA ALA C 65 6.66 -4.59 -25.93
C ALA C 65 5.99 -3.38 -26.55
N VAL C 66 6.77 -2.50 -27.18
CA VAL C 66 6.19 -1.37 -27.90
C VAL C 66 5.38 -1.84 -29.08
N LEU C 67 5.84 -2.89 -29.76
CA LEU C 67 5.08 -3.45 -30.87
C LEU C 67 3.72 -3.96 -30.42
N GLU C 68 3.66 -4.58 -29.23
CA GLU C 68 2.40 -5.08 -28.70
C GLU C 68 1.44 -3.94 -28.34
N CYS C 69 1.93 -2.71 -28.19
CA CYS C 69 1.08 -1.59 -27.87
C CYS C 69 0.36 -1.01 -29.08
N LEU C 70 0.89 -1.21 -30.28
CA LEU C 70 0.42 -0.50 -31.46
C LEU C 70 -0.17 -1.42 -32.52
N VAL C 71 -0.48 -2.67 -32.17
CA VAL C 71 -1.03 -3.62 -33.12
C VAL C 71 -2.42 -4.05 -32.64
N LEU C 72 -3.13 -4.72 -33.53
CA LEU C 72 -4.47 -5.22 -33.28
C LEU C 72 -4.41 -6.71 -32.95
N SER C 73 -5.56 -7.39 -33.02
CA SER C 73 -5.57 -8.84 -32.88
C SER C 73 -4.94 -9.55 -34.07
N SER C 74 -4.94 -8.92 -35.25
CA SER C 74 -4.30 -9.49 -36.43
C SER C 74 -2.86 -9.01 -36.61
N GLY C 75 -2.38 -8.11 -35.76
CA GLY C 75 -1.04 -7.58 -35.87
C GLY C 75 -0.89 -6.38 -36.77
N MET C 76 -1.98 -5.87 -37.34
CA MET C 76 -1.89 -4.72 -38.22
C MET C 76 -1.61 -3.45 -37.42
N LEU C 77 -0.88 -2.53 -38.04
CA LEU C 77 -0.53 -1.28 -37.40
C LEU C 77 -1.74 -0.34 -37.31
N VAL C 78 -1.76 0.47 -36.26
CA VAL C 78 -2.75 1.54 -36.12
C VAL C 78 -2.09 2.83 -36.57
N PRO C 79 -2.41 3.33 -37.78
CA PRO C 79 -1.76 4.56 -38.25
C PRO C 79 -2.01 5.76 -37.34
N GLU C 80 -3.17 5.83 -36.70
CA GLU C 80 -3.43 6.90 -35.76
C GLU C 80 -2.50 6.86 -34.55
N LEU C 81 -1.93 5.70 -34.25
CA LEU C 81 -0.96 5.55 -33.18
C LEU C 81 0.46 5.32 -33.67
N ALA C 82 0.64 4.77 -34.87
CA ALA C 82 1.99 4.52 -35.39
C ALA C 82 2.67 5.81 -35.81
N ILE C 83 1.92 6.73 -36.43
CA ILE C 83 2.50 8.00 -36.86
C ILE C 83 3.05 8.81 -35.70
N PRO C 84 2.35 8.93 -34.56
CA PRO C 84 2.99 9.62 -33.41
C PRO C 84 4.27 8.98 -32.95
N VAL C 85 4.37 7.65 -33.00
CA VAL C 85 5.60 6.98 -32.61
C VAL C 85 6.69 7.20 -33.66
N VAL C 86 6.30 7.24 -34.94
CA VAL C 86 7.26 7.53 -36.00
C VAL C 86 7.82 8.93 -35.84
N TYR C 87 6.97 9.89 -35.46
CA TYR C 87 7.43 11.26 -35.27
C TYR C 87 8.33 11.39 -34.06
N LEU C 88 8.06 10.61 -33.01
CA LEU C 88 8.93 10.63 -31.84
C LEU C 88 10.29 10.03 -32.15
N LEU C 89 10.31 8.90 -32.86
CA LEU C 89 11.59 8.30 -33.26
C LEU C 89 12.33 9.18 -34.25
N GLY C 90 11.62 9.91 -35.10
CA GLY C 90 12.28 10.81 -36.03
C GLY C 90 12.97 11.96 -35.33
N ALA C 91 12.41 12.44 -34.22
CA ALA C 91 13.06 13.47 -33.43
C ALA C 91 14.14 12.92 -32.52
N LEU C 92 14.12 11.62 -32.24
CA LEU C 92 15.13 11.03 -31.38
C LEU C 92 16.38 10.63 -32.15
N THR C 93 16.25 10.38 -33.46
CA THR C 93 17.40 9.99 -34.27
C THR C 93 18.40 11.12 -34.43
N MET C 94 17.96 12.38 -34.31
CA MET C 94 18.86 13.51 -34.42
C MET C 94 19.70 13.73 -33.17
N LEU C 95 19.44 12.99 -32.10
CA LEU C 95 20.19 13.11 -30.86
C LEU C 95 21.14 11.94 -30.68
N SER C 96 22.17 12.16 -29.88
CA SER C 96 23.16 11.12 -29.61
C SER C 96 22.65 10.18 -28.52
N GLU C 97 23.35 9.04 -28.39
CA GLU C 97 22.95 8.04 -27.39
C GLU C 97 23.15 8.56 -25.98
N THR C 98 24.09 9.48 -25.77
CA THR C 98 24.24 10.10 -24.46
C THR C 98 23.00 10.91 -24.09
N GLN C 99 22.49 11.70 -25.04
CA GLN C 99 21.26 12.44 -24.79
C GLN C 99 20.08 11.50 -24.58
N HIS C 100 20.06 10.37 -25.31
CA HIS C 100 18.99 9.40 -25.14
C HIS C 100 19.00 8.82 -23.73
N LYS C 101 20.18 8.46 -23.22
CA LYS C 101 20.26 7.86 -21.90
C LYS C 101 19.95 8.86 -20.80
N LEU C 102 20.30 10.13 -21.01
CA LEU C 102 19.94 11.16 -20.03
C LEU C 102 18.45 11.46 -20.06
N LEU C 103 17.81 11.32 -21.23
CA LEU C 103 16.36 11.48 -21.29
C LEU C 103 15.64 10.39 -20.52
N ALA C 104 16.12 9.14 -20.62
CA ALA C 104 15.52 8.06 -19.85
C ALA C 104 15.85 8.19 -18.36
N GLU C 105 16.98 8.80 -18.03
CA GLU C 105 17.25 9.15 -16.63
C GLU C 105 16.19 10.11 -16.10
N ALA C 106 15.81 11.09 -16.92
CA ALA C 106 14.72 11.99 -16.54
C ALA C 106 13.37 11.27 -16.56
N LEU C 107 13.26 10.21 -17.37
CA LEU C 107 12.04 9.41 -17.37
C LEU C 107 11.88 8.66 -16.06
N GLU C 108 12.93 7.96 -15.63
CA GLU C 108 12.86 7.21 -14.38
C GLU C 108 12.72 8.12 -13.17
N SER C 109 13.36 9.30 -13.20
CA SER C 109 13.19 10.26 -12.11
C SER C 109 11.84 10.96 -12.13
N GLN C 110 11.13 10.93 -13.26
CA GLN C 110 9.80 11.51 -13.37
C GLN C 110 9.81 13.00 -13.03
N THR C 111 10.81 13.73 -13.56
CA THR C 111 10.95 15.16 -13.35
C THR C 111 11.24 15.85 -14.68
N LEU C 112 10.31 15.69 -15.62
CA LEU C 112 10.44 16.25 -16.96
C LEU C 112 9.95 17.69 -17.05
N LEU C 113 9.49 18.28 -15.94
CA LEU C 113 8.95 19.62 -15.99
C LEU C 113 10.06 20.68 -16.08
N GLY C 114 11.13 20.49 -15.31
CA GLY C 114 12.23 21.43 -15.29
C GLY C 114 12.93 21.61 -16.62
N PRO C 115 13.51 20.52 -17.16
CA PRO C 115 14.24 20.64 -18.43
C PRO C 115 13.35 21.06 -19.60
N LEU C 116 12.10 20.61 -19.63
CA LEU C 116 11.19 21.03 -20.69
C LEU C 116 10.89 22.52 -20.60
N GLU C 117 10.72 23.04 -19.39
CA GLU C 117 10.48 24.45 -19.20
C GLU C 117 11.69 25.28 -19.65
N LEU C 118 12.90 24.82 -19.33
CA LEU C 118 14.09 25.56 -19.69
C LEU C 118 14.34 25.54 -21.20
N VAL C 119 14.13 24.38 -21.84
CA VAL C 119 14.32 24.28 -23.28
C VAL C 119 13.31 25.18 -24.00
N GLY C 120 12.06 25.20 -23.52
CA GLY C 120 11.07 26.06 -24.12
C GLY C 120 11.37 27.53 -23.94
N SER C 121 11.88 27.91 -22.76
CA SER C 121 12.24 29.30 -22.52
C SER C 121 13.45 29.71 -23.35
N LEU C 122 14.40 28.79 -23.56
CA LEU C 122 15.56 29.11 -24.39
C LEU C 122 15.17 29.24 -25.86
N LEU C 123 14.48 28.19 -26.33
CA LEU C 123 13.99 28.08 -27.72
C LEU C 123 13.22 29.35 -28.05
N GLU C 124 12.45 29.88 -27.09
CA GLU C 124 11.74 31.13 -27.40
C GLU C 124 12.71 32.29 -27.59
N GLN C 125 13.67 32.44 -26.68
CA GLN C 125 14.60 33.61 -26.77
C GLN C 125 15.46 33.53 -28.03
N SER C 126 15.99 32.35 -28.33
CA SER C 126 16.92 32.24 -29.48
C SER C 126 16.11 32.09 -30.77
N ALA C 127 15.67 33.23 -31.31
CA ALA C 127 14.87 33.24 -32.56
C ALA C 127 15.68 32.68 -33.72
N PRO C 128 16.96 33.07 -33.90
CA PRO C 128 17.78 32.59 -35.02
C PRO C 128 17.75 31.07 -35.24
N GLY C 147 26.98 24.71 -17.19
CA GLY C 147 28.31 24.53 -16.59
C GLY C 147 28.66 23.06 -16.41
N GLU C 148 29.90 22.78 -16.03
CA GLU C 148 30.38 21.39 -15.83
C GLU C 148 29.60 20.74 -14.69
N GLY C 149 29.24 19.47 -14.85
CA GLY C 149 28.50 18.71 -13.83
C GLY C 149 27.00 18.97 -13.88
N ALA C 150 26.54 19.74 -14.86
CA ALA C 150 25.09 20.04 -14.96
C ALA C 150 24.55 19.23 -16.14
N PRO C 151 23.55 18.35 -15.91
CA PRO C 151 22.98 17.53 -16.97
C PRO C 151 22.50 18.54 -18.02
N ALA C 152 21.76 19.55 -17.56
CA ALA C 152 21.33 20.51 -18.58
C ALA C 152 22.57 20.95 -19.37
N TRP C 153 23.66 21.28 -18.66
CA TRP C 153 24.91 21.69 -19.36
C TRP C 153 25.39 20.52 -20.21
N VAL C 154 25.35 19.30 -19.64
CA VAL C 154 25.75 18.07 -20.39
C VAL C 154 24.88 18.06 -21.64
N LEU C 155 23.58 18.06 -21.38
CA LEU C 155 22.58 18.14 -22.45
C LEU C 155 22.93 19.22 -23.45
N LEU C 156 23.27 20.42 -22.96
CA LEU C 156 23.60 21.51 -23.86
C LEU C 156 24.97 21.32 -24.49
N ASP C 157 25.88 20.63 -23.81
CA ASP C 157 27.19 20.34 -24.39
C ASP C 157 27.08 19.31 -25.50
N GLU C 158 26.21 18.31 -25.33
CA GLU C 158 25.92 17.38 -26.41
C GLU C 158 25.19 18.07 -27.56
N CYS C 159 24.45 19.13 -27.26
CA CYS C 159 23.83 19.93 -28.33
C CYS C 159 24.89 20.68 -29.13
N GLY C 160 25.85 21.30 -28.45
CA GLY C 160 26.92 22.00 -29.13
C GLY C 160 27.00 23.47 -28.79
N LEU C 161 26.63 23.82 -27.56
CA LEU C 161 26.64 25.20 -27.11
C LEU C 161 27.93 25.49 -26.33
N GLU C 162 28.24 26.78 -26.22
CA GLU C 162 29.37 27.24 -25.42
C GLU C 162 28.88 27.50 -24.00
N LEU C 163 29.36 26.71 -23.05
CA LEU C 163 28.90 26.75 -21.68
C LEU C 163 29.91 27.46 -20.79
N GLY C 164 29.40 27.97 -19.66
CA GLY C 164 30.23 28.67 -18.70
C GLY C 164 29.69 28.63 -17.29
N PRO C 168 24.94 34.48 -16.51
CA PRO C 168 24.16 34.00 -17.65
C PRO C 168 25.04 33.77 -18.89
N HIS C 169 24.49 33.18 -19.95
CA HIS C 169 25.22 32.89 -21.19
C HIS C 169 24.20 32.76 -22.31
N VAL C 170 23.55 33.89 -22.63
CA VAL C 170 22.54 33.92 -23.66
C VAL C 170 23.11 33.68 -25.06
N CYS C 171 24.44 33.66 -25.20
CA CYS C 171 25.06 33.41 -26.50
C CYS C 171 24.58 32.08 -27.07
N TRP C 172 23.98 32.13 -28.27
CA TRP C 172 23.40 30.95 -28.90
C TRP C 172 24.04 30.74 -30.27
N GLU C 173 24.54 29.51 -30.51
CA GLU C 173 25.10 29.17 -31.80
C GLU C 173 24.07 28.39 -32.61
N PRO C 174 23.73 28.83 -33.82
CA PRO C 174 22.67 28.16 -34.58
C PRO C 174 22.99 26.73 -34.99
N GLN C 175 24.24 26.27 -34.84
CA GLN C 175 24.61 24.94 -35.28
C GLN C 175 23.94 23.83 -34.48
N ALA C 176 23.24 24.16 -33.40
CA ALA C 176 22.57 23.16 -32.57
C ALA C 176 21.06 23.33 -32.55
N GLN C 177 20.51 24.14 -33.46
CA GLN C 177 19.08 24.44 -33.42
C GLN C 177 18.24 23.18 -33.61
N GLY C 178 18.56 22.39 -34.64
CA GLY C 178 17.73 21.24 -34.95
C GLY C 178 17.67 20.22 -33.84
N ARG C 179 18.81 19.96 -33.20
CA ARG C 179 18.84 18.98 -32.11
C ARG C 179 18.08 19.49 -30.90
N MET C 180 18.14 20.79 -30.62
CA MET C 180 17.37 21.36 -29.52
C MET C 180 15.88 21.33 -29.81
N CYS C 181 15.50 21.63 -31.06
CA CYS C 181 14.09 21.50 -31.44
C CYS C 181 13.64 20.06 -31.36
N ALA C 182 14.50 19.12 -31.77
CA ALA C 182 14.17 17.71 -31.62
C ALA C 182 14.15 17.30 -30.16
N LEU C 183 15.04 17.89 -29.34
CA LEU C 183 15.01 17.64 -27.90
C LEU C 183 13.72 18.14 -27.28
N TYR C 184 13.25 19.32 -27.72
CA TYR C 184 11.99 19.85 -27.20
C TYR C 184 10.83 18.91 -27.52
N ALA C 185 10.81 18.39 -28.75
CA ALA C 185 9.80 17.38 -29.09
C ALA C 185 10.04 16.08 -28.31
N SER C 186 11.30 15.72 -28.12
CA SER C 186 11.62 14.55 -27.30
C SER C 186 11.26 14.75 -25.84
N LEU C 187 11.07 16.00 -25.41
CA LEU C 187 10.68 16.29 -24.04
C LEU C 187 9.16 16.43 -23.90
N ALA C 188 8.53 17.19 -24.80
CA ALA C 188 7.11 17.50 -24.66
C ALA C 188 6.25 16.27 -24.92
N LEU C 189 6.66 15.41 -25.86
CA LEU C 189 5.90 14.19 -26.12
C LEU C 189 5.89 13.28 -24.90
N LEU C 190 7.01 13.22 -24.17
CA LEU C 190 7.05 12.42 -22.95
C LEU C 190 6.20 13.05 -21.85
N SER C 191 6.17 14.38 -21.79
CA SER C 191 5.29 15.04 -20.83
C SER C 191 3.82 14.84 -21.18
N GLY C 192 3.52 14.66 -22.48
CA GLY C 192 2.17 14.31 -22.87
C GLY C 192 1.75 12.93 -22.39
N LEU C 193 2.70 12.06 -22.08
CA LEU C 193 2.41 10.77 -21.48
C LEU C 193 2.59 10.77 -19.97
N SER C 194 3.11 11.85 -19.40
CA SER C 194 3.30 11.94 -17.95
C SER C 194 1.97 12.21 -17.25
N ALA D 1 8.80 -38.81 39.33
CA ALA D 1 10.23 -39.07 39.19
C ALA D 1 10.74 -38.60 37.84
N LEU D 2 12.05 -38.39 37.74
CA LEU D 2 12.68 -37.94 36.50
C LEU D 2 13.04 -39.15 35.65
N LYS D 3 12.42 -39.25 34.47
CA LYS D 3 12.72 -40.32 33.55
C LYS D 3 14.10 -40.13 32.93
N LEU D 4 14.75 -41.24 32.61
CA LEU D 4 16.13 -41.23 32.11
C LEU D 4 16.13 -41.59 30.63
N CYS D 5 17.15 -41.08 29.92
CA CYS D 5 17.31 -41.39 28.51
C CYS D 5 18.08 -42.69 28.33
N PRO D 6 17.55 -43.67 27.62
CA PRO D 6 18.27 -44.92 27.41
C PRO D 6 19.56 -44.72 26.64
N HIS D 7 20.48 -45.67 26.82
CA HIS D 7 21.79 -45.57 26.16
C HIS D 7 21.67 -45.65 24.65
N GLU D 8 20.70 -46.44 24.16
CA GLU D 8 20.53 -46.60 22.71
C GLU D 8 20.22 -45.26 22.04
N GLU D 9 19.19 -44.57 22.53
CA GLU D 9 18.73 -43.34 21.88
C GLU D 9 19.77 -42.23 22.00
N PHE D 10 20.49 -42.16 23.12
CA PHE D 10 21.57 -41.19 23.26
C PHE D 10 22.61 -41.35 22.17
N LEU D 11 23.07 -42.59 21.95
CA LEU D 11 24.11 -42.82 20.96
C LEU D 11 23.57 -42.69 19.55
N ARG D 12 22.34 -43.12 19.30
CA ARG D 12 21.75 -42.95 17.98
C ARG D 12 21.60 -41.48 17.63
N LEU D 13 21.19 -40.67 18.61
CA LEU D 13 21.08 -39.23 18.38
C LEU D 13 22.44 -38.61 18.07
N CYS D 14 23.48 -39.03 18.80
CA CYS D 14 24.83 -38.56 18.53
C CYS D 14 25.32 -39.01 17.16
N LYS D 15 24.77 -40.10 16.63
CA LYS D 15 25.20 -40.61 15.33
C LYS D 15 24.53 -39.86 14.18
N GLU D 16 23.22 -39.66 14.26
CA GLU D 16 22.45 -39.14 13.14
C GLU D 16 22.18 -37.64 13.22
N ARG D 17 22.49 -36.99 14.34
CA ARG D 17 22.33 -35.55 14.48
C ARG D 17 23.57 -34.93 15.09
N ALA D 18 24.76 -35.34 14.62
CA ALA D 18 26.00 -34.88 15.22
C ALA D 18 26.16 -33.36 15.10
N GLU D 19 26.04 -32.83 13.88
CA GLU D 19 26.23 -31.40 13.66
C GLU D 19 24.98 -30.59 13.98
N GLU D 20 23.87 -31.22 14.34
CA GLU D 20 22.64 -30.50 14.67
C GLU D 20 22.42 -30.35 16.17
N ILE D 21 23.11 -31.12 17.00
CA ILE D 21 22.94 -31.07 18.44
C ILE D 21 24.25 -30.64 19.08
N TYR D 22 24.16 -30.15 20.31
CA TYR D 22 25.36 -29.75 21.03
C TYR D 22 26.09 -30.99 21.53
N PRO D 23 27.43 -31.00 21.45
CA PRO D 23 28.19 -32.17 21.91
C PRO D 23 28.15 -32.30 23.42
N ILE D 24 28.46 -33.52 23.88
CA ILE D 24 28.42 -33.86 25.29
C ILE D 24 29.77 -34.40 25.71
N LYS D 25 30.28 -33.92 26.84
CA LYS D 25 31.50 -34.47 27.40
C LYS D 25 31.24 -35.82 28.06
N GLU D 26 32.29 -36.64 28.12
CA GLU D 26 32.17 -37.95 28.74
C GLU D 26 31.79 -37.80 30.22
N ARG D 27 30.95 -38.74 30.69
CA ARG D 27 30.32 -38.58 31.99
C ARG D 27 31.32 -38.65 33.14
N ASN D 28 32.33 -39.51 33.02
CA ASN D 28 33.31 -39.66 34.09
C ASN D 28 34.09 -38.36 34.32
N ASN D 29 34.74 -37.84 33.29
CA ASN D 29 35.57 -36.65 33.42
C ASN D 29 34.78 -35.41 33.03
N ARG D 30 33.67 -35.19 33.75
CA ARG D 30 32.79 -34.06 33.50
C ARG D 30 32.48 -33.34 34.81
N THR D 31 32.34 -32.00 34.73
CA THR D 31 32.07 -31.16 35.90
C THR D 31 30.99 -30.13 35.53
N ARG D 32 29.76 -30.60 35.36
CA ARG D 32 28.67 -29.67 35.05
C ARG D 32 28.32 -28.83 36.27
N LEU D 33 28.23 -27.52 36.07
CA LEU D 33 27.92 -26.57 37.13
C LEU D 33 26.65 -25.79 36.80
N ALA D 34 25.87 -25.49 37.84
CA ALA D 34 24.68 -24.67 37.72
C ALA D 34 24.61 -23.72 38.90
N LEU D 35 23.97 -22.57 38.69
CA LEU D 35 23.90 -21.52 39.70
C LEU D 35 22.45 -21.10 39.92
N ILE D 36 22.08 -20.95 41.20
CA ILE D 36 20.75 -20.53 41.59
C ILE D 36 20.86 -19.32 42.52
N ILE D 37 20.11 -18.27 42.21
CA ILE D 37 20.00 -17.09 43.06
C ILE D 37 18.53 -16.87 43.38
N CYS D 38 18.22 -16.73 44.67
CA CYS D 38 16.83 -16.58 45.09
C CYS D 38 16.76 -15.67 46.31
N ASN D 39 16.11 -14.52 46.16
CA ASN D 39 15.92 -13.57 47.25
C ASN D 39 14.52 -13.74 47.83
N THR D 40 14.44 -14.04 49.12
CA THR D 40 13.16 -14.27 49.78
C THR D 40 12.76 -13.15 50.74
N GLU D 41 13.72 -12.56 51.45
CA GLU D 41 13.44 -11.50 52.40
C GLU D 41 13.98 -10.17 51.89
N PHE D 42 13.19 -9.11 52.09
CA PHE D 42 13.51 -7.78 51.58
C PHE D 42 13.27 -6.75 52.67
N ASP D 43 13.69 -5.52 52.40
CA ASP D 43 13.51 -4.41 53.32
C ASP D 43 12.29 -3.55 52.99
N HIS D 44 11.81 -3.61 51.74
CA HIS D 44 10.67 -2.80 51.33
C HIS D 44 9.65 -3.58 50.51
N LEU D 45 9.82 -4.89 50.37
CA LEU D 45 8.94 -5.71 49.55
C LEU D 45 8.44 -6.91 50.34
N PRO D 46 7.25 -7.43 50.01
CA PRO D 46 6.73 -8.58 50.74
C PRO D 46 7.63 -9.78 50.58
N PRO D 47 7.62 -10.69 51.56
CA PRO D 47 8.52 -11.85 51.48
C PRO D 47 8.07 -12.88 50.46
N ARG D 48 9.04 -13.50 49.79
CA ARG D 48 8.79 -14.56 48.82
C ARG D 48 8.94 -15.91 49.52
N ASN D 49 7.94 -16.23 50.35
CA ASN D 49 8.00 -17.42 51.20
C ASN D 49 8.01 -18.70 50.39
N GLY D 50 6.96 -18.93 49.58
CA GLY D 50 6.78 -20.18 48.88
C GLY D 50 7.93 -20.61 48.00
N ALA D 51 8.86 -19.70 47.74
CA ALA D 51 10.01 -19.98 46.89
C ALA D 51 10.90 -21.10 47.42
N ASP D 52 10.82 -21.43 48.71
CA ASP D 52 11.63 -22.51 49.26
C ASP D 52 11.41 -23.82 48.51
N PHE D 53 10.16 -24.14 48.16
CA PHE D 53 9.90 -25.33 47.34
C PHE D 53 10.57 -25.22 45.98
N ASP D 54 10.55 -24.03 45.38
CA ASP D 54 11.17 -23.84 44.07
C ASP D 54 12.69 -23.96 44.14
N ILE D 55 13.30 -23.50 45.23
CA ILE D 55 14.74 -23.54 45.35
C ILE D 55 15.24 -24.98 45.36
N THR D 56 14.69 -25.80 46.25
CA THR D 56 15.11 -27.19 46.35
C THR D 56 14.74 -27.98 45.10
N GLY D 57 13.58 -27.70 44.53
CA GLY D 57 13.13 -28.43 43.35
C GLY D 57 14.07 -28.27 42.17
N MET D 58 14.42 -27.02 41.86
CA MET D 58 15.37 -26.78 40.77
C MET D 58 16.73 -27.38 41.07
N LYS D 59 17.20 -27.27 42.31
CA LYS D 59 18.48 -27.87 42.69
C LYS D 59 18.45 -29.38 42.52
N GLU D 60 17.40 -30.03 43.05
CA GLU D 60 17.28 -31.47 42.92
C GLU D 60 17.14 -31.88 41.46
N LEU D 61 16.41 -31.09 40.67
CA LEU D 61 16.28 -31.38 39.24
C LEU D 61 17.64 -31.29 38.55
N LEU D 62 18.37 -30.21 38.80
CA LEU D 62 19.68 -30.05 38.18
C LEU D 62 20.66 -31.12 38.66
N GLU D 63 20.52 -31.57 39.89
CA GLU D 63 21.34 -32.68 40.37
C GLU D 63 20.98 -33.97 39.64
N GLY D 64 19.70 -34.18 39.37
CA GLY D 64 19.29 -35.31 38.55
C GLY D 64 19.82 -35.19 37.12
N LEU D 65 19.99 -33.97 36.65
CA LEU D 65 20.64 -33.70 35.37
C LEU D 65 22.15 -33.63 35.49
N ASP D 66 22.70 -34.05 36.64
CA ASP D 66 24.14 -34.15 36.88
C ASP D 66 24.80 -32.76 36.86
N TYR D 67 24.27 -31.85 37.68
CA TYR D 67 24.82 -30.50 37.82
C TYR D 67 25.16 -30.24 39.28
N SER D 68 26.34 -29.68 39.52
CA SER D 68 26.70 -29.18 40.84
C SER D 68 26.10 -27.79 41.02
N VAL D 69 25.21 -27.64 42.00
CA VAL D 69 24.36 -26.47 42.12
C VAL D 69 24.90 -25.56 43.23
N ASP D 70 25.25 -24.34 42.85
CA ASP D 70 25.58 -23.29 43.81
C ASP D 70 24.32 -22.48 44.10
N VAL D 71 24.18 -22.07 45.36
CA VAL D 71 22.98 -21.36 45.81
C VAL D 71 23.41 -20.06 46.48
N GLU D 72 22.76 -18.97 46.11
CA GLU D 72 22.93 -17.66 46.74
C GLU D 72 21.56 -17.13 47.10
N GLU D 73 21.44 -16.58 48.31
CA GLU D 73 20.15 -16.09 48.79
C GLU D 73 20.30 -14.69 49.38
N ASN D 74 19.36 -13.83 49.05
CA ASN D 74 19.24 -12.49 49.62
C ASN D 74 20.52 -11.69 49.42
N LEU D 75 20.69 -11.12 48.23
CA LEU D 75 21.87 -10.34 47.89
C LEU D 75 21.45 -8.99 47.33
N THR D 76 22.35 -8.02 47.43
CA THR D 76 22.16 -6.75 46.76
C THR D 76 22.57 -6.86 45.30
N ALA D 77 22.20 -5.85 44.51
CA ALA D 77 22.51 -5.85 43.09
C ALA D 77 24.01 -6.01 42.84
N ARG D 78 24.84 -5.31 43.62
CA ARG D 78 26.28 -5.47 43.49
C ARG D 78 26.73 -6.88 43.86
N ASP D 79 26.18 -7.42 44.95
CA ASP D 79 26.55 -8.78 45.36
C ASP D 79 26.10 -9.81 44.32
N MET D 80 24.95 -9.58 43.70
CA MET D 80 24.48 -10.48 42.66
C MET D 80 25.40 -10.41 41.43
N GLU D 81 25.76 -9.21 41.01
CA GLU D 81 26.70 -9.06 39.90
C GLU D 81 28.05 -9.71 40.23
N SER D 82 28.56 -9.46 41.43
CA SER D 82 29.85 -10.04 41.82
C SER D 82 29.79 -11.56 41.84
N ALA D 83 28.70 -12.13 42.35
CA ALA D 83 28.55 -13.59 42.37
C ALA D 83 28.50 -14.15 40.95
N LEU D 84 27.85 -13.43 40.03
CA LEU D 84 27.74 -13.91 38.66
C LEU D 84 29.09 -13.88 37.95
N ARG D 85 29.86 -12.82 38.16
CA ARG D 85 31.22 -12.78 37.61
C ARG D 85 32.10 -13.86 38.24
N ALA D 86 31.89 -14.15 39.53
CA ALA D 86 32.65 -15.22 40.18
C ALA D 86 32.31 -16.57 39.58
N PHE D 87 31.03 -16.80 39.27
CA PHE D 87 30.63 -18.06 38.64
C PHE D 87 31.19 -18.17 37.22
N ALA D 88 31.25 -17.05 36.50
CA ALA D 88 31.76 -17.08 35.13
C ALA D 88 33.25 -17.35 35.10
N THR D 89 33.97 -17.01 36.16
CA THR D 89 35.42 -17.19 36.23
C THR D 89 35.83 -18.54 36.79
N ARG D 90 34.89 -19.36 37.24
CA ARG D 90 35.23 -20.65 37.83
C ARG D 90 35.82 -21.57 36.77
N PRO D 91 36.93 -22.25 37.05
CA PRO D 91 37.63 -23.02 36.00
C PRO D 91 36.98 -24.35 35.66
N GLU D 92 36.04 -24.85 36.45
CA GLU D 92 35.41 -26.13 36.15
C GLU D 92 34.64 -26.11 34.84
N HIS D 93 34.26 -24.93 34.35
CA HIS D 93 33.57 -24.83 33.06
C HIS D 93 34.42 -25.34 31.91
N LYS D 94 35.75 -25.36 32.07
CA LYS D 94 36.60 -25.94 31.05
C LYS D 94 36.29 -27.42 30.84
N SER D 95 35.87 -28.12 31.90
CA SER D 95 35.51 -29.53 31.82
C SER D 95 34.01 -29.74 31.73
N SER D 96 33.22 -28.67 31.56
CA SER D 96 31.78 -28.77 31.45
C SER D 96 31.34 -28.62 30.00
N ASP D 97 30.04 -28.81 29.77
CA ASP D 97 29.46 -28.65 28.44
C ASP D 97 28.29 -27.69 28.40
N SER D 98 27.77 -27.26 29.55
CA SER D 98 26.60 -26.38 29.61
C SER D 98 26.55 -25.77 31.01
N THR D 99 25.51 -24.96 31.24
CA THR D 99 25.32 -24.34 32.54
C THR D 99 23.87 -23.88 32.65
N PHE D 100 23.42 -23.73 33.90
CA PHE D 100 22.08 -23.26 34.20
C PHE D 100 22.16 -22.11 35.19
N LEU D 101 21.29 -21.11 35.02
CA LEU D 101 21.21 -19.95 35.90
C LEU D 101 19.75 -19.76 36.28
N VAL D 102 19.40 -20.11 37.51
CA VAL D 102 18.02 -20.05 37.99
C VAL D 102 17.90 -18.84 38.91
N LEU D 103 17.24 -17.80 38.42
CA LEU D 103 17.03 -16.56 39.16
C LEU D 103 15.58 -16.45 39.60
N MET D 104 15.36 -16.15 40.87
CA MET D 104 14.02 -16.06 41.44
C MET D 104 13.97 -14.91 42.44
N SER D 105 13.27 -13.84 42.08
CA SER D 105 13.07 -12.70 42.96
C SER D 105 12.01 -11.80 42.33
N HIS D 106 11.71 -10.69 43.00
CA HIS D 106 10.91 -9.66 42.35
C HIS D 106 11.70 -9.01 41.23
N GLY D 107 10.97 -8.43 40.28
CA GLY D 107 11.65 -7.82 39.15
C GLY D 107 10.74 -6.83 38.44
N ILE D 108 11.28 -6.25 37.38
CA ILE D 108 10.52 -5.39 36.48
C ILE D 108 10.89 -5.76 35.05
N LEU D 109 10.43 -4.95 34.08
CA LEU D 109 10.81 -5.19 32.69
C LEU D 109 12.30 -4.99 32.48
N GLU D 110 12.91 -4.05 33.21
CA GLU D 110 14.32 -3.74 33.01
C GLU D 110 15.21 -4.85 33.56
N GLY D 111 14.86 -5.41 34.71
CA GLY D 111 15.67 -6.45 35.32
C GLY D 111 15.02 -7.11 36.52
N ILE D 112 15.84 -7.52 37.48
CA ILE D 112 15.39 -8.25 38.67
C ILE D 112 15.74 -7.43 39.90
N CYS D 113 14.85 -7.43 40.89
CA CYS D 113 15.05 -6.61 42.08
C CYS D 113 16.02 -7.28 43.05
N GLY D 114 16.74 -6.45 43.79
CA GLY D 114 17.59 -6.91 44.88
C GLY D 114 16.87 -6.93 46.20
N THR D 115 17.66 -6.94 47.28
CA THR D 115 17.09 -6.94 48.62
C THR D 115 16.71 -5.54 49.07
N VAL D 116 17.49 -4.54 48.68
CA VAL D 116 17.28 -3.17 49.13
C VAL D 116 16.67 -2.34 48.01
N HIS D 117 15.76 -2.94 47.26
CA HIS D 117 15.12 -2.26 46.14
C HIS D 117 13.94 -1.43 46.62
N ASP D 118 13.77 -0.26 46.03
CA ASP D 118 12.64 0.60 46.34
C ASP D 118 12.28 1.42 45.12
N GLU D 119 11.06 1.96 45.13
CA GLU D 119 10.59 2.78 44.01
C GLU D 119 11.45 4.04 43.86
N LYS D 120 11.81 4.67 44.99
CA LYS D 120 12.61 5.89 44.93
C LYS D 120 14.11 5.60 44.81
N LYS D 121 14.56 4.46 45.34
CA LYS D 121 15.96 4.05 45.27
C LYS D 121 16.04 2.67 44.62
N PRO D 122 16.06 2.60 43.29
CA PRO D 122 16.02 1.29 42.62
C PRO D 122 17.33 0.54 42.78
N ASP D 123 17.23 -0.69 43.26
CA ASP D 123 18.35 -1.64 43.36
C ASP D 123 17.98 -2.84 42.50
N VAL D 124 18.42 -2.82 41.24
CA VAL D 124 17.99 -3.78 40.23
C VAL D 124 19.20 -4.27 39.44
N LEU D 125 19.24 -5.57 39.19
CA LEU D 125 20.24 -6.18 38.31
C LEU D 125 19.63 -6.35 36.93
N LEU D 126 20.31 -5.82 35.91
CA LEU D 126 19.78 -5.82 34.55
C LEU D 126 20.00 -7.16 33.87
N TYR D 127 19.03 -7.53 33.02
CA TYR D 127 19.20 -8.73 32.19
C TYR D 127 20.39 -8.59 31.25
N ASP D 128 20.57 -7.39 30.67
CA ASP D 128 21.69 -7.17 29.77
C ASP D 128 23.02 -7.35 30.47
N THR D 129 23.08 -7.07 31.77
CA THR D 129 24.30 -7.30 32.54
C THR D 129 24.67 -8.78 32.53
N ILE D 130 23.67 -9.66 32.65
CA ILE D 130 23.93 -11.10 32.67
C ILE D 130 24.53 -11.55 31.35
N PHE D 131 23.89 -11.17 30.23
CA PHE D 131 24.42 -11.52 28.93
C PHE D 131 25.81 -10.92 28.71
N GLN D 132 26.06 -9.75 29.26
CA GLN D 132 27.39 -9.15 29.18
C GLN D 132 28.42 -9.98 29.95
N ILE D 133 28.01 -10.57 31.07
CA ILE D 133 28.93 -11.35 31.88
C ILE D 133 29.29 -12.67 31.19
N PHE D 134 28.31 -13.33 30.59
CA PHE D 134 28.48 -14.68 30.07
C PHE D 134 28.66 -14.73 28.56
N ASN D 135 28.87 -13.59 27.90
CA ASN D 135 29.11 -13.62 26.46
C ASN D 135 30.48 -14.24 26.18
N ASN D 136 30.80 -14.38 24.90
CA ASN D 136 32.04 -15.03 24.49
C ASN D 136 33.27 -14.17 24.74
N ARG D 137 33.11 -12.90 25.08
CA ARG D 137 34.27 -12.06 25.37
C ARG D 137 34.73 -12.18 26.82
N ASN D 138 33.80 -12.04 27.76
CA ASN D 138 34.19 -12.05 29.17
C ASN D 138 34.32 -13.47 29.72
N CYS D 139 33.50 -14.41 29.23
CA CYS D 139 33.57 -15.81 29.62
C CYS D 139 33.94 -16.63 28.40
N LEU D 140 35.18 -17.11 28.35
CA LEU D 140 35.68 -17.86 27.20
C LEU D 140 35.67 -19.36 27.40
N SER D 141 35.53 -19.84 28.63
CA SER D 141 35.46 -21.28 28.84
C SER D 141 34.13 -21.86 28.40
N LEU D 142 33.09 -21.03 28.29
CA LEU D 142 31.78 -21.46 27.82
C LEU D 142 31.52 -21.07 26.37
N LYS D 143 32.57 -20.96 25.56
CA LYS D 143 32.40 -20.67 24.14
C LYS D 143 31.82 -21.88 23.43
N ASP D 144 30.80 -21.64 22.59
CA ASP D 144 30.14 -22.69 21.81
C ASP D 144 29.44 -23.71 22.71
N LYS D 145 29.05 -23.29 23.91
CA LYS D 145 28.35 -24.16 24.83
C LYS D 145 27.01 -23.55 25.23
N PRO D 146 25.97 -24.36 25.39
CA PRO D 146 24.65 -23.82 25.75
C PRO D 146 24.69 -23.09 27.09
N LYS D 147 23.92 -22.01 27.18
CA LYS D 147 23.81 -21.19 28.39
C LYS D 147 22.32 -20.93 28.63
N VAL D 148 21.76 -21.63 29.61
CA VAL D 148 20.32 -21.60 29.88
C VAL D 148 20.08 -20.69 31.08
N ILE D 149 19.32 -19.62 30.87
CA ILE D 149 18.99 -18.67 31.93
C ILE D 149 17.50 -18.78 32.17
N ILE D 150 17.12 -19.48 33.24
CA ILE D 150 15.73 -19.65 33.63
C ILE D 150 15.46 -18.68 34.78
N VAL D 151 14.61 -17.68 34.53
CA VAL D 151 14.33 -16.66 35.53
C VAL D 151 12.85 -16.71 35.88
N GLN D 152 12.53 -16.22 37.07
CA GLN D 152 11.15 -16.01 37.50
C GLN D 152 11.10 -14.66 38.22
N ALA D 153 10.79 -13.62 37.45
CA ALA D 153 10.62 -12.28 37.98
C ALA D 153 9.53 -11.63 37.16
N ALA D 154 8.47 -11.16 37.83
CA ALA D 154 7.43 -10.43 37.13
C ALA D 154 8.04 -9.23 36.43
N ARG D 155 7.58 -8.98 35.20
CA ARG D 155 8.17 -7.93 34.38
C ARG D 155 7.27 -6.71 34.27
N GLY D 156 6.11 -6.74 34.92
CA GLY D 156 5.23 -5.59 34.98
C GLY D 156 4.25 -5.77 36.12
N ALA D 157 3.60 -4.67 36.49
CA ALA D 157 2.58 -4.71 37.52
C ALA D 157 1.19 -4.99 36.96
N ASN D 158 1.01 -4.92 35.65
CA ASN D 158 -0.27 -5.23 35.03
C ASN D 158 -0.45 -6.73 34.88
N ARG D 159 -1.64 -7.21 35.23
CA ARG D 159 -1.97 -8.61 35.00
C ARG D 159 -2.01 -8.90 33.49
N GLY D 160 -1.82 -10.16 33.15
CA GLY D 160 -1.79 -10.55 31.75
C GLY D 160 -2.98 -11.36 31.30
N GLU D 161 -4.19 -10.87 31.61
CA GLU D 161 -5.41 -11.56 31.24
C GLU D 161 -6.41 -10.58 30.63
N LEU D 162 -7.24 -11.11 29.73
CA LEU D 162 -8.32 -10.34 29.11
C LEU D 162 -9.62 -11.12 29.11
N TRP D 163 -10.60 -10.65 28.35
CA TRP D 163 -11.91 -11.31 28.25
C TRP D 163 -12.39 -11.22 26.82
N VAL D 164 -12.89 -12.34 26.29
CA VAL D 164 -13.25 -12.47 24.88
C VAL D 164 -14.71 -12.89 24.75
N ARG D 165 -15.35 -12.39 23.69
CA ARG D 165 -16.72 -12.72 23.35
C ARG D 165 -16.85 -14.23 23.04
N ASP D 166 -18.09 -14.68 22.96
CA ASP D 166 -18.37 -16.07 22.62
C ASP D 166 -19.61 -16.15 21.72
N SER D 179 -8.83 -21.75 43.26
CA SER D 179 -7.35 -21.85 43.30
C SER D 179 -6.74 -20.45 43.38
N GLU D 180 -7.12 -19.69 44.41
CA GLU D 180 -6.60 -18.32 44.61
C GLU D 180 -5.93 -18.26 45.98
N ASN D 181 -4.70 -18.78 46.04
CA ASN D 181 -3.88 -18.72 47.25
C ASN D 181 -2.45 -18.31 46.90
N LEU D 182 -2.30 -17.51 45.84
CA LEU D 182 -0.99 -17.20 45.29
C LEU D 182 -0.72 -15.71 45.36
N GLU D 183 0.52 -15.36 45.70
CA GLU D 183 0.98 -13.99 45.68
C GLU D 183 1.61 -13.66 44.32
N GLU D 184 1.92 -12.38 44.13
CA GLU D 184 2.47 -11.88 42.88
C GLU D 184 3.90 -11.40 43.07
N ASP D 185 4.77 -11.72 42.12
CA ASP D 185 6.15 -11.28 42.14
C ASP D 185 6.29 -9.85 41.64
N ALA E 1 13.50 -23.09 -6.43
CA ALA E 1 12.06 -23.08 -6.17
C ALA E 1 11.75 -23.54 -4.75
N LEU E 2 10.56 -23.20 -4.27
CA LEU E 2 10.11 -23.59 -2.94
C LEU E 2 9.46 -24.97 -3.01
N LYS E 3 10.05 -25.94 -2.32
CA LYS E 3 9.47 -27.27 -2.29
C LYS E 3 8.19 -27.28 -1.46
N LEU E 4 7.24 -28.11 -1.86
CA LEU E 4 5.92 -28.17 -1.24
C LEU E 4 5.74 -29.47 -0.48
N CYS E 5 4.90 -29.42 0.55
CA CYS E 5 4.55 -30.60 1.34
C CYS E 5 3.38 -31.32 0.69
N PRO E 6 3.49 -32.62 0.43
CA PRO E 6 2.38 -33.36 -0.17
C PRO E 6 1.15 -33.36 0.73
N HIS E 7 -0.01 -33.58 0.10
CA HIS E 7 -1.27 -33.54 0.82
C HIS E 7 -1.37 -34.62 1.90
N GLU E 8 -0.77 -35.79 1.65
CA GLU E 8 -0.86 -36.88 2.63
C GLU E 8 -0.23 -36.46 3.96
N GLU E 9 1.00 -35.95 3.92
CA GLU E 9 1.68 -35.57 5.17
C GLU E 9 0.97 -34.40 5.83
N PHE E 10 0.43 -33.48 5.02
CA PHE E 10 -0.36 -32.40 5.59
C PHE E 10 -1.53 -32.94 6.40
N LEU E 11 -2.27 -33.90 5.84
CA LEU E 11 -3.44 -34.44 6.53
C LEU E 11 -3.04 -35.30 7.72
N ARG E 12 -1.98 -36.09 7.56
CA ARG E 12 -1.52 -36.93 8.68
C ARG E 12 -0.99 -36.09 9.83
N LEU E 13 -0.22 -35.04 9.52
CA LEU E 13 0.31 -34.17 10.57
C LEU E 13 -0.80 -33.46 11.31
N CYS E 14 -1.81 -32.96 10.59
CA CYS E 14 -2.94 -32.31 11.24
C CYS E 14 -3.73 -33.29 12.10
N LYS E 15 -3.70 -34.57 11.75
CA LYS E 15 -4.47 -35.57 12.51
C LYS E 15 -3.73 -36.01 13.77
N GLU E 16 -2.42 -36.27 13.66
CA GLU E 16 -1.68 -36.89 14.75
C GLU E 16 -0.96 -35.90 15.65
N ARG E 17 -0.92 -34.62 15.27
CA ARG E 17 -0.35 -33.55 16.10
C ARG E 17 -1.30 -32.37 16.16
N ALA E 18 -2.59 -32.64 16.33
CA ALA E 18 -3.60 -31.58 16.29
C ALA E 18 -3.39 -30.58 17.41
N GLU E 19 -3.20 -31.07 18.64
CA GLU E 19 -3.10 -30.19 19.79
C GLU E 19 -1.70 -29.61 19.98
N GLU E 20 -0.72 -30.06 19.21
CA GLU E 20 0.65 -29.55 19.33
C GLU E 20 0.99 -28.51 18.27
N ILE E 21 0.24 -28.42 17.19
CA ILE E 21 0.51 -27.47 16.13
C ILE E 21 -0.67 -26.52 15.98
N TYR E 22 -0.40 -25.38 15.37
CA TYR E 22 -1.48 -24.41 15.14
C TYR E 22 -2.36 -24.90 13.99
N PRO E 23 -3.68 -24.73 14.11
CA PRO E 23 -4.57 -25.20 13.05
C PRO E 23 -4.44 -24.35 11.79
N ILE E 24 -4.88 -24.92 10.67
CA ILE E 24 -4.77 -24.29 9.37
C ILE E 24 -6.16 -24.19 8.76
N LYS E 25 -6.49 -23.00 8.26
CA LYS E 25 -7.73 -22.82 7.52
C LYS E 25 -7.58 -23.39 6.11
N GLU E 26 -8.66 -24.01 5.63
CA GLU E 26 -8.66 -24.59 4.29
C GLU E 26 -8.21 -23.56 3.26
N ARG E 27 -7.30 -23.96 2.38
CA ARG E 27 -6.77 -23.02 1.40
C ARG E 27 -7.89 -22.41 0.57
N ASN E 28 -8.87 -23.22 0.20
CA ASN E 28 -10.07 -22.69 -0.43
C ASN E 28 -10.82 -21.84 0.60
N ASN E 29 -11.12 -20.60 0.23
CA ASN E 29 -11.75 -19.63 1.14
C ASN E 29 -10.83 -19.29 2.30
N ARG E 30 -9.64 -18.80 1.96
CA ARG E 30 -8.63 -18.38 2.90
C ARG E 30 -8.11 -17.01 2.50
N THR E 31 -7.78 -16.18 3.49
CA THR E 31 -7.32 -14.81 3.24
C THR E 31 -6.10 -14.52 4.11
N ARG E 32 -4.98 -15.18 3.81
CA ARG E 32 -3.75 -14.90 4.53
C ARG E 32 -3.17 -13.57 4.06
N LEU E 33 -2.83 -12.70 5.01
CA LEU E 33 -2.28 -11.39 4.71
C LEU E 33 -0.91 -11.25 5.35
N ALA E 34 0.00 -10.58 4.64
CA ALA E 34 1.32 -10.28 5.16
C ALA E 34 1.65 -8.83 4.82
N LEU E 35 2.51 -8.23 5.65
CA LEU E 35 2.84 -6.82 5.52
C LEU E 35 4.35 -6.66 5.49
N ILE E 36 4.83 -5.79 4.60
CA ILE E 36 6.24 -5.48 4.45
C ILE E 36 6.42 -3.98 4.57
N ILE E 37 7.35 -3.56 5.42
CA ILE E 37 7.75 -2.17 5.55
C ILE E 37 9.25 -2.10 5.31
N CYS E 38 9.67 -1.23 4.39
CA CYS E 38 11.06 -1.15 4.00
C CYS E 38 11.42 0.30 3.67
N ASN E 39 12.32 0.88 4.45
CA ASN E 39 12.79 2.24 4.23
C ASN E 39 14.12 2.19 3.50
N THR E 40 14.16 2.80 2.31
CA THR E 40 15.35 2.80 1.47
C THR E 40 16.04 4.16 1.42
N GLU E 41 15.27 5.24 1.43
CA GLU E 41 15.82 6.59 1.36
C GLU E 41 15.66 7.28 2.70
N PHE E 42 16.70 8.02 3.10
CA PHE E 42 16.71 8.68 4.40
C PHE E 42 17.24 10.10 4.23
N ASP E 43 17.11 10.90 5.28
CA ASP E 43 17.63 12.26 5.29
C ASP E 43 18.97 12.38 5.99
N HIS E 44 19.33 11.42 6.84
CA HIS E 44 20.57 11.49 7.59
C HIS E 44 21.34 10.17 7.59
N LEU E 45 20.88 9.16 6.85
CA LEU E 45 21.51 7.86 6.85
C LEU E 45 21.77 7.40 5.41
N PRO E 46 22.80 6.60 5.20
CA PRO E 46 23.10 6.15 3.85
C PRO E 46 21.97 5.31 3.28
N PRO E 47 21.84 5.28 1.96
CA PRO E 47 20.73 4.51 1.37
C PRO E 47 20.99 3.02 1.47
N ARG E 48 19.92 2.26 1.69
CA ARG E 48 20.02 0.81 1.78
C ARG E 48 19.72 0.20 0.41
N ASN E 49 20.67 0.43 -0.51
CA ASN E 49 20.52 -0.04 -1.87
C ASN E 49 20.63 -1.56 -1.92
N GLY E 50 19.79 -2.17 -2.77
CA GLY E 50 19.68 -3.61 -2.82
C GLY E 50 18.50 -4.16 -2.04
N ALA E 51 17.89 -3.36 -1.17
CA ALA E 51 16.75 -3.83 -0.39
C ALA E 51 15.58 -4.24 -1.29
N ASP E 52 15.53 -3.72 -2.51
CA ASP E 52 14.50 -4.16 -3.46
C ASP E 52 14.58 -5.68 -3.67
N PHE E 53 15.79 -6.22 -3.73
CA PHE E 53 15.94 -7.67 -3.85
C PHE E 53 15.28 -8.39 -2.67
N ASP E 54 15.44 -7.85 -1.46
CA ASP E 54 14.81 -8.47 -0.29
C ASP E 54 13.30 -8.33 -0.35
N ILE E 55 12.81 -7.18 -0.85
CA ILE E 55 11.36 -6.96 -0.93
C ILE E 55 10.71 -7.96 -1.88
N THR E 56 11.26 -8.08 -3.10
CA THR E 56 10.68 -8.99 -4.07
C THR E 56 10.82 -10.44 -3.62
N GLY E 57 11.96 -10.78 -3.02
CA GLY E 57 12.15 -12.15 -2.55
C GLY E 57 11.17 -12.54 -1.47
N MET E 58 11.02 -11.68 -0.45
CA MET E 58 10.06 -11.95 0.61
C MET E 58 8.63 -11.98 0.08
N LYS E 59 8.30 -11.06 -0.83
CA LYS E 59 6.95 -11.03 -1.41
C LYS E 59 6.66 -12.30 -2.19
N GLU E 60 7.58 -12.69 -3.08
CA GLU E 60 7.38 -13.92 -3.85
C GLU E 60 7.33 -15.15 -2.95
N LEU E 61 8.15 -15.17 -1.90
CA LEU E 61 8.14 -16.30 -0.97
C LEU E 61 6.79 -16.40 -0.26
N LEU E 62 6.31 -15.28 0.29
CA LEU E 62 5.02 -15.30 0.98
C LEU E 62 3.88 -15.61 0.02
N GLU E 63 4.00 -15.20 -1.24
CA GLU E 63 3.00 -15.58 -2.23
C GLU E 63 3.05 -17.09 -2.48
N GLY E 64 4.26 -17.66 -2.51
CA GLY E 64 4.38 -19.11 -2.57
C GLY E 64 3.81 -19.79 -1.34
N LEU E 65 3.87 -19.11 -0.19
CA LEU E 65 3.22 -19.58 1.03
C LEU E 65 1.77 -19.13 1.10
N ASP E 66 1.22 -18.63 -0.01
CA ASP E 66 -0.20 -18.26 -0.12
C ASP E 66 -0.55 -17.09 0.78
N TYR E 67 0.21 -16.00 0.66
CA TYR E 67 -0.03 -14.77 1.41
C TYR E 67 -0.21 -13.61 0.44
N SER E 68 -1.24 -12.80 0.67
CA SER E 68 -1.38 -11.54 -0.06
C SER E 68 -0.47 -10.51 0.59
N VAL E 69 0.51 -10.02 -0.16
CA VAL E 69 1.61 -9.23 0.39
C VAL E 69 1.36 -7.75 0.12
N ASP E 70 1.20 -6.98 1.19
CA ASP E 70 1.18 -5.52 1.11
C ASP E 70 2.57 -4.98 1.39
N VAL E 71 2.95 -3.92 0.67
CA VAL E 71 4.28 -3.35 0.75
C VAL E 71 4.14 -1.87 1.06
N GLU E 72 4.93 -1.38 2.01
CA GLU E 72 5.02 0.03 2.34
C GLU E 72 6.48 0.43 2.33
N GLU E 73 6.77 1.60 1.75
CA GLU E 73 8.15 2.06 1.60
C GLU E 73 8.29 3.49 2.08
N ASN E 74 9.41 3.72 2.77
CA ASN E 74 9.87 5.06 3.26
C ASN E 74 8.84 5.76 4.13
N LEU E 75 8.61 5.31 5.36
CA LEU E 75 7.63 6.01 6.22
C LEU E 75 8.31 6.63 7.44
N THR E 76 7.64 7.59 8.07
CA THR E 76 8.07 8.08 9.36
C THR E 76 7.53 7.20 10.48
N ALA E 77 8.07 7.38 11.68
CA ALA E 77 7.63 6.59 12.83
C ALA E 77 6.13 6.70 13.03
N ARG E 78 5.59 7.91 12.92
CA ARG E 78 4.13 8.08 13.03
C ARG E 78 3.41 7.35 11.90
N ASP E 79 3.91 7.47 10.67
CA ASP E 79 3.29 6.77 9.55
C ASP E 79 3.43 5.26 9.69
N MET E 80 4.56 4.80 10.23
CA MET E 80 4.75 3.37 10.45
C MET E 80 3.78 2.83 11.49
N GLU E 81 3.62 3.55 12.60
CA GLU E 81 2.66 3.14 13.62
C GLU E 81 1.25 3.12 13.05
N SER E 82 0.87 4.17 12.32
CA SER E 82 -0.46 4.24 11.75
C SER E 82 -0.72 3.12 10.75
N ALA E 83 0.27 2.81 9.92
CA ALA E 83 0.12 1.72 8.95
C ALA E 83 -0.05 0.38 9.64
N LEU E 84 0.64 0.16 10.75
CA LEU E 84 0.56 -1.13 11.45
C LEU E 84 -0.81 -1.32 12.09
N ARG E 85 -1.30 -0.32 12.83
CA ARG E 85 -2.60 -0.45 13.46
C ARG E 85 -3.73 -0.38 12.45
N ALA E 86 -3.47 0.14 11.25
CA ALA E 86 -4.43 0.01 10.15
C ALA E 86 -4.43 -1.41 9.60
N PHE E 87 -3.25 -2.03 9.54
CA PHE E 87 -3.16 -3.42 9.08
C PHE E 87 -3.81 -4.38 10.08
N ALA E 88 -3.69 -4.08 11.38
CA ALA E 88 -4.28 -4.94 12.40
C ALA E 88 -5.80 -4.91 12.37
N THR E 89 -6.40 -3.84 11.87
CA THR E 89 -7.85 -3.70 11.84
C THR E 89 -8.47 -4.25 10.56
N ARG E 90 -7.65 -4.72 9.62
CA ARG E 90 -8.18 -5.24 8.36
C ARG E 90 -8.99 -6.52 8.61
N PRO E 91 -10.17 -6.64 8.03
CA PRO E 91 -11.08 -7.75 8.40
C PRO E 91 -10.72 -9.10 7.80
N GLU E 92 -9.82 -9.16 6.81
CA GLU E 92 -9.47 -10.45 6.22
C GLU E 92 -8.78 -11.37 7.23
N HIS E 93 -8.20 -10.82 8.29
CA HIS E 93 -7.58 -11.64 9.33
C HIS E 93 -8.59 -12.52 10.05
N LYS E 94 -9.87 -12.15 10.02
CA LYS E 94 -10.90 -12.99 10.61
C LYS E 94 -11.00 -14.34 9.91
N SER E 95 -10.71 -14.38 8.61
CA SER E 95 -10.71 -15.61 7.84
C SER E 95 -9.32 -16.19 7.64
N SER E 96 -8.31 -15.63 8.31
CA SER E 96 -6.94 -16.09 8.20
C SER E 96 -6.56 -16.92 9.41
N ASP E 97 -5.35 -17.49 9.37
CA ASP E 97 -4.82 -18.28 10.46
C ASP E 97 -3.47 -17.80 10.98
N SER E 98 -2.82 -16.87 10.29
CA SER E 98 -1.49 -16.41 10.67
C SER E 98 -1.23 -15.08 9.99
N THR E 99 -0.04 -14.52 10.23
CA THR E 99 0.35 -13.26 9.61
C THR E 99 1.86 -13.10 9.71
N PHE E 100 2.41 -12.27 8.82
CA PHE E 100 3.82 -11.95 8.78
C PHE E 100 4.00 -10.45 8.73
N LEU E 101 5.04 -9.96 9.41
CA LEU E 101 5.39 -8.54 9.44
C LEU E 101 6.88 -8.41 9.16
N VAL E 102 7.24 -7.98 7.97
CA VAL E 102 8.62 -7.90 7.53
C VAL E 102 9.05 -6.44 7.57
N LEU E 103 9.88 -6.09 8.55
CA LEU E 103 10.38 -4.73 8.73
C LEU E 103 11.84 -4.68 8.34
N MET E 104 12.19 -3.69 7.52
CA MET E 104 13.56 -3.56 7.00
C MET E 104 13.95 -2.08 6.99
N SER E 105 14.83 -1.69 7.91
CA SER E 105 15.36 -0.33 7.97
C SER E 105 16.52 -0.32 8.96
N HIS E 106 17.10 0.86 9.15
CA HIS E 106 18.03 1.07 10.24
C HIS E 106 17.28 1.02 11.57
N GLY E 107 18.03 0.73 12.64
CA GLY E 107 17.39 0.62 13.94
C GLY E 107 18.40 0.76 15.06
N ILE E 108 17.89 0.66 16.29
CA ILE E 108 18.70 0.61 17.50
C ILE E 108 18.15 -0.49 18.40
N LEU E 109 18.64 -0.52 19.65
CA LEU E 109 18.12 -1.49 20.61
C LEU E 109 16.64 -1.24 20.92
N GLU E 110 16.21 0.03 20.90
CA GLU E 110 14.83 0.34 21.28
C GLU E 110 13.84 -0.08 20.20
N GLY E 111 14.17 0.16 18.93
CA GLY E 111 13.25 -0.16 17.86
C GLY E 111 13.84 -0.01 16.47
N ILE E 112 13.01 0.39 15.51
CA ILE E 112 13.39 0.52 14.11
C ILE E 112 13.23 1.97 13.70
N CYS E 113 14.17 2.48 12.91
CA CYS E 113 14.19 3.89 12.53
C CYS E 113 13.23 4.16 11.36
N GLY E 114 12.72 5.39 11.33
CA GLY E 114 11.94 5.88 10.21
C GLY E 114 12.81 6.56 9.18
N THR E 115 12.16 7.37 8.35
CA THR E 115 12.87 8.09 7.29
C THR E 115 13.53 9.36 7.81
N VAL E 116 12.89 10.05 8.76
CA VAL E 116 13.38 11.34 9.24
C VAL E 116 13.99 11.17 10.62
N HIS E 117 14.70 10.06 10.82
CA HIS E 117 15.33 9.76 12.10
C HIS E 117 16.70 10.41 12.19
N ASP E 118 17.04 10.87 13.39
CA ASP E 118 18.36 11.41 13.67
C ASP E 118 18.67 11.15 15.14
N GLU E 119 19.95 11.23 15.47
CA GLU E 119 20.37 11.02 16.85
C GLU E 119 19.77 12.06 17.78
N LYS E 120 19.73 13.31 17.34
CA LYS E 120 19.16 14.39 18.14
C LYS E 120 17.64 14.47 18.00
N LYS E 121 17.10 14.06 16.85
CA LYS E 121 15.65 14.06 16.60
C LYS E 121 15.24 12.65 16.22
N PRO E 122 14.99 11.79 17.20
CA PRO E 122 14.70 10.38 16.90
C PRO E 122 13.31 10.20 16.31
N ASP E 123 13.25 9.52 15.16
CA ASP E 123 12.01 9.08 14.53
C ASP E 123 12.10 7.56 14.48
N VAL E 124 11.58 6.92 15.53
CA VAL E 124 11.77 5.49 15.74
C VAL E 124 10.46 4.87 16.18
N LEU E 125 10.14 3.70 15.62
CA LEU E 125 9.03 2.88 16.06
C LEU E 125 9.55 1.81 17.01
N LEU E 126 8.95 1.73 18.20
CA LEU E 126 9.41 0.80 19.22
C LEU E 126 8.94 -0.61 18.92
N TYR E 127 9.78 -1.58 19.27
CA TYR E 127 9.37 -2.98 19.17
C TYR E 127 8.16 -3.26 20.06
N ASP E 128 8.15 -2.67 21.26
CA ASP E 128 7.02 -2.85 22.17
C ASP E 128 5.72 -2.31 21.58
N THR E 129 5.81 -1.30 20.72
CA THR E 129 4.61 -0.77 20.06
C THR E 129 3.94 -1.83 19.21
N ILE E 130 4.73 -2.65 18.51
CA ILE E 130 4.16 -3.68 17.64
C ILE E 130 3.38 -4.69 18.47
N PHE E 131 3.99 -5.19 19.54
CA PHE E 131 3.30 -6.13 20.42
C PHE E 131 2.06 -5.51 21.04
N GLN E 132 2.10 -4.19 21.30
CA GLN E 132 0.90 -3.50 21.79
C GLN E 132 -0.18 -3.48 20.73
N ILE E 133 0.20 -3.37 19.45
CA ILE E 133 -0.78 -3.29 18.38
C ILE E 133 -1.47 -4.64 18.18
N PHE E 134 -0.72 -5.73 18.24
CA PHE E 134 -1.23 -7.05 17.87
C PHE E 134 -1.55 -7.92 19.07
N ASN E 135 -1.54 -7.38 20.29
CA ASN E 135 -1.93 -8.17 21.44
C ASN E 135 -3.43 -8.45 21.39
N ASN E 136 -3.93 -9.20 22.39
CA ASN E 136 -5.33 -9.55 22.40
C ASN E 136 -6.24 -8.38 22.74
N ARG E 137 -5.69 -7.24 23.16
CA ARG E 137 -6.50 -6.07 23.42
C ARG E 137 -6.75 -5.25 22.15
N ASN E 138 -5.70 -4.90 21.43
CA ASN E 138 -5.85 -4.04 20.26
C ASN E 138 -6.22 -4.81 19.00
N CYS E 139 -5.71 -6.02 18.83
CA CYS E 139 -6.05 -6.86 17.68
C CYS E 139 -6.71 -8.13 18.20
N LEU E 140 -8.04 -8.22 18.03
CA LEU E 140 -8.79 -9.36 18.53
C LEU E 140 -9.12 -10.38 17.46
N SER E 141 -8.99 -10.03 16.18
CA SER E 141 -9.23 -11.00 15.11
C SER E 141 -8.09 -11.99 14.96
N LEU E 142 -6.90 -11.66 15.47
CA LEU E 142 -5.74 -12.55 15.43
C LEU E 142 -5.49 -13.24 16.77
N LYS E 143 -6.54 -13.49 17.54
CA LYS E 143 -6.40 -14.21 18.79
C LYS E 143 -6.09 -15.68 18.52
N ASP E 144 -5.11 -16.21 19.24
CA ASP E 144 -4.70 -17.61 19.11
C ASP E 144 -4.14 -17.92 17.72
N LYS E 145 -3.60 -16.92 17.04
CA LYS E 145 -3.00 -17.10 15.73
C LYS E 145 -1.56 -16.64 15.74
N PRO E 146 -0.66 -17.35 15.04
CA PRO E 146 0.75 -16.95 15.03
C PRO E 146 0.96 -15.56 14.46
N LYS E 147 1.93 -14.85 15.03
CA LYS E 147 2.30 -13.50 14.59
C LYS E 147 3.83 -13.46 14.46
N VAL E 148 4.32 -13.51 13.23
CA VAL E 148 5.74 -13.61 12.95
C VAL E 148 6.25 -12.23 12.54
N ILE E 149 7.20 -11.70 13.31
CA ILE E 149 7.79 -10.39 13.07
C ILE E 149 9.25 -10.61 12.67
N ILE E 150 9.53 -10.53 11.38
CA ILE E 150 10.88 -10.70 10.84
C ILE E 150 11.44 -9.31 10.57
N VAL E 151 12.46 -8.91 11.33
CA VAL E 151 13.05 -7.59 11.22
C VAL E 151 14.53 -7.75 10.86
N GLN E 152 15.09 -6.69 10.28
CA GLN E 152 16.53 -6.59 10.03
C GLN E 152 16.99 -5.17 10.36
N ALA E 153 17.32 -4.96 11.64
CA ALA E 153 17.84 -3.65 12.10
C ALA E 153 19.00 -3.87 13.07
N ALA E 154 20.16 -3.26 12.81
CA ALA E 154 21.28 -3.37 13.77
C ALA E 154 20.86 -2.69 15.08
N ARG E 155 20.96 -3.47 16.17
CA ARG E 155 20.72 -2.97 17.55
C ARG E 155 22.04 -2.41 18.07
N GLY E 156 23.15 -3.11 17.76
CA GLY E 156 24.52 -2.71 18.14
C GLY E 156 25.21 -2.17 16.90
N ALA E 157 25.68 -0.92 16.97
CA ALA E 157 26.33 -0.26 15.82
C ALA E 157 27.72 -0.86 15.57
N ASN E 158 28.23 -1.66 16.50
CA ASN E 158 29.63 -2.15 16.30
C ASN E 158 29.53 -3.59 15.79
N ARG E 159 30.41 -3.99 14.86
CA ARG E 159 30.32 -5.37 14.30
C ARG E 159 30.42 -6.38 15.46
N GLY E 160 29.52 -7.38 15.46
CA GLY E 160 29.49 -8.41 16.50
C GLY E 160 30.45 -9.54 16.18
N GLU E 161 31.76 -9.27 16.33
CA GLU E 161 32.79 -10.26 16.04
C GLU E 161 33.86 -10.24 17.12
N LEU E 162 34.48 -11.40 17.33
CA LEU E 162 35.59 -11.53 18.26
C LEU E 162 36.75 -12.31 17.62
N TRP E 163 37.74 -12.67 18.43
CA TRP E 163 38.88 -13.46 17.99
C TRP E 163 39.28 -14.40 19.12
N VAL E 164 39.48 -15.67 18.79
CA VAL E 164 39.75 -16.71 19.79
C VAL E 164 41.03 -17.46 19.39
N ARG E 165 41.78 -17.87 20.41
CA ARG E 165 42.98 -18.67 20.19
C ARG E 165 42.64 -19.99 19.52
N ASP E 166 43.68 -20.67 19.05
CA ASP E 166 43.54 -21.98 18.42
C ASP E 166 44.70 -22.88 18.81
N SER E 179 33.62 -11.88 0.54
CA SER E 179 33.96 -10.59 -0.04
C SER E 179 33.56 -9.44 0.90
N GLU E 180 33.90 -8.21 0.49
CA GLU E 180 33.63 -7.01 1.30
C GLU E 180 33.12 -5.90 0.37
N ASN E 181 31.84 -5.97 0.02
CA ASN E 181 31.18 -4.95 -0.78
C ASN E 181 29.82 -4.61 -0.20
N LEU E 182 29.69 -4.72 1.12
CA LEU E 182 28.41 -4.64 1.81
C LEU E 182 28.43 -3.50 2.83
N GLU E 183 27.30 -2.80 2.91
CA GLU E 183 27.08 -1.73 3.88
C GLU E 183 26.46 -2.28 5.16
N GLU E 184 26.37 -1.41 6.17
CA GLU E 184 25.85 -1.78 7.48
C GLU E 184 24.52 -1.07 7.75
N ASP E 185 23.56 -1.82 8.27
CA ASP E 185 22.27 -1.26 8.65
C ASP E 185 22.33 -0.63 10.04
N ASP F 1 46.37 18.35 12.87
CA ASP F 1 46.34 18.83 14.25
C ASP F 1 46.07 17.69 15.23
N PHE F 2 45.51 18.03 16.40
CA PHE F 2 45.21 17.02 17.41
C PHE F 2 43.92 16.27 17.10
N GLN F 3 42.92 16.97 16.57
CA GLN F 3 41.66 16.31 16.23
C GLN F 3 41.83 15.32 15.09
N GLY F 4 42.65 15.67 14.09
CA GLY F 4 42.96 14.72 13.05
C GLY F 4 43.80 13.56 13.55
N LEU F 5 44.63 13.81 14.57
CA LEU F 5 45.40 12.72 15.17
C LEU F 5 44.50 11.76 15.93
N ARG F 6 43.55 12.30 16.70
CA ARG F 6 42.62 11.45 17.43
C ARG F 6 41.77 10.62 16.48
N ALA F 7 41.37 11.20 15.35
CA ALA F 7 40.58 10.46 14.37
C ALA F 7 41.41 9.38 13.71
N GLU F 8 42.69 9.67 13.40
CA GLU F 8 43.55 8.66 12.81
C GLU F 8 43.82 7.51 13.78
N VAL F 9 43.90 7.81 15.08
CA VAL F 9 44.13 6.76 16.06
C VAL F 9 42.85 5.95 16.29
N GLU F 10 41.70 6.63 16.32
CA GLU F 10 40.44 5.92 16.54
C GLU F 10 40.10 4.98 15.39
N THR F 11 40.56 5.29 14.18
CA THR F 11 40.31 4.40 13.05
C THR F 11 40.98 3.04 13.22
N ILE F 12 41.97 2.95 14.10
CA ILE F 12 42.64 1.69 14.40
C ILE F 12 42.21 1.14 15.75
N SER F 13 42.04 2.01 16.75
CA SER F 13 41.63 1.55 18.07
C SER F 13 40.23 0.94 18.03
N LYS F 14 39.33 1.51 17.22
CA LYS F 14 37.98 0.97 17.12
C LYS F 14 38.00 -0.46 16.60
N GLU F 15 38.93 -0.79 15.71
CA GLU F 15 39.05 -2.13 15.16
C GLU F 15 39.99 -3.02 15.97
N LEU F 16 40.63 -2.48 17.01
CA LEU F 16 41.44 -3.28 17.93
C LEU F 16 40.69 -3.63 19.21
N GLU F 17 39.56 -2.97 19.48
CA GLU F 17 38.72 -3.37 20.61
C GLU F 17 38.06 -4.72 20.38
N LEU F 18 38.02 -5.19 19.14
CA LEU F 18 37.35 -6.44 18.81
C LEU F 18 38.13 -7.67 19.26
N LEU F 19 39.37 -7.52 19.70
CA LEU F 19 40.11 -8.66 20.21
C LEU F 19 39.56 -9.08 21.57
N ASP F 20 39.58 -10.39 21.81
CA ASP F 20 38.92 -10.93 22.99
C ASP F 20 39.78 -10.74 24.24
N ARG F 21 39.17 -10.99 25.39
CA ARG F 21 39.87 -10.81 26.67
C ARG F 21 41.07 -11.74 26.77
N GLU F 22 40.92 -13.00 26.36
CA GLU F 22 42.06 -13.90 26.34
C GLU F 22 43.12 -13.44 25.34
N LEU F 23 42.69 -13.00 24.15
CA LEU F 23 43.64 -12.50 23.17
C LEU F 23 44.27 -11.18 23.62
N CYS F 24 43.51 -10.34 24.33
CA CYS F 24 44.06 -9.08 24.83
C CYS F 24 45.16 -9.35 25.85
N GLN F 25 44.91 -10.23 26.82
CA GLN F 25 45.89 -10.49 27.86
C GLN F 25 47.11 -11.23 27.31
N LEU F 26 46.89 -12.14 26.36
CA LEU F 26 48.02 -12.88 25.79
C LEU F 26 48.87 -11.99 24.90
N LEU F 27 48.24 -11.09 24.15
CA LEU F 27 49.01 -10.16 23.31
C LEU F 27 49.72 -9.12 24.18
N LEU F 28 49.05 -8.63 25.22
CA LEU F 28 49.71 -7.71 26.15
C LEU F 28 50.88 -8.38 26.85
N GLU F 29 50.74 -9.64 27.21
CA GLU F 29 51.84 -10.37 27.83
C GLU F 29 52.96 -10.61 26.83
N GLY F 30 52.62 -10.91 25.58
CA GLY F 30 53.65 -11.07 24.56
C GLY F 30 54.33 -9.75 24.23
N LEU F 31 53.56 -8.66 24.20
CA LEU F 31 54.16 -7.35 23.97
C LEU F 31 55.00 -6.89 25.16
N GLU F 32 54.61 -7.29 26.38
CA GLU F 32 55.41 -6.96 27.54
C GLU F 32 56.79 -7.61 27.47
N GLY F 33 56.84 -8.86 27.01
CA GLY F 33 58.12 -9.51 26.82
C GLY F 33 58.91 -8.95 25.66
N VAL F 34 58.22 -8.38 24.67
CA VAL F 34 58.91 -7.74 23.56
C VAL F 34 59.40 -6.35 23.95
N LEU F 35 58.66 -5.65 24.81
CA LEU F 35 59.10 -4.33 25.26
C LEU F 35 60.38 -4.41 26.08
N ARG F 36 60.60 -5.53 26.77
CA ARG F 36 61.81 -5.72 27.57
C ARG F 36 62.94 -6.34 26.76
N ASP F 37 62.69 -6.81 25.54
CA ASP F 37 63.67 -7.49 24.71
C ASP F 37 63.73 -6.81 23.35
N GLN F 38 64.78 -6.02 23.12
CA GLN F 38 64.93 -5.33 21.85
C GLN F 38 65.24 -6.30 20.72
N LEU F 39 65.91 -7.41 21.02
CA LEU F 39 66.26 -8.37 19.97
C LEU F 39 65.01 -9.04 19.41
N ALA F 40 64.06 -9.39 20.27
CA ALA F 40 62.82 -10.00 19.79
C ALA F 40 61.97 -9.00 19.02
N LEU F 41 62.04 -7.71 19.37
CA LEU F 41 61.29 -6.69 18.65
C LEU F 41 61.81 -6.54 17.22
N ARG F 42 63.13 -6.50 17.05
CA ARG F 42 63.69 -6.38 15.71
C ARG F 42 63.49 -7.65 14.90
N ALA F 43 63.55 -8.81 15.56
CA ALA F 43 63.35 -10.07 14.86
C ALA F 43 61.92 -10.17 14.30
N LEU F 44 60.94 -9.67 15.05
CA LEU F 44 59.58 -9.66 14.56
C LEU F 44 59.38 -8.63 13.46
N GLU F 45 60.02 -7.47 13.60
CA GLU F 45 59.89 -6.42 12.58
C GLU F 45 60.52 -6.86 11.26
N GLU F 46 61.47 -7.79 11.31
CA GLU F 46 62.08 -8.32 10.11
C GLU F 46 61.30 -9.50 9.54
N ALA F 47 60.75 -10.34 10.41
CA ALA F 47 60.01 -11.52 9.98
C ALA F 47 58.74 -11.14 9.25
N GLN F 52 53.54 -8.34 3.86
CA GLN F 52 53.11 -8.67 2.51
C GLN F 52 53.54 -10.07 2.12
N SER F 53 53.89 -10.88 3.13
CA SER F 53 54.27 -12.26 2.90
C SER F 53 53.10 -13.05 2.32
N LEU F 54 53.13 -13.29 1.01
CA LEU F 54 52.01 -13.94 0.34
C LEU F 54 51.84 -15.39 0.75
N GLY F 55 52.86 -16.01 1.32
CA GLY F 55 52.78 -17.40 1.71
C GLY F 55 52.59 -17.56 3.20
N PRO F 56 52.59 -18.81 3.67
CA PRO F 56 52.44 -19.06 5.11
C PRO F 56 53.67 -18.61 5.88
N VAL F 57 53.47 -18.28 7.15
CA VAL F 57 54.51 -17.76 8.03
C VAL F 57 54.97 -18.88 8.96
N GLU F 58 56.27 -19.06 9.06
CA GLU F 58 56.81 -20.05 9.98
C GLU F 58 56.59 -19.60 11.43
N PRO F 59 56.25 -20.52 12.32
CA PRO F 59 56.04 -20.11 13.72
C PRO F 59 57.34 -19.71 14.39
N LEU F 60 57.28 -18.63 15.16
CA LEU F 60 58.43 -18.12 15.89
C LEU F 60 58.31 -18.46 17.37
N ASP F 61 59.38 -18.21 18.11
CA ASP F 61 59.50 -18.57 19.51
C ASP F 61 59.69 -17.32 20.36
N GLY F 62 59.59 -17.50 21.67
CA GLY F 62 59.77 -16.43 22.62
C GLY F 62 58.57 -15.48 22.65
N PRO F 63 58.74 -14.34 23.30
CA PRO F 63 57.66 -13.35 23.33
C PRO F 63 57.29 -12.83 21.94
N ALA F 64 58.29 -12.68 21.06
CA ALA F 64 57.99 -12.28 19.69
C ALA F 64 57.21 -13.35 18.95
N GLY F 65 57.47 -14.62 19.26
CA GLY F 65 56.67 -15.68 18.67
C GLY F 65 55.25 -15.69 19.19
N ALA F 66 55.07 -15.37 20.47
CA ALA F 66 53.72 -15.29 21.03
C ALA F 66 52.92 -14.14 20.42
N VAL F 67 53.60 -13.05 20.04
CA VAL F 67 52.92 -11.96 19.36
C VAL F 67 52.56 -12.35 17.94
N LEU F 68 53.44 -13.11 17.27
CA LEU F 68 53.16 -13.55 15.91
C LEU F 68 51.96 -14.49 15.86
N GLU F 69 51.80 -15.33 16.88
CA GLU F 69 50.71 -16.31 16.89
C GLU F 69 49.34 -15.66 16.92
N CYS F 70 49.26 -14.36 17.22
CA CYS F 70 47.98 -13.67 17.33
C CYS F 70 47.51 -13.10 15.99
N LEU F 71 48.30 -13.20 14.93
CA LEU F 71 47.98 -12.56 13.67
C LEU F 71 47.93 -13.53 12.49
N VAL F 72 48.02 -14.84 12.74
CA VAL F 72 48.05 -15.83 11.68
C VAL F 72 46.84 -16.73 11.79
N LEU F 73 46.59 -17.48 10.71
CA LEU F 73 45.52 -18.46 10.66
C LEU F 73 46.09 -19.86 10.86
N SER F 74 45.23 -20.87 10.75
CA SER F 74 45.69 -22.25 10.84
C SER F 74 46.65 -22.59 9.71
N SER F 75 46.47 -21.96 8.54
CA SER F 75 47.37 -22.13 7.42
C SER F 75 48.58 -21.21 7.49
N GLY F 76 48.65 -20.32 8.47
CA GLY F 76 49.75 -19.41 8.61
C GLY F 76 49.60 -18.08 7.91
N MET F 77 48.47 -17.84 7.25
CA MET F 77 48.27 -16.59 6.53
C MET F 77 47.91 -15.46 7.49
N LEU F 78 48.43 -14.27 7.20
CA LEU F 78 48.23 -13.13 8.06
C LEU F 78 46.84 -12.51 7.85
N VAL F 79 46.29 -11.98 8.94
CA VAL F 79 45.02 -11.25 8.89
C VAL F 79 45.34 -9.76 8.94
N PRO F 80 45.30 -9.05 7.81
CA PRO F 80 45.67 -7.62 7.82
C PRO F 80 44.79 -6.77 8.71
N GLU F 81 43.57 -7.22 9.03
CA GLU F 81 42.71 -6.47 9.93
C GLU F 81 43.35 -6.31 11.31
N LEU F 82 44.20 -7.26 11.71
CA LEU F 82 44.90 -7.19 12.97
C LEU F 82 46.41 -7.10 12.82
N ALA F 83 46.97 -7.53 11.69
CA ALA F 83 48.42 -7.46 11.51
C ALA F 83 48.87 -6.03 11.26
N ILE F 84 48.14 -5.28 10.43
CA ILE F 84 48.53 -3.89 10.15
C ILE F 84 48.50 -3.03 11.39
N PRO F 85 47.49 -3.11 12.27
CA PRO F 85 47.56 -2.31 13.51
C PRO F 85 48.76 -2.64 14.39
N VAL F 86 49.20 -3.90 14.41
CA VAL F 86 50.35 -4.26 15.24
C VAL F 86 51.63 -3.66 14.68
N VAL F 87 51.80 -3.71 13.36
CA VAL F 87 53.02 -3.15 12.75
C VAL F 87 53.05 -1.64 12.91
N TYR F 88 51.88 -0.98 12.87
CA TYR F 88 51.85 0.46 13.13
C TYR F 88 52.22 0.77 14.57
N LEU F 89 51.79 -0.08 15.51
CA LEU F 89 52.15 0.13 16.91
C LEU F 89 53.65 -0.07 17.13
N LEU F 90 54.24 -1.05 16.43
CA LEU F 90 55.68 -1.21 16.51
C LEU F 90 56.41 -0.02 15.90
N GLY F 91 55.91 0.52 14.79
CA GLY F 91 56.53 1.68 14.20
C GLY F 91 56.37 2.92 15.07
N ALA F 92 55.36 2.91 15.93
CA ALA F 92 55.18 4.02 16.85
C ALA F 92 56.02 3.83 18.10
N LEU F 93 56.27 2.58 18.50
CA LEU F 93 57.12 2.33 19.65
C LEU F 93 58.60 2.50 19.34
N THR F 94 58.98 2.40 18.06
CA THR F 94 60.37 2.66 17.69
C THR F 94 60.75 4.11 17.96
N MET F 95 59.78 5.02 17.97
CA MET F 95 60.04 6.41 18.29
C MET F 95 60.31 6.61 19.77
N LEU F 96 60.02 5.63 20.61
CA LEU F 96 60.22 5.72 22.05
C LEU F 96 61.49 4.98 22.46
N SER F 97 61.97 5.30 23.66
CA SER F 97 63.15 4.65 24.20
C SER F 97 62.76 3.37 24.94
N GLU F 98 63.78 2.55 25.24
CA GLU F 98 63.52 1.29 25.93
C GLU F 98 63.07 1.53 27.37
N THR F 99 63.45 2.66 27.96
CA THR F 99 62.93 3.01 29.28
C THR F 99 61.43 3.29 29.22
N GLN F 100 60.98 4.03 28.20
CA GLN F 100 59.56 4.26 28.01
C GLN F 100 58.83 2.96 27.69
N HIS F 101 59.51 2.03 27.02
CA HIS F 101 58.89 0.74 26.71
C HIS F 101 58.58 -0.04 27.98
N LYS F 102 59.55 -0.12 28.89
CA LYS F 102 59.33 -0.85 30.14
C LYS F 102 58.40 -0.10 31.08
N LEU F 103 58.35 1.23 30.97
CA LEU F 103 57.41 1.99 31.79
C LEU F 103 55.98 1.81 31.30
N LEU F 104 55.79 1.72 29.99
CA LEU F 104 54.47 1.40 29.46
C LEU F 104 54.07 -0.02 29.81
N ALA F 105 55.03 -0.95 29.88
CA ALA F 105 54.74 -2.31 30.32
C ALA F 105 54.36 -2.33 31.79
N GLU F 106 54.99 -1.47 32.60
CA GLU F 106 54.58 -1.35 33.99
C GLU F 106 53.18 -0.77 34.12
N ALA F 107 52.80 0.12 33.21
CA ALA F 107 51.44 0.67 33.23
C ALA F 107 50.41 -0.33 32.72
N LEU F 108 50.82 -1.24 31.83
CA LEU F 108 49.90 -2.26 31.33
C LEU F 108 49.66 -3.33 32.39
N GLU F 109 50.73 -3.79 33.05
CA GLU F 109 50.58 -4.83 34.07
C GLU F 109 49.79 -4.31 35.26
N SER F 110 49.96 -3.05 35.61
CA SER F 110 49.19 -2.43 36.68
C SER F 110 47.86 -1.87 36.21
N GLN F 111 47.57 -1.94 34.89
CA GLN F 111 46.31 -1.48 34.32
C GLN F 111 46.04 -0.01 34.65
N THR F 112 47.05 0.82 34.40
CA THR F 112 46.93 2.25 34.66
C THR F 112 47.35 3.06 33.43
N GLY F 115 44.37 7.84 32.98
CA GLY F 115 45.26 8.75 33.67
C GLY F 115 46.28 9.41 32.77
N PRO F 116 47.36 8.69 32.45
CA PRO F 116 48.38 9.27 31.57
C PRO F 116 47.89 9.50 30.16
N LEU F 117 46.94 8.69 29.67
CA LEU F 117 46.37 8.95 28.35
C LEU F 117 45.59 10.26 28.33
N GLU F 118 44.83 10.53 29.39
CA GLU F 118 44.13 11.81 29.50
C GLU F 118 45.11 12.97 29.56
N LEU F 119 46.27 12.76 30.21
CA LEU F 119 47.26 13.82 30.32
C LEU F 119 47.88 14.15 28.96
N VAL F 120 48.28 13.13 28.22
CA VAL F 120 48.90 13.36 26.91
C VAL F 120 47.88 13.93 25.93
N GLY F 121 46.64 13.45 26.00
CA GLY F 121 45.59 13.99 25.14
C GLY F 121 45.29 15.45 25.41
N SER F 122 45.38 15.88 26.67
CA SER F 122 45.14 17.28 26.99
C SER F 122 46.35 18.16 26.66
N LEU F 123 47.56 17.61 26.78
CA LEU F 123 48.75 18.39 26.44
C LEU F 123 48.84 18.66 24.94
N LEU F 124 48.51 17.65 24.12
CA LEU F 124 48.54 17.83 22.68
C LEU F 124 47.42 18.75 22.19
N GLU F 125 46.35 18.91 22.96
CA GLU F 125 45.24 19.76 22.57
C GLU F 125 45.54 21.22 22.92
N ARG F 180 57.70 12.51 18.80
CA ARG F 180 57.82 11.62 19.94
C ARG F 180 56.58 11.70 20.83
N MET F 181 55.98 12.89 20.91
CA MET F 181 54.77 13.05 21.70
C MET F 181 53.58 12.36 21.03
N CYS F 182 53.49 12.44 19.70
CA CYS F 182 52.42 11.75 19.00
C CYS F 182 52.60 10.23 19.06
N ALA F 183 53.84 9.76 19.21
CA ALA F 183 54.08 8.33 19.36
C ALA F 183 53.63 7.85 20.73
N LEU F 184 53.85 8.66 21.77
CA LEU F 184 53.36 8.31 23.10
C LEU F 184 51.85 8.36 23.17
N TYR F 185 51.22 9.31 22.46
CA TYR F 185 49.77 9.38 22.43
C TYR F 185 49.17 8.16 21.74
N ALA F 186 49.76 7.73 20.63
CA ALA F 186 49.27 6.55 19.93
C ALA F 186 49.53 5.29 20.75
N SER F 187 50.67 5.24 21.44
CA SER F 187 50.98 4.07 22.27
C SER F 187 50.04 3.97 23.46
N LEU F 188 49.57 5.10 23.99
CA LEU F 188 48.66 5.06 25.14
C LEU F 188 47.22 4.81 24.70
N ALA F 189 46.82 5.37 23.56
CA ALA F 189 45.43 5.22 23.11
C ALA F 189 45.16 3.81 22.59
N LEU F 190 46.13 3.24 21.85
CA LEU F 190 45.94 1.88 21.35
C LEU F 190 45.91 0.86 22.48
N LEU F 191 46.73 1.07 23.51
CA LEU F 191 46.73 0.17 24.65
C LEU F 191 45.51 0.39 25.53
N SER F 192 44.95 1.60 25.54
CA SER F 192 43.74 1.84 26.31
C SER F 192 42.52 1.20 25.63
N GLY F 193 42.57 1.03 24.31
CA GLY F 193 41.50 0.34 23.61
C GLY F 193 41.40 -1.13 23.98
N LEU F 194 42.48 -1.70 24.50
CA LEU F 194 42.47 -3.08 24.97
C LEU F 194 41.94 -3.21 26.38
N SER F 195 41.82 -2.11 27.13
CA SER F 195 41.31 -2.14 28.49
C SER F 195 39.79 -2.14 28.51
N ALA G 1 -58.07 31.13 -8.35
CA ALA G 1 -56.98 30.69 -7.48
C ALA G 1 -55.67 30.55 -8.26
N VAL G 2 -54.59 30.34 -7.52
CA VAL G 2 -53.25 30.18 -8.09
C VAL G 2 -52.59 29.00 -7.38
N TYR G 3 -51.84 28.20 -8.12
CA TYR G 3 -51.23 26.99 -7.59
C TYR G 3 -49.75 26.93 -7.92
N LYS G 4 -49.06 26.00 -7.25
CA LYS G 4 -47.62 25.83 -7.40
C LYS G 4 -47.29 24.91 -8.57
N THR G 5 -46.23 25.27 -9.30
CA THR G 5 -45.65 24.42 -10.32
C THR G 5 -44.14 24.58 -10.26
N HIS G 6 -43.43 23.70 -10.97
CA HIS G 6 -41.98 23.79 -11.01
C HIS G 6 -41.55 24.85 -12.02
N VAL G 7 -40.32 25.35 -11.84
CA VAL G 7 -39.75 26.25 -12.83
C VAL G 7 -39.31 25.49 -14.06
N GLU G 8 -38.59 24.39 -13.86
CA GLU G 8 -38.15 23.51 -14.93
C GLU G 8 -38.85 22.16 -14.81
N LYS G 9 -39.32 21.65 -15.95
CA LYS G 9 -40.03 20.38 -16.00
C LYS G 9 -40.17 19.93 -17.44
N ASP G 10 -40.24 18.61 -17.63
CA ASP G 10 -40.58 18.00 -18.91
C ASP G 10 -39.58 18.36 -20.00
N PHE G 11 -38.32 18.55 -19.62
CA PHE G 11 -37.23 18.83 -20.56
C PHE G 11 -36.43 17.56 -20.82
N ILE G 12 -35.88 17.48 -22.03
CA ILE G 12 -34.94 16.41 -22.38
C ILE G 12 -34.06 16.89 -23.53
N ALA G 13 -32.75 16.77 -23.34
CA ALA G 13 -31.77 17.20 -24.34
C ALA G 13 -30.96 16.00 -24.79
N PHE G 14 -30.83 15.83 -26.10
CA PHE G 14 -30.04 14.74 -26.69
C PHE G 14 -28.89 15.36 -27.46
N CYS G 15 -27.69 15.24 -26.92
CA CYS G 15 -26.50 15.83 -27.53
C CYS G 15 -25.75 14.77 -28.34
N SER G 16 -25.10 15.23 -29.40
CA SER G 16 -24.47 14.31 -30.35
C SER G 16 -23.24 13.63 -29.78
N SER G 17 -22.60 14.22 -28.77
CA SER G 17 -21.37 13.68 -28.24
C SER G 17 -21.30 13.91 -26.73
N THR G 18 -20.52 13.07 -26.06
CA THR G 18 -20.26 13.26 -24.64
C THR G 18 -19.50 14.58 -24.43
N PRO G 19 -19.52 15.11 -23.21
CA PRO G 19 -18.78 16.36 -22.95
C PRO G 19 -17.31 16.24 -23.32
N HIS G 20 -16.73 17.37 -23.73
CA HIS G 20 -15.33 17.50 -24.11
C HIS G 20 -14.99 16.66 -25.34
N ASN G 21 -15.97 16.22 -26.12
CA ASN G 21 -15.71 15.30 -27.21
C ASN G 21 -16.30 15.83 -28.51
N VAL G 22 -15.82 15.25 -29.61
CA VAL G 22 -16.11 15.71 -30.97
C VAL G 22 -17.28 14.93 -31.53
N SER G 23 -18.14 15.63 -32.28
CA SER G 23 -19.17 15.00 -33.10
C SER G 23 -18.74 15.05 -34.57
N TRP G 24 -19.03 13.98 -35.29
CA TRP G 24 -18.57 13.81 -36.66
C TRP G 24 -19.72 13.98 -37.64
N ARG G 25 -19.36 14.31 -38.89
CA ARG G 25 -20.35 14.57 -39.92
C ARG G 25 -19.73 14.31 -41.29
N ASP G 26 -20.44 13.56 -42.12
CA ASP G 26 -19.99 13.19 -43.45
C ASP G 26 -20.62 14.08 -44.50
N SER G 27 -19.81 14.54 -45.46
CA SER G 27 -20.31 15.42 -46.51
C SER G 27 -21.39 14.75 -47.34
N THR G 28 -21.17 13.49 -47.73
CA THR G 28 -22.11 12.81 -48.63
C THR G 28 -23.30 12.21 -47.89
N MET G 29 -23.16 11.87 -46.61
CA MET G 29 -24.20 11.16 -45.88
C MET G 29 -24.81 11.97 -44.74
N GLY G 30 -24.44 13.25 -44.62
CA GLY G 30 -24.86 13.99 -43.45
C GLY G 30 -24.09 13.57 -42.21
N SER G 31 -24.77 13.61 -41.08
CA SER G 31 -24.15 13.31 -39.79
C SER G 31 -24.54 11.92 -39.31
N ILE G 32 -23.59 11.23 -38.67
CA ILE G 32 -23.85 9.89 -38.17
C ILE G 32 -24.93 9.92 -37.08
N PHE G 33 -24.87 10.94 -36.22
CA PHE G 33 -25.84 11.04 -35.13
C PHE G 33 -27.26 11.24 -35.66
N ILE G 34 -27.45 12.19 -36.59
CA ILE G 34 -28.78 12.46 -37.10
C ILE G 34 -29.28 11.29 -37.95
N THR G 35 -28.41 10.67 -38.73
CA THR G 35 -28.82 9.54 -39.55
C THR G 35 -29.31 8.38 -38.68
N GLN G 36 -28.58 8.07 -37.61
CA GLN G 36 -28.99 7.00 -36.72
C GLN G 36 -30.27 7.36 -35.98
N LEU G 37 -30.41 8.61 -35.54
CA LEU G 37 -31.63 9.03 -34.85
C LEU G 37 -32.84 8.92 -35.78
N ILE G 38 -32.68 9.35 -37.03
CA ILE G 38 -33.79 9.26 -37.99
C ILE G 38 -34.14 7.80 -38.26
N THR G 39 -33.13 6.95 -38.41
CA THR G 39 -33.38 5.53 -38.66
C THR G 39 -34.10 4.89 -37.49
N CYS G 40 -33.67 5.19 -36.26
CA CYS G 40 -34.32 4.62 -35.08
C CYS G 40 -35.76 5.12 -34.95
N PHE G 41 -36.01 6.36 -35.33
CA PHE G 41 -37.39 6.87 -35.30
C PHE G 41 -38.25 6.17 -36.33
N GLN G 42 -37.73 5.96 -37.54
CA GLN G 42 -38.50 5.26 -38.56
C GLN G 42 -38.80 3.82 -38.17
N LYS G 43 -37.92 3.21 -37.37
CA LYS G 43 -38.03 1.80 -37.03
C LYS G 43 -38.70 1.54 -35.69
N TYR G 44 -38.73 2.51 -34.77
CA TYR G 44 -39.19 2.25 -33.41
C TYR G 44 -40.17 3.29 -32.88
N SER G 45 -40.61 4.26 -33.68
CA SER G 45 -41.52 5.27 -33.15
C SER G 45 -42.90 4.71 -32.87
N TRP G 46 -43.34 3.74 -33.66
CA TRP G 46 -44.70 3.20 -33.54
C TRP G 46 -44.89 2.34 -32.30
N CYS G 47 -43.81 1.98 -31.59
CA CYS G 47 -43.92 1.09 -30.45
C CYS G 47 -43.03 1.47 -29.27
N CYS G 48 -42.12 2.42 -29.41
CA CYS G 48 -41.22 2.82 -28.32
C CYS G 48 -41.33 4.32 -28.11
N HIS G 49 -41.38 4.72 -26.84
CA HIS G 49 -41.46 6.14 -26.51
C HIS G 49 -40.14 6.84 -26.86
N LEU G 50 -40.16 8.16 -26.72
CA LEU G 50 -39.02 8.99 -27.12
C LEU G 50 -37.73 8.53 -26.44
N GLU G 51 -37.78 8.29 -25.14
CA GLU G 51 -36.59 7.88 -24.41
C GLU G 51 -36.12 6.50 -24.86
N GLU G 52 -37.05 5.57 -25.09
CA GLU G 52 -36.68 4.25 -25.57
C GLU G 52 -36.05 4.33 -26.95
N VAL G 53 -36.50 5.26 -27.79
CA VAL G 53 -35.87 5.46 -29.10
C VAL G 53 -34.45 5.99 -28.93
N PHE G 54 -34.24 6.90 -27.98
CA PHE G 54 -32.90 7.41 -27.72
C PHE G 54 -31.95 6.32 -27.25
N ARG G 55 -32.46 5.34 -26.49
CA ARG G 55 -31.63 4.22 -26.10
C ARG G 55 -31.23 3.37 -27.31
N LYS G 56 -32.19 3.10 -28.21
CA LYS G 56 -31.89 2.39 -29.44
C LYS G 56 -30.78 3.11 -30.23
N VAL G 57 -30.79 4.44 -30.20
CA VAL G 57 -29.72 5.21 -30.83
C VAL G 57 -28.39 4.92 -30.15
N GLN G 58 -28.35 5.02 -28.81
CA GLN G 58 -27.12 4.80 -28.08
C GLN G 58 -26.62 3.37 -28.23
N GLN G 59 -27.54 2.40 -28.31
CA GLN G 59 -27.14 1.03 -28.60
C GLN G 59 -26.41 0.93 -29.94
N SER G 60 -26.91 1.65 -30.96
CA SER G 60 -26.24 1.67 -32.24
C SER G 60 -24.87 2.32 -32.16
N PHE G 61 -24.60 3.10 -31.12
CA PHE G 61 -23.33 3.77 -30.93
C PHE G 61 -22.45 3.09 -29.88
N GLU G 62 -22.86 1.91 -29.41
CA GLU G 62 -22.11 1.17 -28.39
C GLU G 62 -20.72 0.80 -28.89
N THR G 63 -20.62 -0.24 -29.69
CA THR G 63 -19.34 -0.60 -30.29
C THR G 63 -18.99 0.43 -31.37
N PRO G 64 -17.79 0.99 -31.45
CA PRO G 64 -17.57 2.01 -32.43
C PRO G 64 -16.71 1.56 -33.60
N ARG G 65 -17.19 1.79 -34.81
CA ARG G 65 -16.40 1.48 -36.03
C ARG G 65 -15.67 2.76 -36.36
N ALA G 66 -14.35 2.70 -36.57
CA ALA G 66 -13.56 3.90 -36.86
C ALA G 66 -13.79 4.91 -35.73
N LYS G 67 -14.19 6.14 -36.06
CA LYS G 67 -14.37 7.16 -35.00
C LYS G 67 -15.46 6.72 -34.02
N ALA G 68 -15.27 7.00 -32.73
CA ALA G 68 -16.21 6.58 -31.68
C ALA G 68 -16.93 7.78 -31.08
N GLN G 69 -18.25 7.69 -31.00
CA GLN G 69 -19.12 8.73 -30.47
C GLN G 69 -20.19 8.11 -29.58
N MET G 70 -20.62 8.88 -28.60
CA MET G 70 -21.71 8.46 -27.73
C MET G 70 -22.67 9.63 -27.48
N PRO G 71 -23.84 9.62 -28.10
CA PRO G 71 -24.84 10.65 -27.77
C PRO G 71 -25.34 10.47 -26.35
N THR G 72 -25.47 11.57 -25.62
CA THR G 72 -25.87 11.54 -24.22
C THR G 72 -27.12 12.37 -23.99
N ILE G 73 -27.88 11.96 -22.98
CA ILE G 73 -29.09 12.66 -22.56
C ILE G 73 -28.73 13.52 -21.35
N GLU G 74 -29.29 14.73 -21.30
CA GLU G 74 -28.96 15.65 -20.22
C GLU G 74 -30.18 16.49 -19.85
N ARG G 75 -30.17 16.96 -18.59
CA ARG G 75 -31.26 17.75 -18.01
C ARG G 75 -32.62 17.12 -18.29
N LEU G 76 -32.73 15.83 -17.93
CA LEU G 76 -33.95 15.07 -18.14
C LEU G 76 -34.92 15.41 -17.02
N SER G 77 -35.95 16.19 -17.33
CA SER G 77 -36.95 16.60 -16.36
C SER G 77 -38.30 15.95 -16.58
N MET G 78 -38.42 15.06 -17.57
CA MET G 78 -39.70 14.45 -17.89
C MET G 78 -40.17 13.57 -16.75
N THR G 79 -41.43 13.74 -16.35
CA THR G 79 -42.06 12.90 -15.34
C THR G 79 -42.98 11.85 -15.94
N ARG G 80 -43.11 11.82 -17.26
CA ARG G 80 -43.93 10.82 -17.95
C ARG G 80 -43.19 10.38 -19.20
N TYR G 81 -43.66 9.29 -19.79
CA TYR G 81 -43.11 8.81 -21.05
C TYR G 81 -43.85 9.46 -22.21
N PHE G 82 -43.10 9.87 -23.22
CA PHE G 82 -43.64 10.62 -24.35
C PHE G 82 -43.70 9.69 -25.56
N TYR G 83 -44.86 9.07 -25.76
CA TYR G 83 -45.10 8.32 -26.98
C TYR G 83 -45.60 9.27 -28.07
N LEU G 84 -45.00 9.19 -29.24
CA LEU G 84 -45.37 10.10 -30.33
C LEU G 84 -46.59 9.60 -31.09
N PHE G 85 -46.83 8.29 -31.13
CA PHE G 85 -47.93 7.68 -31.87
C PHE G 85 -47.96 8.17 -33.30
N PRO G 86 -47.04 7.75 -34.16
CA PRO G 86 -47.06 8.22 -35.56
C PRO G 86 -48.36 7.81 -36.25
N GLY G 87 -48.97 8.76 -36.94
CA GLY G 87 -50.25 8.54 -37.61
C GLY G 87 -51.47 8.79 -36.76
N ASN G 88 -51.31 9.32 -35.55
CA ASN G 88 -52.46 9.60 -34.69
C ASN G 88 -52.32 10.97 -34.02
N ALA H 1 -3.51 -7.61 -27.73
CA ALA H 1 -4.13 -6.84 -28.79
C ALA H 1 -4.71 -5.54 -28.24
N VAL H 2 -5.12 -4.64 -29.14
CA VAL H 2 -5.70 -3.36 -28.77
C VAL H 2 -6.92 -3.10 -29.65
N TYR H 3 -7.98 -2.59 -29.04
CA TYR H 3 -9.23 -2.30 -29.74
C TYR H 3 -9.73 -0.91 -29.35
N LYS H 4 -10.67 -0.39 -30.12
CA LYS H 4 -11.22 0.94 -29.91
C LYS H 4 -12.38 0.89 -28.93
N THR H 5 -12.42 1.87 -28.02
CA THR H 5 -13.54 2.06 -27.12
C THR H 5 -13.76 3.56 -26.88
N HIS H 6 -14.89 3.88 -26.27
CA HIS H 6 -15.20 5.26 -25.93
C HIS H 6 -14.50 5.67 -24.64
N VAL H 7 -14.34 6.98 -24.47
CA VAL H 7 -13.79 7.51 -23.23
C VAL H 7 -14.85 7.51 -22.14
N GLU H 8 -16.04 8.04 -22.45
CA GLU H 8 -17.15 8.10 -21.52
C GLU H 8 -18.26 7.18 -21.98
N LYS H 9 -18.82 6.42 -21.05
CA LYS H 9 -19.86 5.44 -21.36
C LYS H 9 -20.52 4.98 -20.07
N ASP H 10 -21.79 4.56 -20.18
CA ASP H 10 -22.50 3.89 -19.11
C ASP H 10 -22.61 4.75 -17.86
N PHE H 11 -22.72 6.06 -18.03
CA PHE H 11 -22.88 6.99 -16.92
C PHE H 11 -24.34 7.38 -16.75
N ILE H 12 -24.73 7.66 -15.51
CA ILE H 12 -26.05 8.20 -15.21
C ILE H 12 -25.98 8.92 -13.86
N ALA H 13 -26.43 10.17 -13.83
CA ALA H 13 -26.41 10.99 -12.63
C ALA H 13 -27.83 11.37 -12.28
N PHE H 14 -28.21 11.16 -11.02
CA PHE H 14 -29.54 11.51 -10.52
C PHE H 14 -29.37 12.57 -9.44
N CYS H 15 -29.69 13.81 -9.78
CA CYS H 15 -29.56 14.95 -8.88
C CYS H 15 -30.92 15.29 -8.29
N SER H 16 -30.91 15.80 -7.07
CA SER H 16 -32.16 16.01 -6.33
C SER H 16 -32.98 17.17 -6.87
N SER H 17 -32.37 18.12 -7.59
CA SER H 17 -33.09 19.30 -8.03
C SER H 17 -32.60 19.74 -9.41
N THR H 18 -33.47 20.48 -10.10
CA THR H 18 -33.13 21.08 -11.38
C THR H 18 -32.01 22.11 -11.20
N PRO H 19 -31.31 22.46 -12.27
CA PRO H 19 -30.24 23.47 -12.16
C PRO H 19 -30.75 24.78 -11.60
N HIS H 20 -29.85 25.48 -10.89
CA HIS H 20 -30.11 26.78 -10.29
C HIS H 20 -31.21 26.74 -9.24
N ASN H 21 -31.55 25.56 -8.73
CA ASN H 21 -32.69 25.40 -7.83
C ASN H 21 -32.26 24.69 -6.55
N VAL H 22 -33.13 24.75 -5.56
CA VAL H 22 -32.84 24.29 -4.20
C VAL H 22 -33.30 22.85 -4.05
N SER H 23 -32.51 22.06 -3.31
CA SER H 23 -32.91 20.74 -2.85
C SER H 23 -33.27 20.81 -1.38
N TRP H 24 -34.32 20.09 -0.99
CA TRP H 24 -34.86 20.18 0.36
C TRP H 24 -34.54 18.92 1.17
N ARG H 25 -34.51 19.09 2.49
CA ARG H 25 -34.21 18.01 3.43
C ARG H 25 -34.79 18.41 4.77
N ASP H 26 -35.50 17.48 5.41
CA ASP H 26 -36.15 17.73 6.69
C ASP H 26 -35.32 17.19 7.84
N SER H 27 -35.22 17.98 8.91
CA SER H 27 -34.44 17.57 10.07
C SER H 27 -34.96 16.26 10.65
N THR H 28 -36.28 16.12 10.77
CA THR H 28 -36.86 14.94 11.41
C THR H 28 -36.97 13.76 10.45
N MET H 29 -37.06 14.01 9.15
CA MET H 29 -37.32 12.96 8.17
C MET H 29 -36.16 12.72 7.22
N GLY H 30 -35.01 13.38 7.44
CA GLY H 30 -33.99 13.29 6.42
C GLY H 30 -34.39 14.13 5.21
N SER H 31 -34.00 13.66 4.03
CA SER H 31 -34.28 14.40 2.80
C SER H 31 -35.41 13.73 2.03
N ILE H 32 -36.25 14.57 1.40
CA ILE H 32 -37.39 14.06 0.64
C ILE H 32 -36.92 13.27 -0.56
N PHE H 33 -35.85 13.72 -1.21
CA PHE H 33 -35.35 13.05 -2.41
C PHE H 33 -34.91 11.62 -2.08
N ILE H 34 -34.11 11.46 -1.03
CA ILE H 34 -33.62 10.13 -0.67
C ILE H 34 -34.77 9.26 -0.17
N THR H 35 -35.69 9.85 0.60
CA THR H 35 -36.83 9.08 1.11
C THR H 35 -37.68 8.52 -0.02
N GLN H 36 -37.99 9.36 -1.02
CA GLN H 36 -38.77 8.90 -2.16
C GLN H 36 -38.00 7.89 -3.00
N LEU H 37 -36.70 8.13 -3.19
CA LEU H 37 -35.89 7.20 -3.97
C LEU H 37 -35.85 5.83 -3.33
N ILE H 38 -35.70 5.77 -2.00
CA ILE H 38 -35.69 4.48 -1.31
C ILE H 38 -37.04 3.80 -1.44
N THR H 39 -38.13 4.58 -1.33
CA THR H 39 -39.47 3.99 -1.45
C THR H 39 -39.70 3.40 -2.84
N CYS H 40 -39.30 4.14 -3.88
CA CYS H 40 -39.48 3.65 -5.24
C CYS H 40 -38.62 2.42 -5.51
N PHE H 41 -37.44 2.35 -4.92
CA PHE H 41 -36.60 1.16 -5.09
C PHE H 41 -37.21 -0.05 -4.42
N GLN H 42 -37.77 0.13 -3.22
CA GLN H 42 -38.41 -0.99 -2.52
C GLN H 42 -39.60 -1.54 -3.30
N LYS H 43 -40.28 -0.68 -4.06
CA LYS H 43 -41.53 -1.07 -4.70
C LYS H 43 -41.34 -1.53 -6.14
N TYR H 44 -40.34 -1.01 -6.86
CA TYR H 44 -40.24 -1.23 -8.29
C TYR H 44 -38.90 -1.83 -8.74
N SER H 45 -38.01 -2.19 -7.82
CA SER H 45 -36.71 -2.71 -8.25
C SER H 45 -36.82 -4.09 -8.86
N TRP H 46 -37.77 -4.91 -8.39
CA TRP H 46 -37.86 -6.29 -8.84
C TRP H 46 -38.43 -6.41 -10.25
N CYS H 47 -38.95 -5.33 -10.83
CA CYS H 47 -39.57 -5.40 -12.15
C CYS H 47 -39.25 -4.23 -13.05
N CYS H 48 -38.60 -3.17 -12.55
CA CYS H 48 -38.26 -2.00 -13.35
C CYS H 48 -36.77 -1.74 -13.22
N HIS H 49 -36.13 -1.44 -14.35
CA HIS H 49 -34.70 -1.13 -14.32
C HIS H 49 -34.45 0.21 -13.61
N LEU H 50 -33.17 0.50 -13.40
CA LEU H 50 -32.78 1.69 -12.63
C LEU H 50 -33.40 2.95 -13.21
N GLU H 51 -33.33 3.11 -14.53
CA GLU H 51 -33.87 4.31 -15.17
C GLU H 51 -35.38 4.37 -15.02
N GLU H 52 -36.07 3.24 -15.14
CA GLU H 52 -37.52 3.21 -14.93
C GLU H 52 -37.89 3.58 -13.50
N VAL H 53 -37.05 3.19 -12.52
CA VAL H 53 -37.29 3.57 -11.14
C VAL H 53 -37.15 5.08 -10.96
N PHE H 54 -36.18 5.69 -11.65
CA PHE H 54 -36.02 7.14 -11.57
C PHE H 54 -37.24 7.86 -12.10
N ARG H 55 -37.93 7.29 -13.09
CA ARG H 55 -39.17 7.89 -13.57
C ARG H 55 -40.25 7.82 -12.51
N LYS H 56 -40.40 6.67 -11.85
CA LYS H 56 -41.37 6.54 -10.77
C LYS H 56 -41.11 7.59 -9.69
N VAL H 57 -39.84 7.91 -9.43
CA VAL H 57 -39.51 8.99 -8.49
C VAL H 57 -40.05 10.31 -9.01
N GLN H 58 -39.74 10.63 -10.28
CA GLN H 58 -40.20 11.89 -10.86
C GLN H 58 -41.72 11.94 -10.97
N GLN H 59 -42.36 10.80 -11.23
CA GLN H 59 -43.82 10.74 -11.22
C GLN H 59 -44.38 11.18 -9.87
N SER H 60 -43.75 10.72 -8.78
CA SER H 60 -44.18 11.13 -7.45
C SER H 60 -43.96 12.62 -7.19
N PHE H 61 -43.13 13.28 -8.00
CA PHE H 61 -42.81 14.69 -7.79
C PHE H 61 -43.57 15.63 -8.72
N GLU H 62 -44.54 15.13 -9.48
CA GLU H 62 -45.31 15.99 -10.38
C GLU H 62 -46.04 17.08 -9.59
N THR H 63 -47.14 16.71 -8.95
CA THR H 63 -47.83 17.65 -8.07
C THR H 63 -47.00 17.85 -6.81
N PRO H 64 -46.81 19.09 -6.36
CA PRO H 64 -45.88 19.33 -5.25
C PRO H 64 -46.54 19.29 -3.88
N ARG H 65 -46.22 18.29 -3.07
CA ARG H 65 -46.81 18.35 -1.72
C ARG H 65 -45.93 19.40 -1.05
N ALA H 66 -46.52 20.51 -0.60
CA ALA H 66 -45.71 21.55 0.04
C ALA H 66 -44.60 21.96 -0.92
N LYS H 67 -43.35 21.78 -0.51
CA LYS H 67 -42.19 22.21 -1.28
C LYS H 67 -42.15 21.50 -2.62
N ALA H 68 -41.70 22.23 -3.65
CA ALA H 68 -41.67 21.72 -5.02
C ALA H 68 -40.22 21.55 -5.45
N GLN H 69 -39.87 20.33 -5.84
CA GLN H 69 -38.56 20.06 -6.41
C GLN H 69 -38.70 18.96 -7.46
N MET H 70 -37.80 18.95 -8.42
CA MET H 70 -37.81 17.96 -9.50
C MET H 70 -36.42 17.37 -9.69
N PRO H 71 -36.19 16.12 -9.30
CA PRO H 71 -34.90 15.48 -9.59
C PRO H 71 -34.71 15.27 -11.08
N THR H 72 -33.49 15.54 -11.55
CA THR H 72 -33.17 15.48 -12.97
C THR H 72 -32.04 14.48 -13.21
N ILE H 73 -32.06 13.88 -14.40
CA ILE H 73 -31.01 12.98 -14.87
C ILE H 73 -30.10 13.75 -15.81
N GLU H 74 -28.79 13.49 -15.72
CA GLU H 74 -27.83 14.22 -16.52
C GLU H 74 -26.66 13.32 -16.89
N ARG H 75 -26.01 13.67 -18.01
CA ARG H 75 -24.89 12.91 -18.56
C ARG H 75 -25.17 11.42 -18.62
N LEU H 76 -26.30 11.08 -19.25
CA LEU H 76 -26.74 9.70 -19.40
C LEU H 76 -26.01 9.07 -20.58
N SER H 77 -25.06 8.19 -20.29
CA SER H 77 -24.26 7.54 -21.32
C SER H 77 -24.59 6.06 -21.50
N MET H 78 -25.56 5.53 -20.75
CA MET H 78 -25.86 4.11 -20.80
C MET H 78 -26.39 3.70 -22.16
N THR H 79 -25.87 2.61 -22.71
CA THR H 79 -26.34 2.04 -23.95
C THR H 79 -27.22 0.82 -23.74
N ARG H 80 -27.45 0.42 -22.49
CA ARG H 80 -28.30 -0.72 -22.17
C ARG H 80 -29.12 -0.37 -20.93
N TYR H 81 -30.13 -1.20 -20.67
CA TYR H 81 -30.95 -1.04 -19.47
C TYR H 81 -30.34 -1.83 -18.31
N PHE H 82 -30.32 -1.21 -17.14
CA PHE H 82 -29.67 -1.78 -15.96
C PHE H 82 -30.76 -2.27 -15.01
N TYR H 83 -31.10 -3.56 -15.15
CA TYR H 83 -31.98 -4.21 -14.19
C TYR H 83 -31.16 -4.68 -12.99
N LEU H 84 -31.63 -4.36 -11.78
CA LEU H 84 -30.87 -4.71 -10.60
C LEU H 84 -31.10 -6.15 -10.15
N PHE H 85 -32.27 -6.71 -10.44
CA PHE H 85 -32.64 -8.06 -10.02
C PHE H 85 -32.38 -8.26 -8.53
N PRO H 86 -33.18 -7.67 -7.65
CA PRO H 86 -32.94 -7.87 -6.21
C PRO H 86 -33.10 -9.33 -5.84
N GLY H 87 -32.11 -9.84 -5.10
CA GLY H 87 -32.07 -11.25 -4.75
C GLY H 87 -31.37 -12.13 -5.75
N ASN H 88 -30.77 -11.54 -6.79
CA ASN H 88 -30.05 -12.31 -7.79
C ASN H 88 -28.72 -11.65 -8.16
N ALA I 1 46.95 -20.14 16.27
CA ALA I 1 46.18 -19.39 15.28
C ALA I 1 45.01 -18.67 15.95
N VAL I 2 44.37 -17.76 15.20
CA VAL I 2 43.22 -17.01 15.69
C VAL I 2 42.16 -16.96 14.60
N TYR I 3 40.90 -17.14 14.98
CA TYR I 3 39.78 -17.13 14.04
C TYR I 3 38.66 -16.26 14.59
N LYS I 4 37.69 -15.96 13.72
CA LYS I 4 36.56 -15.12 14.06
C LYS I 4 35.43 -15.92 14.69
N THR I 5 34.79 -15.33 15.71
CA THR I 5 33.60 -15.88 16.32
C THR I 5 32.65 -14.74 16.66
N HIS I 6 31.43 -15.11 17.04
CA HIS I 6 30.41 -14.14 17.42
C HIS I 6 30.63 -13.69 18.86
N VAL I 7 30.08 -12.51 19.18
CA VAL I 7 30.10 -12.03 20.56
C VAL I 7 29.06 -12.76 21.39
N GLU I 8 27.84 -12.89 20.86
CA GLU I 8 26.76 -13.61 21.52
C GLU I 8 26.44 -14.88 20.76
N LYS I 9 26.24 -15.97 21.48
CA LYS I 9 25.96 -17.27 20.88
C LYS I 9 25.45 -18.22 21.96
N ASP I 10 24.61 -19.16 21.53
CA ASP I 10 24.20 -20.29 22.36
C ASP I 10 23.50 -19.85 23.65
N PHE I 11 22.79 -18.74 23.59
CA PHE I 11 22.02 -18.23 24.72
C PHE I 11 20.55 -18.58 24.59
N ILE I 12 19.88 -18.77 25.73
CA ILE I 12 18.45 -18.95 25.77
C ILE I 12 17.94 -18.57 27.16
N ALA I 13 16.93 -17.69 27.20
CA ALA I 13 16.35 -17.22 28.45
C ALA I 13 14.89 -17.60 28.49
N PHE I 14 14.45 -18.17 29.62
CA PHE I 14 13.07 -18.58 29.82
C PHE I 14 12.50 -17.77 30.98
N CYS I 15 11.63 -16.81 30.67
CA CYS I 15 11.05 -15.92 31.66
C CYS I 15 9.66 -16.40 32.04
N SER I 16 9.29 -16.15 33.30
CA SER I 16 8.05 -16.69 33.86
C SER I 16 6.79 -16.06 33.27
N SER I 17 6.88 -14.84 32.73
CA SER I 17 5.69 -14.15 32.25
C SER I 17 6.06 -13.31 31.04
N THR I 18 5.05 -13.00 30.23
CA THR I 18 5.23 -12.08 29.12
C THR I 18 5.60 -10.70 29.66
N PRO I 19 6.18 -9.84 28.82
CA PRO I 19 6.53 -8.49 29.30
C PRO I 19 5.32 -7.75 29.85
N HIS I 20 5.60 -6.89 30.83
CA HIS I 20 4.59 -6.05 31.50
C HIS I 20 3.58 -6.88 32.27
N ASN I 21 3.87 -8.14 32.57
CA ASN I 21 2.89 -9.02 33.18
C ASN I 21 3.45 -9.66 34.46
N VAL I 22 2.53 -10.22 35.23
CA VAL I 22 2.79 -10.73 36.57
C VAL I 22 3.11 -12.21 36.54
N SER I 23 4.07 -12.63 37.36
CA SER I 23 4.32 -14.03 37.64
C SER I 23 3.76 -14.38 39.02
N TRP I 24 3.20 -15.58 39.14
CA TRP I 24 2.46 -16.00 40.32
C TRP I 24 3.25 -17.05 41.11
N ARG I 25 2.92 -17.16 42.40
CA ARG I 25 3.59 -18.09 43.29
C ARG I 25 2.66 -18.46 44.43
N ASP I 26 2.53 -19.76 44.70
CA ASP I 26 1.67 -20.26 45.77
C ASP I 26 2.54 -20.62 46.98
N SER I 27 2.08 -20.22 48.17
CA SER I 27 2.86 -20.46 49.38
C SER I 27 3.10 -21.95 49.60
N THR I 28 2.06 -22.77 49.44
CA THR I 28 2.17 -24.20 49.73
C THR I 28 2.75 -25.00 48.56
N MET I 29 2.63 -24.51 47.33
CA MET I 29 3.03 -25.25 46.14
C MET I 29 4.21 -24.63 45.41
N GLY I 30 4.81 -23.58 45.96
CA GLY I 30 5.83 -22.87 45.20
C GLY I 30 5.20 -22.04 44.10
N SER I 31 5.93 -21.91 42.99
CA SER I 31 5.49 -21.10 41.88
C SER I 31 4.98 -21.99 40.74
N ILE I 32 3.95 -21.51 40.04
CA ILE I 32 3.36 -22.29 38.95
C ILE I 32 4.37 -22.48 37.83
N PHE I 33 5.16 -21.45 37.52
CA PHE I 33 6.12 -21.54 36.43
C PHE I 33 7.17 -22.61 36.71
N ILE I 34 7.79 -22.57 37.89
CA ILE I 34 8.84 -23.52 38.21
C ILE I 34 8.27 -24.93 38.37
N THR I 35 7.11 -25.05 39.00
CA THR I 35 6.51 -26.37 39.20
C THR I 35 6.19 -27.03 37.86
N GLN I 36 5.61 -26.28 36.92
CA GLN I 36 5.31 -26.84 35.61
C GLN I 36 6.59 -27.17 34.85
N LEU I 37 7.60 -26.32 34.94
CA LEU I 37 8.86 -26.58 34.27
C LEU I 37 9.51 -27.85 34.80
N ILE I 38 9.50 -28.04 36.12
CA ILE I 38 10.09 -29.24 36.71
C ILE I 38 9.32 -30.48 36.27
N THR I 39 7.99 -30.39 36.24
CA THR I 39 7.18 -31.53 35.81
C THR I 39 7.47 -31.88 34.35
N CYS I 40 7.56 -30.87 33.48
CA CYS I 40 7.85 -31.14 32.08
C CYS I 40 9.23 -31.74 31.88
N PHE I 41 10.20 -31.35 32.71
CA PHE I 41 11.52 -31.96 32.64
C PHE I 41 11.48 -33.42 33.08
N GLN I 42 10.73 -33.72 34.14
CA GLN I 42 10.62 -35.10 34.60
C GLN I 42 9.93 -35.98 33.58
N LYS I 43 9.06 -35.42 32.75
CA LYS I 43 8.25 -36.19 31.83
C LYS I 43 8.79 -36.21 30.40
N TYR I 44 9.69 -35.29 30.04
CA TYR I 44 10.08 -35.16 28.64
C TYR I 44 11.57 -34.93 28.41
N SER I 45 12.41 -34.98 29.46
CA SER I 45 13.84 -34.74 29.26
C SER I 45 14.50 -35.87 28.50
N TRP I 46 14.02 -37.10 28.68
CA TRP I 46 14.67 -38.26 28.09
C TRP I 46 14.47 -38.37 26.58
N CYS I 47 13.58 -37.57 26.00
CA CYS I 47 13.29 -37.68 24.57
C CYS I 47 13.11 -36.36 23.86
N CYS I 48 13.04 -35.23 24.57
CA CYS I 48 12.85 -33.93 23.95
C CYS I 48 13.95 -32.99 24.41
N HIS I 49 14.50 -32.22 23.48
CA HIS I 49 15.56 -31.28 23.81
C HIS I 49 15.00 -30.13 24.66
N LEU I 50 15.91 -29.29 25.14
CA LEU I 50 15.56 -28.21 26.06
C LEU I 50 14.43 -27.34 25.49
N GLU I 51 14.56 -26.94 24.23
CA GLU I 51 13.56 -26.07 23.61
C GLU I 51 12.22 -26.78 23.46
N GLU I 52 12.25 -28.06 23.08
CA GLU I 52 11.00 -28.81 22.96
C GLU I 52 10.31 -28.96 24.31
N VAL I 53 11.08 -29.06 25.39
CA VAL I 53 10.48 -29.09 26.72
C VAL I 53 9.82 -27.76 27.03
N PHE I 54 10.45 -26.65 26.61
CA PHE I 54 9.85 -25.33 26.81
C PHE I 54 8.52 -25.19 26.07
N ARG I 55 8.38 -25.85 24.92
CA ARG I 55 7.10 -25.87 24.22
C ARG I 55 6.04 -26.58 25.05
N LYS I 56 6.38 -27.74 25.61
CA LYS I 56 5.45 -28.45 26.48
C LYS I 56 5.03 -27.57 27.66
N VAL I 57 5.96 -26.75 28.17
CA VAL I 57 5.61 -25.81 29.23
C VAL I 57 4.58 -24.81 28.74
N GLN I 58 4.85 -24.15 27.61
CA GLN I 58 3.93 -23.16 27.08
C GLN I 58 2.60 -23.79 26.66
N GLN I 59 2.66 -25.01 26.11
CA GLN I 59 1.43 -25.74 25.79
C GLN I 59 0.56 -25.93 27.03
N SER I 60 1.18 -26.27 28.16
CA SER I 60 0.45 -26.42 29.41
C SER I 60 -0.13 -25.10 29.91
N PHE I 61 0.34 -23.97 29.39
CA PHE I 61 -0.09 -22.65 29.83
C PHE I 61 -1.11 -22.00 28.89
N GLU I 62 -1.62 -22.73 27.90
CA GLU I 62 -2.59 -22.16 26.98
C GLU I 62 -3.86 -21.72 27.71
N THR I 63 -4.74 -22.69 27.97
CA THR I 63 -5.99 -22.41 28.72
C THR I 63 -5.58 -21.95 30.12
N PRO I 64 -6.20 -20.90 30.69
CA PRO I 64 -5.79 -20.41 32.00
C PRO I 64 -6.65 -20.95 33.16
N ARG I 65 -6.02 -21.61 34.11
CA ARG I 65 -6.77 -22.02 35.30
C ARG I 65 -6.60 -20.87 36.28
N ALA I 66 -7.70 -20.40 36.86
CA ALA I 66 -7.62 -19.23 37.77
C ALA I 66 -6.77 -18.15 37.09
N LYS I 67 -5.75 -17.61 37.75
CA LYS I 67 -4.95 -16.55 37.11
C LYS I 67 -4.20 -17.12 35.91
N ALA I 68 -3.99 -16.32 34.86
CA ALA I 68 -3.29 -16.83 33.65
C ALA I 68 -2.04 -15.99 33.35
N GLN I 69 -0.97 -16.70 33.00
CA GLN I 69 0.38 -16.25 32.71
C GLN I 69 0.94 -17.08 31.56
N MET I 70 1.88 -16.49 30.82
CA MET I 70 2.52 -17.15 29.69
C MET I 70 4.03 -16.97 29.76
N PRO I 71 4.79 -18.01 30.10
CA PRO I 71 6.25 -17.91 30.04
C PRO I 71 6.73 -17.76 28.59
N THR I 72 7.71 -16.89 28.40
CA THR I 72 8.23 -16.57 27.08
C THR I 72 9.73 -16.83 27.00
N ILE I 73 10.18 -17.15 25.79
CA ILE I 73 11.60 -17.35 25.49
C ILE I 73 12.14 -16.08 24.87
N GLU I 74 13.36 -15.71 25.23
CA GLU I 74 13.93 -14.46 24.75
C GLU I 74 15.44 -14.60 24.53
N ARG I 75 15.96 -13.75 23.63
CA ARG I 75 17.37 -13.72 23.25
C ARG I 75 17.90 -15.12 22.97
N LEU I 76 17.20 -15.82 22.08
CA LEU I 76 17.55 -17.19 21.70
C LEU I 76 18.67 -17.15 20.68
N SER I 77 19.88 -17.50 21.12
CA SER I 77 21.05 -17.50 20.25
C SER I 77 21.54 -18.89 19.91
N MET I 78 20.86 -19.95 20.38
CA MET I 78 21.32 -21.31 20.14
C MET I 78 21.27 -21.63 18.65
N THR I 79 22.36 -22.19 18.14
CA THR I 79 22.45 -22.65 16.76
C THR I 79 22.29 -24.15 16.63
N ARG I 80 22.12 -24.87 17.74
CA ARG I 80 21.93 -26.31 17.73
C ARG I 80 20.87 -26.65 18.77
N TYR I 81 20.40 -27.89 18.71
CA TYR I 81 19.44 -28.38 19.70
C TYR I 81 20.17 -28.99 20.88
N PHE I 82 19.70 -28.67 22.09
CA PHE I 82 20.37 -29.05 23.32
C PHE I 82 19.58 -30.18 23.98
N TYR I 83 19.98 -31.42 23.69
CA TYR I 83 19.46 -32.58 24.40
C TYR I 83 20.27 -32.78 25.66
N LEU I 84 19.58 -32.94 26.79
CA LEU I 84 20.27 -33.10 28.07
C LEU I 84 20.71 -34.54 28.31
N PHE I 85 20.00 -35.51 27.72
CA PHE I 85 20.26 -36.93 27.89
C PHE I 85 20.33 -37.28 29.37
N PRO I 86 19.21 -37.30 30.09
CA PRO I 86 19.24 -37.66 31.51
C PRO I 86 19.71 -39.10 31.69
N GLY I 87 20.64 -39.29 32.62
CA GLY I 87 21.25 -40.59 32.84
C GLY I 87 22.50 -40.86 32.03
N ASN I 88 23.00 -39.87 31.30
CA ASN I 88 24.21 -40.03 30.51
C ASN I 88 25.12 -38.83 30.68
N ALA J 1 -21.30 -16.03 26.37
CA ALA J 1 -20.41 -16.22 27.51
C ALA J 1 -19.09 -15.48 27.31
N VAL J 2 -18.29 -15.42 28.37
CA VAL J 2 -16.98 -14.76 28.33
C VAL J 2 -15.99 -15.66 29.06
N TYR J 3 -14.78 -15.77 28.51
CA TYR J 3 -13.73 -16.62 29.07
C TYR J 3 -12.42 -15.86 29.15
N LYS J 4 -11.47 -16.43 29.88
CA LYS J 4 -10.17 -15.82 30.11
C LYS J 4 -9.19 -16.20 29.01
N THR J 5 -8.39 -15.22 28.58
CA THR J 5 -7.28 -15.44 27.67
C THR J 5 -6.12 -14.55 28.08
N HIS J 6 -4.96 -14.80 27.49
CA HIS J 6 -3.78 -14.00 27.78
C HIS J 6 -3.80 -12.70 26.97
N VAL J 7 -3.04 -11.72 27.47
CA VAL J 7 -2.86 -10.47 26.71
C VAL J 7 -1.89 -10.68 25.57
N GLU J 8 -0.74 -11.31 25.85
CA GLU J 8 0.26 -11.64 24.84
C GLU J 8 0.33 -13.14 24.66
N LYS J 9 0.37 -13.57 23.41
CA LYS J 9 0.42 -14.99 23.08
C LYS J 9 0.76 -15.14 21.61
N ASP J 10 1.39 -16.27 21.28
CA ASP J 10 1.63 -16.68 19.89
C ASP J 10 2.46 -15.66 19.12
N PHE J 11 3.37 -14.98 19.81
CA PHE J 11 4.28 -14.04 19.18
C PHE J 11 5.64 -14.69 18.96
N ILE J 12 6.32 -14.26 17.89
CA ILE J 12 7.69 -14.68 17.64
C ILE J 12 8.38 -13.65 16.75
N ALA J 13 9.55 -13.18 17.18
CA ALA J 13 10.32 -12.18 16.45
C ALA J 13 11.68 -12.76 16.06
N PHE J 14 12.04 -12.61 14.80
CA PHE J 14 13.32 -13.07 14.27
C PHE J 14 14.10 -11.85 13.82
N CYS J 15 15.10 -11.47 14.60
CA CYS J 15 15.91 -10.28 14.34
C CYS J 15 17.23 -10.68 13.68
N SER J 16 17.74 -9.79 12.84
CA SER J 16 18.92 -10.11 12.04
C SER J 16 20.21 -10.18 12.86
N SER J 17 20.26 -9.53 14.01
CA SER J 17 21.49 -9.45 14.77
C SER J 17 21.21 -9.48 16.26
N THR J 18 22.23 -9.92 17.02
CA THR J 18 22.18 -9.88 18.46
C THR J 18 22.13 -8.42 18.93
N PRO J 19 21.69 -8.19 20.17
CA PRO J 19 21.64 -6.81 20.69
C PRO J 19 23.01 -6.14 20.63
N HIS J 20 22.98 -4.82 20.44
CA HIS J 20 24.18 -3.97 20.38
C HIS J 20 25.10 -4.33 19.22
N ASN J 21 24.60 -5.05 18.21
CA ASN J 21 25.45 -5.55 17.14
C ASN J 21 24.88 -5.15 15.79
N VAL J 22 25.73 -5.26 14.77
CA VAL J 22 25.46 -4.77 13.43
C VAL J 22 24.88 -5.89 12.57
N SER J 23 23.90 -5.53 11.75
CA SER J 23 23.43 -6.40 10.67
C SER J 23 23.97 -5.87 9.35
N TRP J 24 24.40 -6.80 8.52
CA TRP J 24 25.03 -6.38 7.25
C TRP J 24 24.10 -6.60 6.08
N ARG J 25 24.45 -6.00 4.95
CA ARG J 25 23.65 -6.07 3.74
C ARG J 25 24.52 -5.68 2.54
N ASP J 26 24.47 -6.49 1.48
CA ASP J 26 25.28 -6.28 0.29
C ASP J 26 24.45 -5.63 -0.81
N SER J 27 25.05 -4.64 -1.48
CA SER J 27 24.34 -3.91 -2.53
C SER J 27 23.87 -4.85 -3.63
N THR J 28 24.74 -5.77 -4.07
CA THR J 28 24.42 -6.64 -5.19
C THR J 28 23.58 -7.85 -4.78
N MET J 29 23.65 -8.26 -3.52
CA MET J 29 23.01 -9.49 -3.07
C MET J 29 21.86 -9.23 -2.10
N GLY J 30 21.51 -7.97 -1.86
CA GLY J 30 20.56 -7.71 -0.80
C GLY J 30 21.21 -7.92 0.55
N SER J 31 20.42 -8.40 1.50
CA SER J 31 20.90 -8.61 2.85
C SER J 31 21.13 -10.10 3.11
N ILE J 32 22.18 -10.40 3.87
CA ILE J 32 22.54 -11.79 4.14
C ILE J 32 21.45 -12.48 4.95
N PHE J 33 20.85 -11.76 5.90
CA PHE J 33 19.82 -12.36 6.75
C PHE J 33 18.62 -12.79 5.92
N ILE J 34 18.11 -11.91 5.07
CA ILE J 34 16.95 -12.24 4.26
C ILE J 34 17.29 -13.31 3.23
N THR J 35 18.49 -13.25 2.65
CA THR J 35 18.90 -14.24 1.67
C THR J 35 18.94 -15.64 2.28
N GLN J 36 19.53 -15.77 3.47
CA GLN J 36 19.58 -17.06 4.14
C GLN J 36 18.20 -17.51 4.58
N LEU J 37 17.38 -16.58 5.08
CA LEU J 37 16.03 -16.94 5.51
C LEU J 37 15.21 -17.47 4.34
N ILE J 38 15.30 -16.82 3.18
CA ILE J 38 14.58 -17.28 2.01
C ILE J 38 15.11 -18.64 1.56
N THR J 39 16.44 -18.81 1.59
CA THR J 39 17.03 -20.08 1.19
C THR J 39 16.59 -21.21 2.10
N CYS J 40 16.61 -20.97 3.41
CA CYS J 40 16.19 -21.99 4.36
C CYS J 40 14.71 -22.31 4.23
N PHE J 41 13.89 -21.31 3.91
CA PHE J 41 12.47 -21.57 3.69
C PHE J 41 12.25 -22.41 2.43
N GLN J 42 12.97 -22.11 1.35
CA GLN J 42 12.80 -22.89 0.13
C GLN J 42 13.23 -24.34 0.33
N LYS J 43 14.15 -24.59 1.25
CA LYS J 43 14.74 -25.91 1.42
C LYS J 43 14.11 -26.74 2.54
N TYR J 44 13.47 -26.09 3.53
CA TYR J 44 13.00 -26.81 4.71
C TYR J 44 11.56 -26.49 5.10
N SER J 45 10.83 -25.70 4.31
CA SER J 45 9.46 -25.34 4.71
C SER J 45 8.52 -26.53 4.61
N TRP J 46 8.75 -27.44 3.67
CA TRP J 46 7.82 -28.56 3.46
C TRP J 46 7.93 -29.60 4.55
N CYS J 47 8.93 -29.51 5.43
CA CYS J 47 9.16 -30.53 6.44
C CYS J 47 9.55 -29.98 7.81
N CYS J 48 9.81 -28.70 7.94
CA CYS J 48 10.19 -28.11 9.22
C CYS J 48 9.27 -26.94 9.53
N HIS J 49 8.82 -26.87 10.78
CA HIS J 49 7.96 -25.77 11.19
C HIS J 49 8.77 -24.47 11.24
N LEU J 50 8.06 -23.37 11.46
CA LEU J 50 8.68 -22.04 11.41
C LEU J 50 9.87 -21.96 12.34
N GLU J 51 9.71 -22.44 13.57
CA GLU J 51 10.80 -22.38 14.54
C GLU J 51 11.97 -23.25 14.12
N GLU J 52 11.68 -24.44 13.57
CA GLU J 52 12.74 -25.31 13.07
C GLU J 52 13.48 -24.69 11.89
N VAL J 53 12.77 -23.94 11.05
CA VAL J 53 13.43 -23.24 9.95
C VAL J 53 14.38 -22.17 10.48
N PHE J 54 13.96 -21.47 11.55
CA PHE J 54 14.84 -20.48 12.16
C PHE J 54 16.12 -21.08 12.68
N ARG J 55 16.06 -22.34 13.14
CA ARG J 55 17.27 -23.02 13.57
C ARG J 55 18.20 -23.30 12.39
N LYS J 56 17.64 -23.80 11.29
CA LYS J 56 18.45 -24.02 10.08
C LYS J 56 19.14 -22.73 9.65
N VAL J 57 18.47 -21.59 9.82
CA VAL J 57 19.12 -20.30 9.55
C VAL J 57 20.30 -20.10 10.47
N GLN J 58 20.08 -20.26 11.78
CA GLN J 58 21.16 -20.07 12.75
C GLN J 58 22.28 -21.09 12.56
N GLN J 59 21.92 -22.33 12.19
CA GLN J 59 22.94 -23.31 11.86
C GLN J 59 23.85 -22.82 10.74
N SER J 60 23.26 -22.20 9.72
CA SER J 60 24.05 -21.63 8.64
C SER J 60 24.91 -20.46 9.10
N PHE J 61 24.66 -20.00 10.33
CA PHE J 61 25.48 -18.89 10.87
C PHE J 61 26.40 -19.39 11.99
N GLU J 62 26.56 -20.69 12.16
CA GLU J 62 27.42 -21.13 13.29
C GLU J 62 28.83 -20.60 13.04
N THR J 63 29.33 -20.79 11.83
CA THR J 63 30.68 -20.30 11.55
C THR J 63 30.48 -19.13 10.61
N PRO J 64 31.02 -17.93 10.89
CA PRO J 64 30.74 -16.80 10.05
C PRO J 64 31.79 -16.55 8.97
N ARG J 65 31.32 -16.48 7.73
CA ARG J 65 32.18 -16.07 6.58
C ARG J 65 32.21 -14.55 6.61
N ALA J 66 33.39 -13.93 6.53
CA ALA J 66 33.49 -12.46 6.52
C ALA J 66 32.49 -11.95 7.56
N LYS J 67 31.36 -11.39 7.14
CA LYS J 67 30.37 -10.90 8.15
C LYS J 67 30.04 -11.87 9.28
N ALA J 68 30.26 -11.46 10.53
CA ALA J 68 29.93 -12.30 11.68
C ALA J 68 28.68 -11.70 12.36
N GLN J 69 27.55 -12.37 12.17
CA GLN J 69 26.29 -11.93 12.77
C GLN J 69 25.51 -13.18 13.15
N MET J 70 24.65 -13.04 14.16
CA MET J 70 23.83 -14.14 14.64
C MET J 70 22.39 -13.69 14.80
N PRO J 71 21.48 -14.12 13.93
CA PRO J 71 20.07 -13.80 14.13
C PRO J 71 19.52 -14.50 15.37
N THR J 72 18.74 -13.76 16.15
CA THR J 72 18.21 -14.25 17.41
C THR J 72 16.69 -14.19 17.42
N ILE J 73 16.09 -15.09 18.18
CA ILE J 73 14.64 -15.13 18.40
C ILE J 73 14.36 -14.46 19.73
N GLU J 74 13.27 -13.69 19.79
CA GLU J 74 12.95 -12.95 21.00
C GLU J 74 11.44 -12.86 21.18
N ARG J 75 11.04 -12.70 22.43
CA ARG J 75 9.63 -12.62 22.84
C ARG J 75 8.82 -13.74 22.20
N LEU J 76 9.30 -14.97 22.37
CA LEU J 76 8.66 -16.16 21.83
C LEU J 76 7.49 -16.55 22.72
N SER J 77 6.27 -16.30 22.25
CA SER J 77 5.06 -16.60 23.02
C SER J 77 4.28 -17.78 22.45
N MET J 78 4.76 -18.40 21.38
CA MET J 78 4.02 -19.48 20.73
C MET J 78 3.88 -20.67 21.66
N THR J 79 2.66 -21.20 21.77
CA THR J 79 2.39 -22.40 22.54
C THR J 79 2.24 -23.63 21.66
N ARG J 80 2.37 -23.48 20.34
CA ARG J 80 2.27 -24.59 19.40
C ARG J 80 3.32 -24.40 18.32
N TYR J 81 3.54 -25.47 17.54
CA TYR J 81 4.45 -25.41 16.40
C TYR J 81 3.69 -24.96 15.16
N PHE J 82 4.30 -24.08 14.38
CA PHE J 82 3.64 -23.48 13.23
C PHE J 82 4.24 -24.08 11.96
N TYR J 83 3.60 -25.13 11.45
CA TYR J 83 3.94 -25.68 10.15
C TYR J 83 3.22 -24.89 9.08
N LEU J 84 3.96 -24.46 8.05
CA LEU J 84 3.37 -23.63 7.01
C LEU J 84 2.67 -24.47 5.94
N PHE J 85 3.11 -25.70 5.73
CA PHE J 85 2.57 -26.60 4.70
C PHE J 85 2.53 -25.88 3.35
N PRO J 86 3.67 -25.66 2.71
CA PRO J 86 3.65 -24.99 1.40
C PRO J 86 2.86 -25.80 0.39
N GLY J 87 1.96 -25.12 -0.32
CA GLY J 87 1.06 -25.77 -1.25
C GLY J 87 -0.23 -26.27 -0.65
N ASN J 88 -0.49 -25.97 0.62
CA ASN J 88 -1.72 -26.42 1.27
C ASN J 88 -2.33 -25.29 2.10
#